data_4HRS
# 
_entry.id   4HRS 
# 
_audit_conform.dict_name       mmcif_pdbx.dic 
_audit_conform.dict_version    5.389 
_audit_conform.dict_location   http://mmcif.pdb.org/dictionaries/ascii/mmcif_pdbx.dic 
# 
loop_
_database_2.database_id 
_database_2.database_code 
_database_2.pdbx_database_accession 
_database_2.pdbx_DOI 
PDB   4HRS         pdb_00004hrs 10.2210/pdb4hrs/pdb 
RCSB  RCSB075839   ?            ?                   
WWPDB D_1000075839 ?            ?                   
# 
loop_
_pdbx_audit_revision_history.ordinal 
_pdbx_audit_revision_history.data_content_type 
_pdbx_audit_revision_history.major_revision 
_pdbx_audit_revision_history.minor_revision 
_pdbx_audit_revision_history.revision_date 
1 'Structure model' 1 0 2013-08-07 
2 'Structure model' 1 1 2013-08-21 
3 'Structure model' 1 2 2013-10-02 
4 'Structure model' 1 3 2024-02-28 
5 'Structure model' 1 4 2024-04-03 
# 
_pdbx_audit_revision_details.ordinal             1 
_pdbx_audit_revision_details.revision_ordinal    1 
_pdbx_audit_revision_details.data_content_type   'Structure model' 
_pdbx_audit_revision_details.provider            repository 
_pdbx_audit_revision_details.type                'Initial release' 
_pdbx_audit_revision_details.description         ? 
_pdbx_audit_revision_details.details             ? 
# 
loop_
_pdbx_audit_revision_group.ordinal 
_pdbx_audit_revision_group.revision_ordinal 
_pdbx_audit_revision_group.data_content_type 
_pdbx_audit_revision_group.group 
1 2 'Structure model' 'Database references'    
2 3 'Structure model' 'Database references'    
3 4 'Structure model' 'Data collection'        
4 4 'Structure model' 'Database references'    
5 5 'Structure model' 'Refinement description' 
# 
loop_
_pdbx_audit_revision_category.ordinal 
_pdbx_audit_revision_category.revision_ordinal 
_pdbx_audit_revision_category.data_content_type 
_pdbx_audit_revision_category.category 
1 4 'Structure model' chem_comp_atom                
2 4 'Structure model' chem_comp_bond                
3 4 'Structure model' database_2                    
4 4 'Structure model' struct_ref_seq_dif            
5 5 'Structure model' pdbx_initial_refinement_model 
# 
loop_
_pdbx_audit_revision_item.ordinal 
_pdbx_audit_revision_item.revision_ordinal 
_pdbx_audit_revision_item.data_content_type 
_pdbx_audit_revision_item.item 
1 4 'Structure model' '_database_2.pdbx_DOI'                
2 4 'Structure model' '_database_2.pdbx_database_accession' 
3 4 'Structure model' '_struct_ref_seq_dif.details'         
# 
_pdbx_database_status.status_code                     REL 
_pdbx_database_status.entry_id                        4HRS 
_pdbx_database_status.recvd_initial_deposition_date   2012-10-28 
_pdbx_database_status.deposit_site                    RCSB 
_pdbx_database_status.process_site                    RCSB 
_pdbx_database_status.status_code_sf                  REL 
_pdbx_database_status.status_code_mr                  ? 
_pdbx_database_status.SG_entry                        ? 
_pdbx_database_status.status_code_cs                  ? 
_pdbx_database_status.methods_development_category    ? 
_pdbx_database_status.pdb_format_compatible           Y 
_pdbx_database_status.status_code_nmr_data            ? 
# 
_pdbx_database_related.db_name        PDB 
_pdbx_database_related.db_id          4HRO 
_pdbx_database_related.details        'the protein from the same family' 
_pdbx_database_related.content_type   unspecified 
# 
_audit_author.name           'Hao, B.' 
_audit_author.pdbx_ordinal   1 
# 
_citation.id                        primary 
_citation.title                     
'Crystal structure of the ubiquitin-like small archaeal modifier protein 2 from Haloferax volcanii.' 
_citation.journal_abbrev            'Protein Sci.' 
_citation.journal_volume            22 
_citation.page_first                1206 
_citation.page_last                 1217 
_citation.year                      2013 
_citation.journal_id_ASTM           PRCIEI 
_citation.country                   US 
_citation.journal_id_ISSN           0961-8368 
_citation.journal_id_CSD            0795 
_citation.book_publisher            ? 
_citation.pdbx_database_id_PubMed   23821306 
_citation.pdbx_database_id_DOI      10.1002/pro.2305 
# 
loop_
_citation_author.citation_id 
_citation_author.name 
_citation_author.ordinal 
_citation_author.identifier_ORCID 
primary 'Li, Y.'              1 ? 
primary 'Maciejewski, M.W.'   2 ? 
primary 'Martin, J.'          3 ? 
primary 'Jin, K.'             4 ? 
primary 'Zhang, Y.'           5 ? 
primary 'Maupin-Furlow, J.A.' 6 ? 
primary 'Hao, B.'             7 ? 
# 
loop_
_entity.id 
_entity.type 
_entity.src_method 
_entity.pdbx_description 
_entity.formula_weight 
_entity.pdbx_number_of_molecules 
_entity.pdbx_ec 
_entity.pdbx_mutation 
_entity.pdbx_fragment 
_entity.details 
1 polymer man 'Small archaeal modifier protein 2' 7207.971 1  ? ? ? ? 
2 water   nat water                               18.015   34 ? ? ? ? 
# 
_entity_name_com.entity_id   1 
_entity_name_com.name        'SAMP 2, Ubiquitin-like small archaeal modifier protein 2' 
# 
_entity_poly.entity_id                      1 
_entity_poly.type                           'polypeptide(L)' 
_entity_poly.nstd_linkage                   no 
_entity_poly.nstd_monomer                   no 
_entity_poly.pdbx_seq_one_letter_code       GRNVTVEVVGEETSEVAVDDDGTYADLVRAVDLSPHEVTVLVDGRPVPEDQSVEVDRVKVLRLIKGG 
_entity_poly.pdbx_seq_one_letter_code_can   GRNVTVEVVGEETSEVAVDDDGTYADLVRAVDLSPHEVTVLVDGRPVPEDQSVEVDRVKVLRLIKGG 
_entity_poly.pdbx_strand_id                 A 
_entity_poly.pdbx_target_identifier         ? 
# 
_pdbx_entity_nonpoly.entity_id   2 
_pdbx_entity_nonpoly.name        water 
_pdbx_entity_nonpoly.comp_id     HOH 
# 
loop_
_entity_poly_seq.entity_id 
_entity_poly_seq.num 
_entity_poly_seq.mon_id 
_entity_poly_seq.hetero 
1 1  GLY n 
1 2  ARG n 
1 3  ASN n 
1 4  VAL n 
1 5  THR n 
1 6  VAL n 
1 7  GLU n 
1 8  VAL n 
1 9  VAL n 
1 10 GLY n 
1 11 GLU n 
1 12 GLU n 
1 13 THR n 
1 14 SER n 
1 15 GLU n 
1 16 VAL n 
1 17 ALA n 
1 18 VAL n 
1 19 ASP n 
1 20 ASP n 
1 21 ASP n 
1 22 GLY n 
1 23 THR n 
1 24 TYR n 
1 25 ALA n 
1 26 ASP n 
1 27 LEU n 
1 28 VAL n 
1 29 ARG n 
1 30 ALA n 
1 31 VAL n 
1 32 ASP n 
1 33 LEU n 
1 34 SER n 
1 35 PRO n 
1 36 HIS n 
1 37 GLU n 
1 38 VAL n 
1 39 THR n 
1 40 VAL n 
1 41 LEU n 
1 42 VAL n 
1 43 ASP n 
1 44 GLY n 
1 45 ARG n 
1 46 PRO n 
1 47 VAL n 
1 48 PRO n 
1 49 GLU n 
1 50 ASP n 
1 51 GLN n 
1 52 SER n 
1 53 VAL n 
1 54 GLU n 
1 55 VAL n 
1 56 ASP n 
1 57 ARG n 
1 58 VAL n 
1 59 LYS n 
1 60 VAL n 
1 61 LEU n 
1 62 ARG n 
1 63 LEU n 
1 64 ILE n 
1 65 LYS n 
1 66 GLY n 
1 67 GLY n 
# 
_entity_src_gen.entity_id                          1 
_entity_src_gen.pdbx_src_id                        1 
_entity_src_gen.pdbx_alt_source_flag               sample 
_entity_src_gen.pdbx_seq_type                      ? 
_entity_src_gen.pdbx_beg_seq_num                   ? 
_entity_src_gen.pdbx_end_seq_num                   ? 
_entity_src_gen.gene_src_common_name               ? 
_entity_src_gen.gene_src_genus                     ? 
_entity_src_gen.pdbx_gene_src_gene                 HVO_0202 
_entity_src_gen.gene_src_species                   ? 
_entity_src_gen.gene_src_strain                    DS70 
_entity_src_gen.gene_src_tissue                    ? 
_entity_src_gen.gene_src_tissue_fraction           ? 
_entity_src_gen.gene_src_details                   ? 
_entity_src_gen.pdbx_gene_src_fragment             ? 
_entity_src_gen.pdbx_gene_src_scientific_name      'Haloferax volcanii DS2' 
_entity_src_gen.pdbx_gene_src_ncbi_taxonomy_id     309800 
_entity_src_gen.pdbx_gene_src_variant              ? 
_entity_src_gen.pdbx_gene_src_cell_line            ? 
_entity_src_gen.pdbx_gene_src_atcc                 ? 
_entity_src_gen.pdbx_gene_src_organ                ? 
_entity_src_gen.pdbx_gene_src_organelle            ? 
_entity_src_gen.pdbx_gene_src_cell                 ? 
_entity_src_gen.pdbx_gene_src_cellular_location    ? 
_entity_src_gen.host_org_common_name               ? 
_entity_src_gen.pdbx_host_org_scientific_name      'Escherichia coli' 
_entity_src_gen.pdbx_host_org_ncbi_taxonomy_id     562 
_entity_src_gen.host_org_genus                     ? 
_entity_src_gen.pdbx_host_org_gene                 ? 
_entity_src_gen.pdbx_host_org_organ                ? 
_entity_src_gen.host_org_species                   ? 
_entity_src_gen.pdbx_host_org_tissue               ? 
_entity_src_gen.pdbx_host_org_tissue_fraction      ? 
_entity_src_gen.pdbx_host_org_strain               BL21 
_entity_src_gen.pdbx_host_org_variant              ? 
_entity_src_gen.pdbx_host_org_cell_line            ? 
_entity_src_gen.pdbx_host_org_atcc                 ? 
_entity_src_gen.pdbx_host_org_culture_collection   ? 
_entity_src_gen.pdbx_host_org_cell                 ? 
_entity_src_gen.pdbx_host_org_organelle            ? 
_entity_src_gen.pdbx_host_org_cellular_location    ? 
_entity_src_gen.pdbx_host_org_vector_type          Plasmid 
_entity_src_gen.pdbx_host_org_vector               ? 
_entity_src_gen.host_org_details                   ? 
_entity_src_gen.expression_system_id               ? 
_entity_src_gen.plasmid_name                       pET15 
_entity_src_gen.plasmid_details                    ? 
_entity_src_gen.pdbx_description                   ? 
# 
loop_
_chem_comp.id 
_chem_comp.type 
_chem_comp.mon_nstd_flag 
_chem_comp.name 
_chem_comp.pdbx_synonyms 
_chem_comp.formula 
_chem_comp.formula_weight 
ALA 'L-peptide linking' y ALANINE         ? 'C3 H7 N O2'     89.093  
ARG 'L-peptide linking' y ARGININE        ? 'C6 H15 N4 O2 1' 175.209 
ASN 'L-peptide linking' y ASPARAGINE      ? 'C4 H8 N2 O3'    132.118 
ASP 'L-peptide linking' y 'ASPARTIC ACID' ? 'C4 H7 N O4'     133.103 
GLN 'L-peptide linking' y GLUTAMINE       ? 'C5 H10 N2 O3'   146.144 
GLU 'L-peptide linking' y 'GLUTAMIC ACID' ? 'C5 H9 N O4'     147.129 
GLY 'peptide linking'   y GLYCINE         ? 'C2 H5 N O2'     75.067  
HIS 'L-peptide linking' y HISTIDINE       ? 'C6 H10 N3 O2 1' 156.162 
HOH non-polymer         . WATER           ? 'H2 O'           18.015  
ILE 'L-peptide linking' y ISOLEUCINE      ? 'C6 H13 N O2'    131.173 
LEU 'L-peptide linking' y LEUCINE         ? 'C6 H13 N O2'    131.173 
LYS 'L-peptide linking' y LYSINE          ? 'C6 H15 N2 O2 1' 147.195 
PRO 'L-peptide linking' y PROLINE         ? 'C5 H9 N O2'     115.130 
SER 'L-peptide linking' y SERINE          ? 'C3 H7 N O3'     105.093 
THR 'L-peptide linking' y THREONINE       ? 'C4 H9 N O3'     119.119 
TYR 'L-peptide linking' y TYROSINE        ? 'C9 H11 N O3'    181.189 
VAL 'L-peptide linking' y VALINE          ? 'C5 H11 N O2'    117.146 
# 
loop_
_pdbx_poly_seq_scheme.asym_id 
_pdbx_poly_seq_scheme.entity_id 
_pdbx_poly_seq_scheme.seq_id 
_pdbx_poly_seq_scheme.mon_id 
_pdbx_poly_seq_scheme.ndb_seq_num 
_pdbx_poly_seq_scheme.pdb_seq_num 
_pdbx_poly_seq_scheme.auth_seq_num 
_pdbx_poly_seq_scheme.pdb_mon_id 
_pdbx_poly_seq_scheme.auth_mon_id 
_pdbx_poly_seq_scheme.pdb_strand_id 
_pdbx_poly_seq_scheme.pdb_ins_code 
_pdbx_poly_seq_scheme.hetero 
A 1 1  GLY 1  0  0  GLY GLY A . n 
A 1 2  ARG 2  1  1  ARG ARG A . n 
A 1 3  ASN 3  2  2  ASN ASN A . n 
A 1 4  VAL 4  3  3  VAL VAL A . n 
A 1 5  THR 5  4  4  THR THR A . n 
A 1 6  VAL 6  5  5  VAL VAL A . n 
A 1 7  GLU 7  6  6  GLU GLU A . n 
A 1 8  VAL 8  7  7  VAL VAL A . n 
A 1 9  VAL 9  8  8  VAL VAL A . n 
A 1 10 GLY 10 9  9  GLY GLY A . n 
A 1 11 GLU 11 10 10 GLU GLU A . n 
A 1 12 GLU 12 11 11 GLU GLU A . n 
A 1 13 THR 13 12 12 THR THR A . n 
A 1 14 SER 14 13 13 SER SER A . n 
A 1 15 GLU 15 14 14 GLU GLU A . n 
A 1 16 VAL 16 15 15 VAL VAL A . n 
A 1 17 ALA 17 16 16 ALA ALA A . n 
A 1 18 VAL 18 17 17 VAL VAL A . n 
A 1 19 ASP 19 18 18 ASP ASP A . n 
A 1 20 ASP 20 19 19 ASP ASP A . n 
A 1 21 ASP 21 20 20 ASP ASP A . n 
A 1 22 GLY 22 21 21 GLY GLY A . n 
A 1 23 THR 23 22 22 THR THR A . n 
A 1 24 TYR 24 23 23 TYR TYR A . n 
A 1 25 ALA 25 24 24 ALA ALA A . n 
A 1 26 ASP 26 25 25 ASP ASP A . n 
A 1 27 LEU 27 26 26 LEU LEU A . n 
A 1 28 VAL 28 27 27 VAL VAL A . n 
A 1 29 ARG 29 28 28 ARG ARG A . n 
A 1 30 ALA 30 29 29 ALA ALA A . n 
A 1 31 VAL 31 30 30 VAL VAL A . n 
A 1 32 ASP 32 31 31 ASP ASP A . n 
A 1 33 LEU 33 32 32 LEU LEU A . n 
A 1 34 SER 34 33 33 SER SER A . n 
A 1 35 PRO 35 34 34 PRO PRO A . n 
A 1 36 HIS 36 35 35 HIS HIS A . n 
A 1 37 GLU 37 36 36 GLU GLU A . n 
A 1 38 VAL 38 37 37 VAL VAL A . n 
A 1 39 THR 39 38 38 THR THR A . n 
A 1 40 VAL 40 39 39 VAL VAL A . n 
A 1 41 LEU 41 40 40 LEU LEU A . n 
A 1 42 VAL 42 41 41 VAL VAL A . n 
A 1 43 ASP 43 42 42 ASP ASP A . n 
A 1 44 GLY 44 43 43 GLY GLY A . n 
A 1 45 ARG 45 44 44 ARG ARG A . n 
A 1 46 PRO 46 45 45 PRO PRO A . n 
A 1 47 VAL 47 46 46 VAL VAL A . n 
A 1 48 PRO 48 47 47 PRO PRO A . n 
A 1 49 GLU 49 48 48 GLU GLU A . n 
A 1 50 ASP 50 49 49 ASP ASP A . n 
A 1 51 GLN 51 50 50 GLN GLN A . n 
A 1 52 SER 52 51 51 SER SER A . n 
A 1 53 VAL 53 52 52 VAL VAL A . n 
A 1 54 GLU 54 53 53 GLU GLU A . n 
A 1 55 VAL 55 54 54 VAL VAL A . n 
A 1 56 ASP 56 55 55 ASP ASP A . n 
A 1 57 ARG 57 56 56 ARG ARG A . n 
A 1 58 VAL 58 57 57 VAL VAL A . n 
A 1 59 LYS 59 58 58 LYS LYS A . n 
A 1 60 VAL 60 59 59 VAL VAL A . n 
A 1 61 LEU 61 60 60 LEU LEU A . n 
A 1 62 ARG 62 61 61 ARG ARG A . n 
A 1 63 LEU 63 62 62 LEU LEU A . n 
A 1 64 ILE 64 63 63 ILE ILE A . n 
A 1 65 LYS 65 64 64 LYS LYS A . n 
A 1 66 GLY 66 65 65 GLY GLY A . n 
A 1 67 GLY 67 66 ?  ?   ?   A . n 
# 
loop_
_pdbx_nonpoly_scheme.asym_id 
_pdbx_nonpoly_scheme.entity_id 
_pdbx_nonpoly_scheme.mon_id 
_pdbx_nonpoly_scheme.ndb_seq_num 
_pdbx_nonpoly_scheme.pdb_seq_num 
_pdbx_nonpoly_scheme.auth_seq_num 
_pdbx_nonpoly_scheme.pdb_mon_id 
_pdbx_nonpoly_scheme.auth_mon_id 
_pdbx_nonpoly_scheme.pdb_strand_id 
_pdbx_nonpoly_scheme.pdb_ins_code 
B 2 HOH 1  101 1  HOH HOH A . 
B 2 HOH 2  102 2  HOH HOH A . 
B 2 HOH 3  103 3  HOH HOH A . 
B 2 HOH 4  104 4  HOH HOH A . 
B 2 HOH 5  105 5  HOH HOH A . 
B 2 HOH 6  106 6  HOH HOH A . 
B 2 HOH 7  107 7  HOH HOH A . 
B 2 HOH 8  108 8  HOH HOH A . 
B 2 HOH 9  109 9  HOH HOH A . 
B 2 HOH 10 110 10 HOH HOH A . 
B 2 HOH 11 111 11 HOH HOH A . 
B 2 HOH 12 112 12 HOH HOH A . 
B 2 HOH 13 113 13 HOH HOH A . 
B 2 HOH 14 114 14 HOH HOH A . 
B 2 HOH 15 115 15 HOH HOH A . 
B 2 HOH 16 116 16 HOH HOH A . 
B 2 HOH 17 117 17 HOH HOH A . 
B 2 HOH 18 118 18 HOH HOH A . 
B 2 HOH 19 119 19 HOH HOH A . 
B 2 HOH 20 120 20 HOH HOH A . 
B 2 HOH 21 121 21 HOH HOH A . 
B 2 HOH 22 122 22 HOH HOH A . 
B 2 HOH 23 123 23 HOH HOH A . 
B 2 HOH 24 124 24 HOH HOH A . 
B 2 HOH 25 125 25 HOH HOH A . 
B 2 HOH 26 126 26 HOH HOH A . 
B 2 HOH 27 127 27 HOH HOH A . 
B 2 HOH 28 128 28 HOH HOH A . 
B 2 HOH 29 129 29 HOH HOH A . 
B 2 HOH 30 130 30 HOH HOH A . 
B 2 HOH 31 131 31 HOH HOH A . 
B 2 HOH 32 132 32 HOH HOH A . 
B 2 HOH 33 133 33 HOH HOH A . 
B 2 HOH 34 134 34 HOH HOH A . 
# 
loop_
_pdbx_unobs_or_zero_occ_atoms.id 
_pdbx_unobs_or_zero_occ_atoms.PDB_model_num 
_pdbx_unobs_or_zero_occ_atoms.polymer_flag 
_pdbx_unobs_or_zero_occ_atoms.occupancy_flag 
_pdbx_unobs_or_zero_occ_atoms.auth_asym_id 
_pdbx_unobs_or_zero_occ_atoms.auth_comp_id 
_pdbx_unobs_or_zero_occ_atoms.auth_seq_id 
_pdbx_unobs_or_zero_occ_atoms.PDB_ins_code 
_pdbx_unobs_or_zero_occ_atoms.auth_atom_id 
_pdbx_unobs_or_zero_occ_atoms.label_alt_id 
_pdbx_unobs_or_zero_occ_atoms.label_asym_id 
_pdbx_unobs_or_zero_occ_atoms.label_comp_id 
_pdbx_unobs_or_zero_occ_atoms.label_seq_id 
_pdbx_unobs_or_zero_occ_atoms.label_atom_id 
1  1 Y 1 A GLU 11 ? CG  ? A GLU 12 CG  
2  1 Y 1 A GLU 11 ? CD  ? A GLU 12 CD  
3  1 Y 1 A GLU 11 ? OE1 ? A GLU 12 OE1 
4  1 Y 1 A GLU 11 ? OE2 ? A GLU 12 OE2 
5  1 Y 1 A ASP 19 ? CG  ? A ASP 20 CG  
6  1 Y 1 A ASP 19 ? OD1 ? A ASP 20 OD1 
7  1 Y 1 A ASP 19 ? OD2 ? A ASP 20 OD2 
8  1 Y 1 A ARG 44 ? CG  ? A ARG 45 CG  
9  1 Y 1 A ARG 44 ? CD  ? A ARG 45 CD  
10 1 Y 1 A ARG 44 ? NE  ? A ARG 45 NE  
11 1 Y 1 A ARG 44 ? CZ  ? A ARG 45 CZ  
12 1 Y 1 A ARG 44 ? NH1 ? A ARG 45 NH1 
13 1 Y 1 A ARG 44 ? NH2 ? A ARG 45 NH2 
14 1 Y 1 A ASP 49 ? CG  ? A ASP 50 CG  
15 1 Y 1 A ASP 49 ? OD1 ? A ASP 50 OD1 
16 1 Y 1 A ASP 49 ? OD2 ? A ASP 50 OD2 
17 1 Y 1 A GLU 53 ? CD  ? A GLU 54 CD  
18 1 Y 1 A GLU 53 ? OE1 ? A GLU 54 OE1 
19 1 Y 1 A GLU 53 ? OE2 ? A GLU 54 OE2 
# 
loop_
_software.name 
_software.classification 
_software.version 
_software.citation_id 
_software.pdbx_ordinal 
ADSC     'data collection' Quantum  ? 1 
PHASER   phasing           .        ? 2 
REFMAC   refinement        5.5.0102 ? 3 
HKL-2000 'data reduction'  .        ? 4 
HKL-2000 'data scaling'    .        ? 5 
# 
_cell.entry_id           4HRS 
_cell.length_a           24.605 
_cell.length_b           64.603 
_cell.length_c           104.555 
_cell.angle_alpha        90.00 
_cell.angle_beta         90.00 
_cell.angle_gamma        90.00 
_cell.Z_PDB              8 
_cell.pdbx_unique_axis   ? 
_cell.length_a_esd       ? 
_cell.length_b_esd       ? 
_cell.length_c_esd       ? 
_cell.angle_alpha_esd    ? 
_cell.angle_beta_esd     ? 
_cell.angle_gamma_esd    ? 
# 
_symmetry.entry_id                         4HRS 
_symmetry.space_group_name_H-M             'I 2 2 2' 
_symmetry.pdbx_full_space_group_name_H-M   ? 
_symmetry.cell_setting                     ? 
_symmetry.Int_Tables_number                23 
_symmetry.space_group_name_Hall            ? 
# 
_exptl.entry_id          4HRS 
_exptl.method            'X-RAY DIFFRACTION' 
_exptl.crystals_number   1 
# 
_exptl_crystal.id                    1 
_exptl_crystal.density_meas          ? 
_exptl_crystal.density_Matthews      2.88 
_exptl_crystal.density_percent_sol   57.32 
_exptl_crystal.description           ? 
_exptl_crystal.F_000                 ? 
_exptl_crystal.preparation           ? 
# 
_exptl_crystal_grow.crystal_id      1 
_exptl_crystal_grow.method          'VAPOR DIFFUSION, HANGING DROP' 
_exptl_crystal_grow.temp            277.15 
_exptl_crystal_grow.temp_details    ? 
_exptl_crystal_grow.pH              6.8 
_exptl_crystal_grow.pdbx_details    
;100 mM bis-tris-propane-HCl (pH 6.8), 25-30% (w/v) PEG 400, 0.2 M MgCl2, 0.1 M KCl, VAPOR DIFFUSION, HANGING DROP, temperature 277.15K
;
_exptl_crystal_grow.pdbx_pH_range   ? 
# 
_diffrn.id                     1 
_diffrn.ambient_temp           100 
_diffrn.ambient_temp_details   ? 
_diffrn.crystal_id             1 
# 
_diffrn_detector.diffrn_id              1 
_diffrn_detector.detector               CCD 
_diffrn_detector.type                   'ADSC QUANTUM 315' 
_diffrn_detector.pdbx_collection_date   2010-09-10 
_diffrn_detector.details                mirrors 
# 
_diffrn_radiation.diffrn_id                        1 
_diffrn_radiation.wavelength_id                    1 
_diffrn_radiation.pdbx_monochromatic_or_laue_m_l   M 
_diffrn_radiation.monochromator                    Graphite 
_diffrn_radiation.pdbx_diffrn_protocol             'SINGLE WAVELENGTH' 
_diffrn_radiation.pdbx_scattering_type             x-ray 
# 
_diffrn_radiation_wavelength.id           1 
_diffrn_radiation_wavelength.wavelength   1.075 
_diffrn_radiation_wavelength.wt           1.0 
# 
_diffrn_source.diffrn_id                   1 
_diffrn_source.source                      SYNCHROTRON 
_diffrn_source.type                        'NSLS BEAMLINE X29A' 
_diffrn_source.pdbx_synchrotron_site       NSLS 
_diffrn_source.pdbx_synchrotron_beamline   X29A 
_diffrn_source.pdbx_wavelength             ? 
_diffrn_source.pdbx_wavelength_list        1.075 
# 
_reflns.entry_id                     4HRS 
_reflns.observed_criterion_sigma_I   2.0 
_reflns.observed_criterion_sigma_F   2.0 
_reflns.d_resolution_low             54.96 
_reflns.d_resolution_high            2.01 
_reflns.number_obs                   5594 
_reflns.number_all                   5845 
_reflns.percent_possible_obs         95.7 
_reflns.pdbx_Rmerge_I_obs            0.062 
_reflns.pdbx_Rsym_value              0.062 
_reflns.pdbx_netI_over_sigmaI        43.4 
_reflns.B_iso_Wilson_estimate        40 
_reflns.pdbx_redundancy              12.6 
_reflns.R_free_details               ? 
_reflns.limit_h_max                  ? 
_reflns.limit_h_min                  ? 
_reflns.limit_k_max                  ? 
_reflns.limit_k_min                  ? 
_reflns.limit_l_max                  ? 
_reflns.limit_l_min                  ? 
_reflns.observed_criterion_F_max     ? 
_reflns.observed_criterion_F_min     ? 
_reflns.pdbx_chi_squared             ? 
_reflns.pdbx_scaling_rejects         ? 
_reflns.pdbx_ordinal                 1 
_reflns.pdbx_diffrn_id               1 
# 
_reflns_shell.d_res_high             2.01 
_reflns_shell.d_res_low              2.04 
_reflns_shell.percent_possible_all   97.2 
_reflns_shell.Rmerge_I_obs           0.293 
_reflns_shell.pdbx_Rsym_value        0.293 
_reflns_shell.meanI_over_sigI_obs    6.3 
_reflns_shell.pdbx_redundancy        12.4 
_reflns_shell.percent_possible_obs   ? 
_reflns_shell.number_unique_all      239 
_reflns_shell.number_measured_all    ? 
_reflns_shell.number_measured_obs    ? 
_reflns_shell.number_unique_obs      ? 
_reflns_shell.pdbx_chi_squared       ? 
_reflns_shell.pdbx_ordinal           1 
_reflns_shell.pdbx_diffrn_id         1 
# 
_refine.entry_id                                 4HRS 
_refine.ls_number_reflns_obs                     3771 
_refine.ls_number_reflns_all                     3825 
_refine.pdbx_ls_sigma_I                          ? 
_refine.pdbx_ls_sigma_F                          ? 
_refine.pdbx_data_cutoff_high_absF               ? 
_refine.pdbx_data_cutoff_low_absF                ? 
_refine.pdbx_data_cutoff_high_rms_absF           ? 
_refine.ls_d_res_low                             54.96 
_refine.ls_d_res_high                            2.30 
_refine.ls_percent_reflns_obs                    99.02 
_refine.ls_R_factor_obs                          0.21682 
_refine.ls_R_factor_all                          0.255 
_refine.ls_R_factor_R_work                       0.21488 
_refine.ls_R_factor_R_free                       0.25365 
_refine.ls_R_factor_R_free_error                 ? 
_refine.ls_R_factor_R_free_error_details         ? 
_refine.ls_percent_reflns_R_free                 4.7 
_refine.ls_number_reflns_R_free                  186 
_refine.ls_number_parameters                     ? 
_refine.ls_number_restraints                     ? 
_refine.occupancy_min                            ? 
_refine.occupancy_max                            ? 
_refine.correlation_coeff_Fo_to_Fc               0.940 
_refine.correlation_coeff_Fo_to_Fc_free          0.918 
_refine.B_iso_mean                               36.593 
_refine.aniso_B[1][1]                            -24.18 
_refine.aniso_B[2][2]                            41.49 
_refine.aniso_B[3][3]                            -17.31 
_refine.aniso_B[1][2]                            0.00 
_refine.aniso_B[1][3]                            0.00 
_refine.aniso_B[2][3]                            0.00 
_refine.solvent_model_details                    'BABINET MODEL WITH MASK' 
_refine.solvent_model_param_ksol                 ? 
_refine.solvent_model_param_bsol                 ? 
_refine.pdbx_solvent_vdw_probe_radii             1.40 
_refine.pdbx_solvent_ion_probe_radii             0.80 
_refine.pdbx_solvent_shrinkage_radii             0.80 
_refine.pdbx_ls_cross_valid_method               THROUGHOUT 
_refine.details                                  'HYDROGENS HAVE BEEN ADDED IN THE RIDING POSITIONS' 
_refine.pdbx_starting_model                      'CS-Rosetta model' 
_refine.pdbx_method_to_determine_struct          'MOLECULAR REPLACEMENT' 
_refine.pdbx_isotropic_thermal_model             isotropic 
_refine.pdbx_stereochemistry_target_values       'MAXIMUM LIKELIHOOD' 
_refine.pdbx_stereochem_target_val_spec_case     ? 
_refine.pdbx_R_Free_selection_details            RANDOM 
_refine.pdbx_overall_ESU_R                       0.060 
_refine.pdbx_overall_ESU_R_Free                  0.047 
_refine.overall_SU_ML                            0.139 
_refine.pdbx_overall_phase_error                 ? 
_refine.overall_SU_B                             13.870 
_refine.overall_SU_R_Cruickshank_DPI             ? 
_refine.ls_redundancy_reflns_obs                 ? 
_refine.B_iso_min                                ? 
_refine.B_iso_max                                ? 
_refine.overall_SU_R_free                        ? 
_refine.ls_wR_factor_R_free                      ? 
_refine.ls_wR_factor_R_work                      ? 
_refine.overall_FOM_free_R_set                   ? 
_refine.overall_FOM_work_R_set                   ? 
_refine.pdbx_diffrn_id                           1 
_refine.pdbx_refine_id                           'X-RAY DIFFRACTION' 
_refine.pdbx_TLS_residual_ADP_flag               ? 
_refine.pdbx_overall_SU_R_free_Cruickshank_DPI   ? 
_refine.pdbx_overall_SU_R_Blow_DPI               ? 
_refine.pdbx_overall_SU_R_free_Blow_DPI          ? 
# 
_refine_hist.pdbx_refine_id                   'X-RAY DIFFRACTION' 
_refine_hist.cycle_id                         LAST 
_refine_hist.pdbx_number_atoms_protein        482 
_refine_hist.pdbx_number_atoms_nucleic_acid   0 
_refine_hist.pdbx_number_atoms_ligand         0 
_refine_hist.number_atoms_solvent             34 
_refine_hist.number_atoms_total               516 
_refine_hist.d_res_high                       2.30 
_refine_hist.d_res_low                        54.96 
# 
loop_
_refine_ls_restr.type 
_refine_ls_restr.dev_ideal 
_refine_ls_restr.dev_ideal_target 
_refine_ls_restr.weight 
_refine_ls_restr.number 
_refine_ls_restr.pdbx_restraint_function 
_refine_ls_restr.pdbx_refine_id 
r_bond_refined_d       0.010  0.022  ? 498 ? 'X-RAY DIFFRACTION' 
r_bond_other_d         0.002  0.020  ? 318 ? 'X-RAY DIFFRACTION' 
r_angle_refined_deg    1.214  1.982  ? 682 ? 'X-RAY DIFFRACTION' 
r_angle_other_deg      0.848  3.000  ? 783 ? 'X-RAY DIFFRACTION' 
r_dihedral_angle_1_deg 5.874  5.000  ? 67  ? 'X-RAY DIFFRACTION' 
r_dihedral_angle_2_deg 33.305 24.000 ? 20  ? 'X-RAY DIFFRACTION' 
r_dihedral_angle_3_deg 16.464 15.000 ? 80  ? 'X-RAY DIFFRACTION' 
r_dihedral_angle_4_deg 16.362 15.000 ? 5   ? 'X-RAY DIFFRACTION' 
r_chiral_restr         0.066  0.200  ? 88  ? 'X-RAY DIFFRACTION' 
r_gen_planes_refined   0.003  0.021  ? 563 ? 'X-RAY DIFFRACTION' 
r_gen_planes_other     0.000  0.020  ? 90  ? 'X-RAY DIFFRACTION' 
r_mcbond_it            1.588  3.000  ? 333 ? 'X-RAY DIFFRACTION' 
r_mcbond_other         0.273  3.000  ? 135 ? 'X-RAY DIFFRACTION' 
r_mcangle_it           3.157  5.000  ? 544 ? 'X-RAY DIFFRACTION' 
r_scbond_it            4.884  8.000  ? 165 ? 'X-RAY DIFFRACTION' 
r_scangle_it           8.058  11.000 ? 138 ? 'X-RAY DIFFRACTION' 
# 
_refine_ls_shell.pdbx_total_number_of_bins_used   20 
_refine_ls_shell.d_res_high                       2.299 
_refine_ls_shell.d_res_low                        2.359 
_refine_ls_shell.number_reflns_R_work             255 
_refine_ls_shell.R_factor_R_work                  0.242 
_refine_ls_shell.percent_reflns_obs               97.45 
_refine_ls_shell.R_factor_R_free                  0.529 
_refine_ls_shell.R_factor_R_free_error            ? 
_refine_ls_shell.percent_reflns_R_free            ? 
_refine_ls_shell.number_reflns_R_free             13 
_refine_ls_shell.number_reflns_all                ? 
_refine_ls_shell.R_factor_all                     ? 
_refine_ls_shell.number_reflns_obs                255 
_refine_ls_shell.redundancy_reflns_obs            ? 
_refine_ls_shell.pdbx_refine_id                   'X-RAY DIFFRACTION' 
# 
_struct.entry_id                  4HRS 
_struct.title                     'Crystal structure of H. volcanii small archaeal modifier protein 2' 
_struct.pdbx_model_details        ? 
_struct.pdbx_CASP_flag            ? 
_struct.pdbx_model_type_details   ? 
# 
_struct_keywords.entry_id        4HRS 
_struct_keywords.pdbx_keywords   'PROTEIN BINDING' 
_struct_keywords.text            'beta-grasp fold; beta-hinge motif, small ubiquitin-like modifier, PROTEIN BINDING' 
# 
loop_
_struct_asym.id 
_struct_asym.pdbx_blank_PDB_chainid_flag 
_struct_asym.pdbx_modified 
_struct_asym.entity_id 
_struct_asym.details 
A N N 1 ? 
B N N 2 ? 
# 
_struct_ref.id                         1 
_struct_ref.db_name                    UNP 
_struct_ref.db_code                    SAMP2_HALVD 
_struct_ref.pdbx_db_accession          D4GZE7 
_struct_ref.entity_id                  1 
_struct_ref.pdbx_seq_one_letter_code   NVTVEVVGEETSEVAVDDDGTYADLVRAVDLSPHEVTVLVDGRPVPEDQSVEVDRVKVLRLIKGG 
_struct_ref.pdbx_align_begin           2 
_struct_ref.pdbx_db_isoform            ? 
# 
_struct_ref_seq.align_id                      1 
_struct_ref_seq.ref_id                        1 
_struct_ref_seq.pdbx_PDB_id_code              4HRS 
_struct_ref_seq.pdbx_strand_id                A 
_struct_ref_seq.seq_align_beg                 3 
_struct_ref_seq.pdbx_seq_align_beg_ins_code   ? 
_struct_ref_seq.seq_align_end                 67 
_struct_ref_seq.pdbx_seq_align_end_ins_code   ? 
_struct_ref_seq.pdbx_db_accession             D4GZE7 
_struct_ref_seq.db_align_beg                  2 
_struct_ref_seq.pdbx_db_align_beg_ins_code    ? 
_struct_ref_seq.db_align_end                  66 
_struct_ref_seq.pdbx_db_align_end_ins_code    ? 
_struct_ref_seq.pdbx_auth_seq_align_beg       2 
_struct_ref_seq.pdbx_auth_seq_align_end       66 
# 
loop_
_struct_ref_seq_dif.align_id 
_struct_ref_seq_dif.pdbx_pdb_id_code 
_struct_ref_seq_dif.mon_id 
_struct_ref_seq_dif.pdbx_pdb_strand_id 
_struct_ref_seq_dif.seq_num 
_struct_ref_seq_dif.pdbx_pdb_ins_code 
_struct_ref_seq_dif.pdbx_seq_db_name 
_struct_ref_seq_dif.pdbx_seq_db_accession_code 
_struct_ref_seq_dif.db_mon_id 
_struct_ref_seq_dif.pdbx_seq_db_seq_num 
_struct_ref_seq_dif.details 
_struct_ref_seq_dif.pdbx_auth_seq_num 
_struct_ref_seq_dif.pdbx_ordinal 
1 4HRS GLY A 1 ? UNP D4GZE7 ? ? 'expression tag' 0 1 
1 4HRS ARG A 2 ? UNP D4GZE7 ? ? 'expression tag' 1 2 
# 
loop_
_pdbx_struct_assembly.id 
_pdbx_struct_assembly.details 
_pdbx_struct_assembly.method_details 
_pdbx_struct_assembly.oligomeric_details 
_pdbx_struct_assembly.oligomeric_count 
1 author_defined_assembly   ?    monomeric 1 
2 software_defined_assembly PISA dimeric   2 
# 
loop_
_pdbx_struct_assembly_prop.biol_id 
_pdbx_struct_assembly_prop.type 
_pdbx_struct_assembly_prop.value 
_pdbx_struct_assembly_prop.details 
2 'ABSA (A^2)' 3470 ? 
2 MORE         -16  ? 
2 'SSA (A^2)'  7670 ? 
# 
loop_
_pdbx_struct_assembly_gen.assembly_id 
_pdbx_struct_assembly_gen.oper_expression 
_pdbx_struct_assembly_gen.asym_id_list 
1 1   A,B 
2 1,2 A,B 
# 
loop_
_pdbx_struct_oper_list.id 
_pdbx_struct_oper_list.type 
_pdbx_struct_oper_list.name 
_pdbx_struct_oper_list.symmetry_operation 
_pdbx_struct_oper_list.matrix[1][1] 
_pdbx_struct_oper_list.matrix[1][2] 
_pdbx_struct_oper_list.matrix[1][3] 
_pdbx_struct_oper_list.vector[1] 
_pdbx_struct_oper_list.matrix[2][1] 
_pdbx_struct_oper_list.matrix[2][2] 
_pdbx_struct_oper_list.matrix[2][3] 
_pdbx_struct_oper_list.vector[2] 
_pdbx_struct_oper_list.matrix[3][1] 
_pdbx_struct_oper_list.matrix[3][2] 
_pdbx_struct_oper_list.matrix[3][3] 
_pdbx_struct_oper_list.vector[3] 
1 'identity operation'         1_555 x,y,z       1.0000000000  0.0000000000 0.0000000000 0.0000000000 0.0000000000 1.0000000000  0.0000000000 0.0000000000  0.0000000000 0.0000000000 1.0000000000 0.0000000000  
2 'crystal symmetry operation' 2_665 -x+1,-y+1,z -0.9398404779 0.0630281514 0.3357489065 1.8258750715 0.0630281514 -0.9339664325 0.3517586603 12.7801389663 0.3357489065 0.3517586603 0.8738069104 -2.7263001819 
# 
_struct_biol.id        1 
_struct_biol.details   ? 
# 
loop_
_struct_conf.conf_type_id 
_struct_conf.id 
_struct_conf.pdbx_PDB_helix_id 
_struct_conf.beg_label_comp_id 
_struct_conf.beg_label_asym_id 
_struct_conf.beg_label_seq_id 
_struct_conf.pdbx_beg_PDB_ins_code 
_struct_conf.end_label_comp_id 
_struct_conf.end_label_asym_id 
_struct_conf.end_label_seq_id 
_struct_conf.pdbx_end_PDB_ins_code 
_struct_conf.beg_auth_comp_id 
_struct_conf.beg_auth_asym_id 
_struct_conf.beg_auth_seq_id 
_struct_conf.end_auth_comp_id 
_struct_conf.end_auth_asym_id 
_struct_conf.end_auth_seq_id 
_struct_conf.pdbx_PDB_helix_class 
_struct_conf.details 
_struct_conf.pdbx_PDB_helix_length 
HELX_P HELX_P1 1 THR A 23 ? VAL A 31 ? THR A 22 VAL A 30 1 ? 9 
HELX_P HELX_P2 2 SER A 34 ? VAL A 38 ? SER A 33 VAL A 37 5 ? 5 
# 
_struct_conf_type.id          HELX_P 
_struct_conf_type.criteria    ? 
_struct_conf_type.reference   ? 
# 
loop_
_struct_sheet.id 
_struct_sheet.type 
_struct_sheet.number_strands 
_struct_sheet.details 
A ? 2 ? 
B ? 2 ? 
# 
loop_
_struct_sheet_order.sheet_id 
_struct_sheet_order.range_id_1 
_struct_sheet_order.range_id_2 
_struct_sheet_order.offset 
_struct_sheet_order.sense 
A 1 2 ? anti-parallel 
B 1 2 ? anti-parallel 
# 
loop_
_struct_sheet_range.sheet_id 
_struct_sheet_range.id 
_struct_sheet_range.beg_label_comp_id 
_struct_sheet_range.beg_label_asym_id 
_struct_sheet_range.beg_label_seq_id 
_struct_sheet_range.pdbx_beg_PDB_ins_code 
_struct_sheet_range.end_label_comp_id 
_struct_sheet_range.end_label_asym_id 
_struct_sheet_range.end_label_seq_id 
_struct_sheet_range.pdbx_end_PDB_ins_code 
_struct_sheet_range.beg_auth_comp_id 
_struct_sheet_range.beg_auth_asym_id 
_struct_sheet_range.beg_auth_seq_id 
_struct_sheet_range.end_auth_comp_id 
_struct_sheet_range.end_auth_asym_id 
_struct_sheet_range.end_auth_seq_id 
A 1 ASN A 3  ? GLU A 7  ? ASN A 2  GLU A 6  
A 2 THR A 13 ? ALA A 17 ? THR A 12 ALA A 16 
B 1 VAL A 40 ? VAL A 42 ? VAL A 39 VAL A 41 
B 2 ARG A 45 ? VAL A 47 ? ARG A 44 VAL A 46 
# 
loop_
_pdbx_struct_sheet_hbond.sheet_id 
_pdbx_struct_sheet_hbond.range_id_1 
_pdbx_struct_sheet_hbond.range_id_2 
_pdbx_struct_sheet_hbond.range_1_label_atom_id 
_pdbx_struct_sheet_hbond.range_1_label_comp_id 
_pdbx_struct_sheet_hbond.range_1_label_asym_id 
_pdbx_struct_sheet_hbond.range_1_label_seq_id 
_pdbx_struct_sheet_hbond.range_1_PDB_ins_code 
_pdbx_struct_sheet_hbond.range_1_auth_atom_id 
_pdbx_struct_sheet_hbond.range_1_auth_comp_id 
_pdbx_struct_sheet_hbond.range_1_auth_asym_id 
_pdbx_struct_sheet_hbond.range_1_auth_seq_id 
_pdbx_struct_sheet_hbond.range_2_label_atom_id 
_pdbx_struct_sheet_hbond.range_2_label_comp_id 
_pdbx_struct_sheet_hbond.range_2_label_asym_id 
_pdbx_struct_sheet_hbond.range_2_label_seq_id 
_pdbx_struct_sheet_hbond.range_2_PDB_ins_code 
_pdbx_struct_sheet_hbond.range_2_auth_atom_id 
_pdbx_struct_sheet_hbond.range_2_auth_comp_id 
_pdbx_struct_sheet_hbond.range_2_auth_asym_id 
_pdbx_struct_sheet_hbond.range_2_auth_seq_id 
A 1 2 N VAL A 6  ? N VAL A 5  O SER A 14 ? O SER A 13 
B 1 2 N VAL A 42 ? N VAL A 41 O ARG A 45 ? O ARG A 44 
# 
loop_
_pdbx_validate_torsion.id 
_pdbx_validate_torsion.PDB_model_num 
_pdbx_validate_torsion.auth_comp_id 
_pdbx_validate_torsion.auth_asym_id 
_pdbx_validate_torsion.auth_seq_id 
_pdbx_validate_torsion.PDB_ins_code 
_pdbx_validate_torsion.label_alt_id 
_pdbx_validate_torsion.phi 
_pdbx_validate_torsion.psi 
1 1 GLU A 10 ? ? -131.36 -131.31 
2 1 ILE A 63 ? ? -89.74  -107.34 
3 1 LYS A 64 ? ? 173.62  156.06  
# 
_pdbx_refine_tls.pdbx_refine_id   'X-RAY DIFFRACTION' 
_pdbx_refine_tls.id               1 
_pdbx_refine_tls.details          ? 
_pdbx_refine_tls.method           refined 
_pdbx_refine_tls.origin_x         0.5660 
_pdbx_refine_tls.origin_y         0.3727 
_pdbx_refine_tls.origin_z         -0.5365 
_pdbx_refine_tls.T[1][1]          0.0855 
_pdbx_refine_tls.T[2][2]          0.1478 
_pdbx_refine_tls.T[3][3]          0.0149 
_pdbx_refine_tls.T[1][2]          0.0140 
_pdbx_refine_tls.T[1][3]          -0.0346 
_pdbx_refine_tls.T[2][3]          -0.0582 
_pdbx_refine_tls.L[1][1]          0.9534 
_pdbx_refine_tls.L[2][2]          2.0347 
_pdbx_refine_tls.L[3][3]          0.5845 
_pdbx_refine_tls.L[1][2]          0.1136 
_pdbx_refine_tls.L[1][3]          -0.0218 
_pdbx_refine_tls.L[2][3]          -0.9081 
_pdbx_refine_tls.S[1][1]          0.0657 
_pdbx_refine_tls.S[2][2]          -0.0929 
_pdbx_refine_tls.S[3][3]          0.0272 
_pdbx_refine_tls.S[1][2]          -0.0688 
_pdbx_refine_tls.S[1][3]          -0.0585 
_pdbx_refine_tls.S[2][3]          -0.0177 
_pdbx_refine_tls.S[2][1]          -0.0056 
_pdbx_refine_tls.S[3][1]          -0.0041 
_pdbx_refine_tls.S[3][2]          0.0769 
# 
_pdbx_refine_tls_group.pdbx_refine_id      'X-RAY DIFFRACTION' 
_pdbx_refine_tls_group.id                  1 
_pdbx_refine_tls_group.refine_tls_id       1 
_pdbx_refine_tls_group.beg_auth_asym_id    A 
_pdbx_refine_tls_group.beg_auth_seq_id     0 
_pdbx_refine_tls_group.end_auth_asym_id    A 
_pdbx_refine_tls_group.end_auth_seq_id     64 
_pdbx_refine_tls_group.selection_details   ? 
_pdbx_refine_tls_group.beg_label_asym_id   . 
_pdbx_refine_tls_group.beg_label_seq_id    . 
_pdbx_refine_tls_group.end_label_asym_id   . 
_pdbx_refine_tls_group.end_label_seq_id    . 
_pdbx_refine_tls_group.selection           ? 
# 
_pdbx_unobs_or_zero_occ_residues.id               1 
_pdbx_unobs_or_zero_occ_residues.PDB_model_num    1 
_pdbx_unobs_or_zero_occ_residues.polymer_flag     Y 
_pdbx_unobs_or_zero_occ_residues.occupancy_flag   1 
_pdbx_unobs_or_zero_occ_residues.auth_asym_id     A 
_pdbx_unobs_or_zero_occ_residues.auth_comp_id     GLY 
_pdbx_unobs_or_zero_occ_residues.auth_seq_id      66 
_pdbx_unobs_or_zero_occ_residues.PDB_ins_code     ? 
_pdbx_unobs_or_zero_occ_residues.label_asym_id    A 
_pdbx_unobs_or_zero_occ_residues.label_comp_id    GLY 
_pdbx_unobs_or_zero_occ_residues.label_seq_id     67 
# 
loop_
_chem_comp_atom.comp_id 
_chem_comp_atom.atom_id 
_chem_comp_atom.type_symbol 
_chem_comp_atom.pdbx_aromatic_flag 
_chem_comp_atom.pdbx_stereo_config 
_chem_comp_atom.pdbx_ordinal 
ALA N    N N N 1   
ALA CA   C N S 2   
ALA C    C N N 3   
ALA O    O N N 4   
ALA CB   C N N 5   
ALA OXT  O N N 6   
ALA H    H N N 7   
ALA H2   H N N 8   
ALA HA   H N N 9   
ALA HB1  H N N 10  
ALA HB2  H N N 11  
ALA HB3  H N N 12  
ALA HXT  H N N 13  
ARG N    N N N 14  
ARG CA   C N S 15  
ARG C    C N N 16  
ARG O    O N N 17  
ARG CB   C N N 18  
ARG CG   C N N 19  
ARG CD   C N N 20  
ARG NE   N N N 21  
ARG CZ   C N N 22  
ARG NH1  N N N 23  
ARG NH2  N N N 24  
ARG OXT  O N N 25  
ARG H    H N N 26  
ARG H2   H N N 27  
ARG HA   H N N 28  
ARG HB2  H N N 29  
ARG HB3  H N N 30  
ARG HG2  H N N 31  
ARG HG3  H N N 32  
ARG HD2  H N N 33  
ARG HD3  H N N 34  
ARG HE   H N N 35  
ARG HH11 H N N 36  
ARG HH12 H N N 37  
ARG HH21 H N N 38  
ARG HH22 H N N 39  
ARG HXT  H N N 40  
ASN N    N N N 41  
ASN CA   C N S 42  
ASN C    C N N 43  
ASN O    O N N 44  
ASN CB   C N N 45  
ASN CG   C N N 46  
ASN OD1  O N N 47  
ASN ND2  N N N 48  
ASN OXT  O N N 49  
ASN H    H N N 50  
ASN H2   H N N 51  
ASN HA   H N N 52  
ASN HB2  H N N 53  
ASN HB3  H N N 54  
ASN HD21 H N N 55  
ASN HD22 H N N 56  
ASN HXT  H N N 57  
ASP N    N N N 58  
ASP CA   C N S 59  
ASP C    C N N 60  
ASP O    O N N 61  
ASP CB   C N N 62  
ASP CG   C N N 63  
ASP OD1  O N N 64  
ASP OD2  O N N 65  
ASP OXT  O N N 66  
ASP H    H N N 67  
ASP H2   H N N 68  
ASP HA   H N N 69  
ASP HB2  H N N 70  
ASP HB3  H N N 71  
ASP HD2  H N N 72  
ASP HXT  H N N 73  
GLN N    N N N 74  
GLN CA   C N S 75  
GLN C    C N N 76  
GLN O    O N N 77  
GLN CB   C N N 78  
GLN CG   C N N 79  
GLN CD   C N N 80  
GLN OE1  O N N 81  
GLN NE2  N N N 82  
GLN OXT  O N N 83  
GLN H    H N N 84  
GLN H2   H N N 85  
GLN HA   H N N 86  
GLN HB2  H N N 87  
GLN HB3  H N N 88  
GLN HG2  H N N 89  
GLN HG3  H N N 90  
GLN HE21 H N N 91  
GLN HE22 H N N 92  
GLN HXT  H N N 93  
GLU N    N N N 94  
GLU CA   C N S 95  
GLU C    C N N 96  
GLU O    O N N 97  
GLU CB   C N N 98  
GLU CG   C N N 99  
GLU CD   C N N 100 
GLU OE1  O N N 101 
GLU OE2  O N N 102 
GLU OXT  O N N 103 
GLU H    H N N 104 
GLU H2   H N N 105 
GLU HA   H N N 106 
GLU HB2  H N N 107 
GLU HB3  H N N 108 
GLU HG2  H N N 109 
GLU HG3  H N N 110 
GLU HE2  H N N 111 
GLU HXT  H N N 112 
GLY N    N N N 113 
GLY CA   C N N 114 
GLY C    C N N 115 
GLY O    O N N 116 
GLY OXT  O N N 117 
GLY H    H N N 118 
GLY H2   H N N 119 
GLY HA2  H N N 120 
GLY HA3  H N N 121 
GLY HXT  H N N 122 
HIS N    N N N 123 
HIS CA   C N S 124 
HIS C    C N N 125 
HIS O    O N N 126 
HIS CB   C N N 127 
HIS CG   C Y N 128 
HIS ND1  N Y N 129 
HIS CD2  C Y N 130 
HIS CE1  C Y N 131 
HIS NE2  N Y N 132 
HIS OXT  O N N 133 
HIS H    H N N 134 
HIS H2   H N N 135 
HIS HA   H N N 136 
HIS HB2  H N N 137 
HIS HB3  H N N 138 
HIS HD1  H N N 139 
HIS HD2  H N N 140 
HIS HE1  H N N 141 
HIS HE2  H N N 142 
HIS HXT  H N N 143 
HOH O    O N N 144 
HOH H1   H N N 145 
HOH H2   H N N 146 
ILE N    N N N 147 
ILE CA   C N S 148 
ILE C    C N N 149 
ILE O    O N N 150 
ILE CB   C N S 151 
ILE CG1  C N N 152 
ILE CG2  C N N 153 
ILE CD1  C N N 154 
ILE OXT  O N N 155 
ILE H    H N N 156 
ILE H2   H N N 157 
ILE HA   H N N 158 
ILE HB   H N N 159 
ILE HG12 H N N 160 
ILE HG13 H N N 161 
ILE HG21 H N N 162 
ILE HG22 H N N 163 
ILE HG23 H N N 164 
ILE HD11 H N N 165 
ILE HD12 H N N 166 
ILE HD13 H N N 167 
ILE HXT  H N N 168 
LEU N    N N N 169 
LEU CA   C N S 170 
LEU C    C N N 171 
LEU O    O N N 172 
LEU CB   C N N 173 
LEU CG   C N N 174 
LEU CD1  C N N 175 
LEU CD2  C N N 176 
LEU OXT  O N N 177 
LEU H    H N N 178 
LEU H2   H N N 179 
LEU HA   H N N 180 
LEU HB2  H N N 181 
LEU HB3  H N N 182 
LEU HG   H N N 183 
LEU HD11 H N N 184 
LEU HD12 H N N 185 
LEU HD13 H N N 186 
LEU HD21 H N N 187 
LEU HD22 H N N 188 
LEU HD23 H N N 189 
LEU HXT  H N N 190 
LYS N    N N N 191 
LYS CA   C N S 192 
LYS C    C N N 193 
LYS O    O N N 194 
LYS CB   C N N 195 
LYS CG   C N N 196 
LYS CD   C N N 197 
LYS CE   C N N 198 
LYS NZ   N N N 199 
LYS OXT  O N N 200 
LYS H    H N N 201 
LYS H2   H N N 202 
LYS HA   H N N 203 
LYS HB2  H N N 204 
LYS HB3  H N N 205 
LYS HG2  H N N 206 
LYS HG3  H N N 207 
LYS HD2  H N N 208 
LYS HD3  H N N 209 
LYS HE2  H N N 210 
LYS HE3  H N N 211 
LYS HZ1  H N N 212 
LYS HZ2  H N N 213 
LYS HZ3  H N N 214 
LYS HXT  H N N 215 
PRO N    N N N 216 
PRO CA   C N S 217 
PRO C    C N N 218 
PRO O    O N N 219 
PRO CB   C N N 220 
PRO CG   C N N 221 
PRO CD   C N N 222 
PRO OXT  O N N 223 
PRO H    H N N 224 
PRO HA   H N N 225 
PRO HB2  H N N 226 
PRO HB3  H N N 227 
PRO HG2  H N N 228 
PRO HG3  H N N 229 
PRO HD2  H N N 230 
PRO HD3  H N N 231 
PRO HXT  H N N 232 
SER N    N N N 233 
SER CA   C N S 234 
SER C    C N N 235 
SER O    O N N 236 
SER CB   C N N 237 
SER OG   O N N 238 
SER OXT  O N N 239 
SER H    H N N 240 
SER H2   H N N 241 
SER HA   H N N 242 
SER HB2  H N N 243 
SER HB3  H N N 244 
SER HG   H N N 245 
SER HXT  H N N 246 
THR N    N N N 247 
THR CA   C N S 248 
THR C    C N N 249 
THR O    O N N 250 
THR CB   C N R 251 
THR OG1  O N N 252 
THR CG2  C N N 253 
THR OXT  O N N 254 
THR H    H N N 255 
THR H2   H N N 256 
THR HA   H N N 257 
THR HB   H N N 258 
THR HG1  H N N 259 
THR HG21 H N N 260 
THR HG22 H N N 261 
THR HG23 H N N 262 
THR HXT  H N N 263 
TYR N    N N N 264 
TYR CA   C N S 265 
TYR C    C N N 266 
TYR O    O N N 267 
TYR CB   C N N 268 
TYR CG   C Y N 269 
TYR CD1  C Y N 270 
TYR CD2  C Y N 271 
TYR CE1  C Y N 272 
TYR CE2  C Y N 273 
TYR CZ   C Y N 274 
TYR OH   O N N 275 
TYR OXT  O N N 276 
TYR H    H N N 277 
TYR H2   H N N 278 
TYR HA   H N N 279 
TYR HB2  H N N 280 
TYR HB3  H N N 281 
TYR HD1  H N N 282 
TYR HD2  H N N 283 
TYR HE1  H N N 284 
TYR HE2  H N N 285 
TYR HH   H N N 286 
TYR HXT  H N N 287 
VAL N    N N N 288 
VAL CA   C N S 289 
VAL C    C N N 290 
VAL O    O N N 291 
VAL CB   C N N 292 
VAL CG1  C N N 293 
VAL CG2  C N N 294 
VAL OXT  O N N 295 
VAL H    H N N 296 
VAL H2   H N N 297 
VAL HA   H N N 298 
VAL HB   H N N 299 
VAL HG11 H N N 300 
VAL HG12 H N N 301 
VAL HG13 H N N 302 
VAL HG21 H N N 303 
VAL HG22 H N N 304 
VAL HG23 H N N 305 
VAL HXT  H N N 306 
# 
loop_
_chem_comp_bond.comp_id 
_chem_comp_bond.atom_id_1 
_chem_comp_bond.atom_id_2 
_chem_comp_bond.value_order 
_chem_comp_bond.pdbx_aromatic_flag 
_chem_comp_bond.pdbx_stereo_config 
_chem_comp_bond.pdbx_ordinal 
ALA N   CA   sing N N 1   
ALA N   H    sing N N 2   
ALA N   H2   sing N N 3   
ALA CA  C    sing N N 4   
ALA CA  CB   sing N N 5   
ALA CA  HA   sing N N 6   
ALA C   O    doub N N 7   
ALA C   OXT  sing N N 8   
ALA CB  HB1  sing N N 9   
ALA CB  HB2  sing N N 10  
ALA CB  HB3  sing N N 11  
ALA OXT HXT  sing N N 12  
ARG N   CA   sing N N 13  
ARG N   H    sing N N 14  
ARG N   H2   sing N N 15  
ARG CA  C    sing N N 16  
ARG CA  CB   sing N N 17  
ARG CA  HA   sing N N 18  
ARG C   O    doub N N 19  
ARG C   OXT  sing N N 20  
ARG CB  CG   sing N N 21  
ARG CB  HB2  sing N N 22  
ARG CB  HB3  sing N N 23  
ARG CG  CD   sing N N 24  
ARG CG  HG2  sing N N 25  
ARG CG  HG3  sing N N 26  
ARG CD  NE   sing N N 27  
ARG CD  HD2  sing N N 28  
ARG CD  HD3  sing N N 29  
ARG NE  CZ   sing N N 30  
ARG NE  HE   sing N N 31  
ARG CZ  NH1  sing N N 32  
ARG CZ  NH2  doub N N 33  
ARG NH1 HH11 sing N N 34  
ARG NH1 HH12 sing N N 35  
ARG NH2 HH21 sing N N 36  
ARG NH2 HH22 sing N N 37  
ARG OXT HXT  sing N N 38  
ASN N   CA   sing N N 39  
ASN N   H    sing N N 40  
ASN N   H2   sing N N 41  
ASN CA  C    sing N N 42  
ASN CA  CB   sing N N 43  
ASN CA  HA   sing N N 44  
ASN C   O    doub N N 45  
ASN C   OXT  sing N N 46  
ASN CB  CG   sing N N 47  
ASN CB  HB2  sing N N 48  
ASN CB  HB3  sing N N 49  
ASN CG  OD1  doub N N 50  
ASN CG  ND2  sing N N 51  
ASN ND2 HD21 sing N N 52  
ASN ND2 HD22 sing N N 53  
ASN OXT HXT  sing N N 54  
ASP N   CA   sing N N 55  
ASP N   H    sing N N 56  
ASP N   H2   sing N N 57  
ASP CA  C    sing N N 58  
ASP CA  CB   sing N N 59  
ASP CA  HA   sing N N 60  
ASP C   O    doub N N 61  
ASP C   OXT  sing N N 62  
ASP CB  CG   sing N N 63  
ASP CB  HB2  sing N N 64  
ASP CB  HB3  sing N N 65  
ASP CG  OD1  doub N N 66  
ASP CG  OD2  sing N N 67  
ASP OD2 HD2  sing N N 68  
ASP OXT HXT  sing N N 69  
GLN N   CA   sing N N 70  
GLN N   H    sing N N 71  
GLN N   H2   sing N N 72  
GLN CA  C    sing N N 73  
GLN CA  CB   sing N N 74  
GLN CA  HA   sing N N 75  
GLN C   O    doub N N 76  
GLN C   OXT  sing N N 77  
GLN CB  CG   sing N N 78  
GLN CB  HB2  sing N N 79  
GLN CB  HB3  sing N N 80  
GLN CG  CD   sing N N 81  
GLN CG  HG2  sing N N 82  
GLN CG  HG3  sing N N 83  
GLN CD  OE1  doub N N 84  
GLN CD  NE2  sing N N 85  
GLN NE2 HE21 sing N N 86  
GLN NE2 HE22 sing N N 87  
GLN OXT HXT  sing N N 88  
GLU N   CA   sing N N 89  
GLU N   H    sing N N 90  
GLU N   H2   sing N N 91  
GLU CA  C    sing N N 92  
GLU CA  CB   sing N N 93  
GLU CA  HA   sing N N 94  
GLU C   O    doub N N 95  
GLU C   OXT  sing N N 96  
GLU CB  CG   sing N N 97  
GLU CB  HB2  sing N N 98  
GLU CB  HB3  sing N N 99  
GLU CG  CD   sing N N 100 
GLU CG  HG2  sing N N 101 
GLU CG  HG3  sing N N 102 
GLU CD  OE1  doub N N 103 
GLU CD  OE2  sing N N 104 
GLU OE2 HE2  sing N N 105 
GLU OXT HXT  sing N N 106 
GLY N   CA   sing N N 107 
GLY N   H    sing N N 108 
GLY N   H2   sing N N 109 
GLY CA  C    sing N N 110 
GLY CA  HA2  sing N N 111 
GLY CA  HA3  sing N N 112 
GLY C   O    doub N N 113 
GLY C   OXT  sing N N 114 
GLY OXT HXT  sing N N 115 
HIS N   CA   sing N N 116 
HIS N   H    sing N N 117 
HIS N   H2   sing N N 118 
HIS CA  C    sing N N 119 
HIS CA  CB   sing N N 120 
HIS CA  HA   sing N N 121 
HIS C   O    doub N N 122 
HIS C   OXT  sing N N 123 
HIS CB  CG   sing N N 124 
HIS CB  HB2  sing N N 125 
HIS CB  HB3  sing N N 126 
HIS CG  ND1  sing Y N 127 
HIS CG  CD2  doub Y N 128 
HIS ND1 CE1  doub Y N 129 
HIS ND1 HD1  sing N N 130 
HIS CD2 NE2  sing Y N 131 
HIS CD2 HD2  sing N N 132 
HIS CE1 NE2  sing Y N 133 
HIS CE1 HE1  sing N N 134 
HIS NE2 HE2  sing N N 135 
HIS OXT HXT  sing N N 136 
HOH O   H1   sing N N 137 
HOH O   H2   sing N N 138 
ILE N   CA   sing N N 139 
ILE N   H    sing N N 140 
ILE N   H2   sing N N 141 
ILE CA  C    sing N N 142 
ILE CA  CB   sing N N 143 
ILE CA  HA   sing N N 144 
ILE C   O    doub N N 145 
ILE C   OXT  sing N N 146 
ILE CB  CG1  sing N N 147 
ILE CB  CG2  sing N N 148 
ILE CB  HB   sing N N 149 
ILE CG1 CD1  sing N N 150 
ILE CG1 HG12 sing N N 151 
ILE CG1 HG13 sing N N 152 
ILE CG2 HG21 sing N N 153 
ILE CG2 HG22 sing N N 154 
ILE CG2 HG23 sing N N 155 
ILE CD1 HD11 sing N N 156 
ILE CD1 HD12 sing N N 157 
ILE CD1 HD13 sing N N 158 
ILE OXT HXT  sing N N 159 
LEU N   CA   sing N N 160 
LEU N   H    sing N N 161 
LEU N   H2   sing N N 162 
LEU CA  C    sing N N 163 
LEU CA  CB   sing N N 164 
LEU CA  HA   sing N N 165 
LEU C   O    doub N N 166 
LEU C   OXT  sing N N 167 
LEU CB  CG   sing N N 168 
LEU CB  HB2  sing N N 169 
LEU CB  HB3  sing N N 170 
LEU CG  CD1  sing N N 171 
LEU CG  CD2  sing N N 172 
LEU CG  HG   sing N N 173 
LEU CD1 HD11 sing N N 174 
LEU CD1 HD12 sing N N 175 
LEU CD1 HD13 sing N N 176 
LEU CD2 HD21 sing N N 177 
LEU CD2 HD22 sing N N 178 
LEU CD2 HD23 sing N N 179 
LEU OXT HXT  sing N N 180 
LYS N   CA   sing N N 181 
LYS N   H    sing N N 182 
LYS N   H2   sing N N 183 
LYS CA  C    sing N N 184 
LYS CA  CB   sing N N 185 
LYS CA  HA   sing N N 186 
LYS C   O    doub N N 187 
LYS C   OXT  sing N N 188 
LYS CB  CG   sing N N 189 
LYS CB  HB2  sing N N 190 
LYS CB  HB3  sing N N 191 
LYS CG  CD   sing N N 192 
LYS CG  HG2  sing N N 193 
LYS CG  HG3  sing N N 194 
LYS CD  CE   sing N N 195 
LYS CD  HD2  sing N N 196 
LYS CD  HD3  sing N N 197 
LYS CE  NZ   sing N N 198 
LYS CE  HE2  sing N N 199 
LYS CE  HE3  sing N N 200 
LYS NZ  HZ1  sing N N 201 
LYS NZ  HZ2  sing N N 202 
LYS NZ  HZ3  sing N N 203 
LYS OXT HXT  sing N N 204 
PRO N   CA   sing N N 205 
PRO N   CD   sing N N 206 
PRO N   H    sing N N 207 
PRO CA  C    sing N N 208 
PRO CA  CB   sing N N 209 
PRO CA  HA   sing N N 210 
PRO C   O    doub N N 211 
PRO C   OXT  sing N N 212 
PRO CB  CG   sing N N 213 
PRO CB  HB2  sing N N 214 
PRO CB  HB3  sing N N 215 
PRO CG  CD   sing N N 216 
PRO CG  HG2  sing N N 217 
PRO CG  HG3  sing N N 218 
PRO CD  HD2  sing N N 219 
PRO CD  HD3  sing N N 220 
PRO OXT HXT  sing N N 221 
SER N   CA   sing N N 222 
SER N   H    sing N N 223 
SER N   H2   sing N N 224 
SER CA  C    sing N N 225 
SER CA  CB   sing N N 226 
SER CA  HA   sing N N 227 
SER C   O    doub N N 228 
SER C   OXT  sing N N 229 
SER CB  OG   sing N N 230 
SER CB  HB2  sing N N 231 
SER CB  HB3  sing N N 232 
SER OG  HG   sing N N 233 
SER OXT HXT  sing N N 234 
THR N   CA   sing N N 235 
THR N   H    sing N N 236 
THR N   H2   sing N N 237 
THR CA  C    sing N N 238 
THR CA  CB   sing N N 239 
THR CA  HA   sing N N 240 
THR C   O    doub N N 241 
THR C   OXT  sing N N 242 
THR CB  OG1  sing N N 243 
THR CB  CG2  sing N N 244 
THR CB  HB   sing N N 245 
THR OG1 HG1  sing N N 246 
THR CG2 HG21 sing N N 247 
THR CG2 HG22 sing N N 248 
THR CG2 HG23 sing N N 249 
THR OXT HXT  sing N N 250 
TYR N   CA   sing N N 251 
TYR N   H    sing N N 252 
TYR N   H2   sing N N 253 
TYR CA  C    sing N N 254 
TYR CA  CB   sing N N 255 
TYR CA  HA   sing N N 256 
TYR C   O    doub N N 257 
TYR C   OXT  sing N N 258 
TYR CB  CG   sing N N 259 
TYR CB  HB2  sing N N 260 
TYR CB  HB3  sing N N 261 
TYR CG  CD1  doub Y N 262 
TYR CG  CD2  sing Y N 263 
TYR CD1 CE1  sing Y N 264 
TYR CD1 HD1  sing N N 265 
TYR CD2 CE2  doub Y N 266 
TYR CD2 HD2  sing N N 267 
TYR CE1 CZ   doub Y N 268 
TYR CE1 HE1  sing N N 269 
TYR CE2 CZ   sing Y N 270 
TYR CE2 HE2  sing N N 271 
TYR CZ  OH   sing N N 272 
TYR OH  HH   sing N N 273 
TYR OXT HXT  sing N N 274 
VAL N   CA   sing N N 275 
VAL N   H    sing N N 276 
VAL N   H2   sing N N 277 
VAL CA  C    sing N N 278 
VAL CA  CB   sing N N 279 
VAL CA  HA   sing N N 280 
VAL C   O    doub N N 281 
VAL C   OXT  sing N N 282 
VAL CB  CG1  sing N N 283 
VAL CB  CG2  sing N N 284 
VAL CB  HB   sing N N 285 
VAL CG1 HG11 sing N N 286 
VAL CG1 HG12 sing N N 287 
VAL CG1 HG13 sing N N 288 
VAL CG2 HG21 sing N N 289 
VAL CG2 HG22 sing N N 290 
VAL CG2 HG23 sing N N 291 
VAL OXT HXT  sing N N 292 
# 
_pdbx_initial_refinement_model.accession_code   ? 
_pdbx_initial_refinement_model.id               1 
_pdbx_initial_refinement_model.entity_id_list   ? 
_pdbx_initial_refinement_model.type             'in silico model' 
_pdbx_initial_refinement_model.source_name      ? 
_pdbx_initial_refinement_model.details          'CS-Rosetta model' 
# 
_atom_sites.entry_id                    4HRS 
_atom_sites.fract_transf_matrix[1][1]   -0.03473260 
_atom_sites.fract_transf_matrix[1][2]   0.02098090 
_atom_sites.fract_transf_matrix[1][3]   0.00228477 
_atom_sites.fract_transf_matrix[2][1]   0.00757651 
_atom_sites.fract_transf_matrix[2][2]   0.01295512 
_atom_sites.fract_transf_matrix[2][3]   -0.00378955 
_atom_sites.fract_transf_matrix[3][1]   -0.00165873 
_atom_sites.fract_transf_matrix[3][2]   -0.00173783 
_atom_sites.fract_transf_matrix[3][3]   -0.00925736 
_atom_sites.fract_transf_vector[1]      0.400752 
_atom_sites.fract_transf_vector[2]      0.405128 
_atom_sites.fract_transf_vector[3]      0.139636 
# 
loop_
_atom_type.symbol 
C 
N 
O 
# 
loop_
_atom_site.group_PDB 
_atom_site.id 
_atom_site.type_symbol 
_atom_site.label_atom_id 
_atom_site.label_alt_id 
_atom_site.label_comp_id 
_atom_site.label_asym_id 
_atom_site.label_entity_id 
_atom_site.label_seq_id 
_atom_site.pdbx_PDB_ins_code 
_atom_site.Cartn_x 
_atom_site.Cartn_y 
_atom_site.Cartn_z 
_atom_site.occupancy 
_atom_site.B_iso_or_equiv 
_atom_site.pdbx_formal_charge 
_atom_site.auth_seq_id 
_atom_site.auth_comp_id 
_atom_site.auth_asym_id 
_atom_site.auth_atom_id 
_atom_site.pdbx_PDB_model_num 
ATOM   1   N N   . GLY A 1 1  ? -0.810  4.915   8.788   1.00 56.08 ? 0   GLY A N   1 
ATOM   2   C CA  . GLY A 1 1  ? -0.374  5.103   10.223  1.00 58.59 ? 0   GLY A CA  1 
ATOM   3   C C   . GLY A 1 1  ? 0.512   3.955   10.692  1.00 58.63 ? 0   GLY A C   1 
ATOM   4   O O   . GLY A 1 1  ? 1.402   3.531   9.951   1.00 60.55 ? 0   GLY A O   1 
ATOM   5   N N   . ARG A 1 2  ? 0.290   3.451   11.913  1.00 57.05 ? 1   ARG A N   1 
ATOM   6   C CA  . ARG A 1 2  ? 0.815   2.119   12.292  1.00 54.86 ? 1   ARG A CA  1 
ATOM   7   C C   . ARG A 1 2  ? -0.250  1.040   12.076  1.00 50.05 ? 1   ARG A C   1 
ATOM   8   O O   . ARG A 1 2  ? 0.062   -0.023  11.554  1.00 48.21 ? 1   ARG A O   1 
ATOM   9   C CB  . ARG A 1 2  ? 1.371   2.066   13.723  1.00 57.75 ? 1   ARG A CB  1 
ATOM   10  C CG  . ARG A 1 2  ? 2.867   2.408   13.830  1.00 64.16 ? 1   ARG A CG  1 
ATOM   11  C CD  . ARG A 1 2  ? 3.579   1.562   14.877  1.00 72.24 ? 1   ARG A CD  1 
ATOM   12  N NE  . ARG A 1 2  ? 3.322   0.132   14.693  1.00 78.24 ? 1   ARG A NE  1 
ATOM   13  C CZ  . ARG A 1 2  ? 3.729   -0.827  15.526  1.00 82.38 ? 1   ARG A CZ  1 
ATOM   14  N NH1 . ARG A 1 2  ? 4.451   -0.532  16.612  1.00 85.23 ? 1   ARG A NH1 1 
ATOM   15  N NH2 . ARG A 1 2  ? 3.422   -2.094  15.265  1.00 80.26 ? 1   ARG A NH2 1 
ATOM   16  N N   . ASN A 1 3  ? -1.496  1.304   12.465  1.00 45.42 ? 2   ASN A N   1 
ATOM   17  C CA  . ASN A 1 3  ? -2.614  0.468   12.018  1.00 42.30 ? 2   ASN A CA  1 
ATOM   18  C C   . ASN A 1 3  ? -3.226  1.012   10.724  1.00 38.13 ? 2   ASN A C   1 
ATOM   19  O O   . ASN A 1 3  ? -3.510  2.204   10.610  1.00 38.62 ? 2   ASN A O   1 
ATOM   20  C CB  . ASN A 1 3  ? -3.687  0.310   13.099  1.00 44.14 ? 2   ASN A CB  1 
ATOM   21  C CG  . ASN A 1 3  ? -3.422  -0.878  14.021  1.00 45.28 ? 2   ASN A CG  1 
ATOM   22  O OD1 . ASN A 1 3  ? -2.309  -1.398  14.072  1.00 46.52 ? 2   ASN A OD1 1 
ATOM   23  N ND2 . ASN A 1 3  ? -4.460  -1.327  14.737  1.00 46.82 ? 2   ASN A ND2 1 
ATOM   24  N N   . VAL A 1 4  ? -3.397  0.125   9.747   1.00 33.03 ? 3   VAL A N   1 
ATOM   25  C CA  . VAL A 1 4  ? -3.991  0.456   8.453   1.00 30.93 ? 3   VAL A CA  1 
ATOM   26  C C   . VAL A 1 4  ? -5.168  -0.484  8.243   1.00 27.69 ? 3   VAL A C   1 
ATOM   27  O O   . VAL A 1 4  ? -5.042  -1.680  8.486   1.00 27.48 ? 3   VAL A O   1 
ATOM   28  C CB  . VAL A 1 4  ? -2.959  0.260   7.290   1.00 31.33 ? 3   VAL A CB  1 
ATOM   29  C CG1 . VAL A 1 4  ? -3.574  0.565   5.923   1.00 30.69 ? 3   VAL A CG1 1 
ATOM   30  C CG2 . VAL A 1 4  ? -1.719  1.137   7.511   1.00 29.42 ? 3   VAL A CG2 1 
ATOM   31  N N   . THR A 1 5  ? -6.305  0.045   7.793   1.00 25.27 ? 4   THR A N   1 
ATOM   32  C CA  . THR A 1 5  ? -7.467  -0.800  7.485   1.00 24.89 ? 4   THR A CA  1 
ATOM   33  C C   . THR A 1 5  ? -7.289  -1.463  6.137   1.00 24.14 ? 4   THR A C   1 
ATOM   34  O O   . THR A 1 5  ? -7.034  -0.786  5.147   1.00 25.04 ? 4   THR A O   1 
ATOM   35  C CB  . THR A 1 5  ? -8.747  0.012   7.473   1.00 26.40 ? 4   THR A CB  1 
ATOM   36  O OG1 . THR A 1 5  ? -8.877  0.658   8.746   1.00 25.39 ? 4   THR A OG1 1 
ATOM   37  C CG2 . THR A 1 5  ? -9.990  -0.884  7.200   1.00 20.54 ? 4   THR A CG2 1 
ATOM   38  N N   . VAL A 1 6  ? -7.366  -2.792  6.115   1.00 24.53 ? 5   VAL A N   1 
ATOM   39  C CA  . VAL A 1 6  ? -7.183  -3.564  4.888   1.00 22.07 ? 5   VAL A CA  1 
ATOM   40  C C   . VAL A 1 6  ? -8.498  -4.253  4.567   1.00 23.43 ? 5   VAL A C   1 
ATOM   41  O O   . VAL A 1 6  ? -8.970  -5.084  5.345   1.00 24.17 ? 5   VAL A O   1 
ATOM   42  C CB  . VAL A 1 6  ? -6.051  -4.643  5.015   1.00 23.30 ? 5   VAL A CB  1 
ATOM   43  C CG1 . VAL A 1 6  ? -5.949  -5.491  3.727   1.00 17.33 ? 5   VAL A CG1 1 
ATOM   44  C CG2 . VAL A 1 6  ? -4.694  -3.985  5.342   1.00 18.52 ? 5   VAL A CG2 1 
ATOM   45  N N   . GLU A 1 7  ? -9.088  -3.895  3.425   1.00 23.36 ? 6   GLU A N   1 
ATOM   46  C CA  . GLU A 1 7  ? -10.318 -4.523  2.957   1.00 23.10 ? 6   GLU A CA  1 
ATOM   47  C C   . GLU A 1 7  ? -9.979  -5.547  1.901   1.00 22.97 ? 6   GLU A C   1 
ATOM   48  O O   . GLU A 1 7  ? -9.545  -5.181  0.801   1.00 20.29 ? 6   GLU A O   1 
ATOM   49  C CB  . GLU A 1 7  ? -11.253 -3.483  2.351   1.00 23.34 ? 6   GLU A CB  1 
ATOM   50  C CG  . GLU A 1 7  ? -12.495 -4.091  1.710   1.00 25.49 ? 6   GLU A CG  1 
ATOM   51  C CD  . GLU A 1 7  ? -13.443 -3.063  1.106   1.00 29.80 ? 6   GLU A CD  1 
ATOM   52  O OE1 . GLU A 1 7  ? -13.191 -1.839  1.234   1.00 29.19 ? 6   GLU A OE1 1 
ATOM   53  O OE2 . GLU A 1 7  ? -14.451 -3.494  0.498   1.00 32.99 ? 6   GLU A OE2 1 
ATOM   54  N N   . VAL A 1 8  ? -10.176 -6.825  2.211   1.00 23.43 ? 7   VAL A N   1 
ATOM   55  C CA  . VAL A 1 8  ? -10.066 -7.846  1.167   1.00 24.45 ? 7   VAL A CA  1 
ATOM   56  C C   . VAL A 1 8  ? -11.407 -7.875  0.468   1.00 26.47 ? 7   VAL A C   1 
ATOM   57  O O   . VAL A 1 8  ? -12.398 -8.296  1.051   1.00 26.78 ? 7   VAL A O   1 
ATOM   58  C CB  . VAL A 1 8  ? -9.693  -9.237  1.705   1.00 25.20 ? 7   VAL A CB  1 
ATOM   59  C CG1 . VAL A 1 8  ? -9.452  -10.207 0.531   1.00 22.68 ? 7   VAL A CG1 1 
ATOM   60  C CG2 . VAL A 1 8  ? -8.436  -9.152  2.587   1.00 22.95 ? 7   VAL A CG2 1 
ATOM   61  N N   . VAL A 1 9  ? -11.436 -7.396  -0.773  1.00 28.18 ? 8   VAL A N   1 
ATOM   62  C CA  . VAL A 1 9  ? -12.684 -7.166  -1.484  1.00 29.36 ? 8   VAL A CA  1 
ATOM   63  C C   . VAL A 1 9  ? -13.494 -8.439  -1.614  1.00 32.69 ? 8   VAL A C   1 
ATOM   64  O O   . VAL A 1 9  ? -12.964 -9.482  -1.979  1.00 32.83 ? 8   VAL A O   1 
ATOM   65  C CB  . VAL A 1 9  ? -12.424 -6.588  -2.876  1.00 30.52 ? 8   VAL A CB  1 
ATOM   66  C CG1 . VAL A 1 9  ? -13.745 -6.429  -3.649  1.00 30.42 ? 8   VAL A CG1 1 
ATOM   67  C CG2 . VAL A 1 9  ? -11.699 -5.257  -2.753  1.00 29.10 ? 8   VAL A CG2 1 
ATOM   68  N N   . GLY A 1 10 ? -14.778 -8.358  -1.274  1.00 36.87 ? 9   GLY A N   1 
ATOM   69  C CA  . GLY A 1 10 ? -15.633 -9.544  -1.217  1.00 39.81 ? 9   GLY A CA  1 
ATOM   70  C C   . GLY A 1 10 ? -15.411 -10.489 -0.035  1.00 41.47 ? 9   GLY A C   1 
ATOM   71  O O   . GLY A 1 10 ? -16.090 -11.512 0.069   1.00 44.24 ? 9   GLY A O   1 
ATOM   72  N N   . GLU A 1 11 ? -14.477 -10.163 0.855   1.00 41.68 ? 10  GLU A N   1 
ATOM   73  C CA  . GLU A 1 11 ? -14.193 -10.996 2.035   1.00 42.81 ? 10  GLU A CA  1 
ATOM   74  C C   . GLU A 1 11 ? -14.154 -10.115 3.295   1.00 41.47 ? 10  GLU A C   1 
ATOM   75  O O   . GLU A 1 11 ? -15.072 -9.311  3.477   1.00 42.51 ? 10  GLU A O   1 
ATOM   76  C CB  . GLU A 1 11 ? -12.923 -11.814 1.806   1.00 43.44 ? 10  GLU A CB  1 
ATOM   77  C CG  . GLU A 1 11 ? -13.123 -12.887 0.731   1.00 51.77 ? 10  GLU A CG  1 
ATOM   78  C CD  . GLU A 1 11 ? -11.848 -13.257 0.008   1.00 61.35 ? 10  GLU A CD  1 
ATOM   79  O OE1 . GLU A 1 11 ? -10.858 -13.616 0.692   1.00 63.61 ? 10  GLU A OE1 1 
ATOM   80  O OE2 . GLU A 1 11 ? -11.842 -13.193 -1.249  1.00 64.23 ? 10  GLU A OE2 1 
ATOM   81  N N   . GLU A 1 12 ? -13.132 -10.227 4.150   1.00 39.78 ? 11  GLU A N   1 
ATOM   82  C CA  . GLU A 1 12 ? -13.122 -9.463  5.419   1.00 37.91 ? 11  GLU A CA  1 
ATOM   83  C C   . GLU A 1 12 ? -12.293 -8.159  5.386   1.00 34.67 ? 11  GLU A C   1 
ATOM   84  O O   . GLU A 1 12 ? -11.302 -8.038  4.658   1.00 32.88 ? 11  GLU A O   1 
ATOM   85  C CB  . GLU A 1 12 ? -12.655 -10.353 6.575   1.00 38.65 ? 11  GLU A CB  1 
ATOM   86  N N   . THR A 1 13 ? -12.735 -7.185  6.172   1.00 31.87 ? 12  THR A N   1 
ATOM   87  C CA  . THR A 1 13 ? -11.953 -5.990  6.456   1.00 30.71 ? 12  THR A CA  1 
ATOM   88  C C   . THR A 1 13 ? -11.355 -6.111  7.861   1.00 30.32 ? 12  THR A C   1 
ATOM   89  O O   . THR A 1 13 ? -12.036 -6.528  8.787   1.00 30.08 ? 12  THR A O   1 
ATOM   90  C CB  . THR A 1 13 ? -12.803 -4.735  6.361   1.00 29.95 ? 12  THR A CB  1 
ATOM   91  O OG1 . THR A 1 13 ? -13.251 -4.585  5.005   1.00 32.93 ? 12  THR A OG1 1 
ATOM   92  C CG2 . THR A 1 13 ? -11.993 -3.499  6.770   1.00 24.44 ? 12  THR A CG2 1 
ATOM   93  N N   . SER A 1 14 ? -10.078 -5.780  8.006   1.00 30.21 ? 13  SER A N   1 
ATOM   94  C CA  . SER A 1 14 ? -9.416  -5.841  9.310   1.00 32.84 ? 13  SER A CA  1 
ATOM   95  C C   . SER A 1 14 ? -8.359  -4.747  9.452   1.00 32.38 ? 13  SER A C   1 
ATOM   96  O O   . SER A 1 14 ? -7.950  -4.138  8.460   1.00 31.59 ? 13  SER A O   1 
ATOM   97  C CB  . SER A 1 14 ? -8.797  -7.224  9.528   1.00 33.66 ? 13  SER A CB  1 
ATOM   98  O OG  . SER A 1 14 ? -7.708  -7.446  8.650   1.00 35.38 ? 13  SER A OG  1 
ATOM   99  N N   . GLU A 1 15 ? -7.962  -4.479  10.696  1.00 33.33 ? 14  GLU A N   1 
ATOM   100 C CA  . GLU A 1 15 ? -6.890  -3.532  10.988  1.00 32.36 ? 14  GLU A CA  1 
ATOM   101 C C   . GLU A 1 15 ? -5.585  -4.298  11.032  1.00 32.07 ? 14  GLU A C   1 
ATOM   102 O O   . GLU A 1 15 ? -5.502  -5.362  11.659  1.00 32.24 ? 14  GLU A O   1 
ATOM   103 C CB  . GLU A 1 15 ? -7.112  -2.825  12.332  1.00 34.22 ? 14  GLU A CB  1 
ATOM   104 C CG  . GLU A 1 15 ? -8.390  -1.982  12.427  1.00 36.07 ? 14  GLU A CG  1 
ATOM   105 C CD  . GLU A 1 15 ? -8.408  -0.799  11.466  1.00 42.02 ? 14  GLU A CD  1 
ATOM   106 O OE1 . GLU A 1 15 ? -7.555  0.117   11.599  1.00 45.55 ? 14  GLU A OE1 1 
ATOM   107 O OE2 . GLU A 1 15 ? -9.296  -0.781  10.583  1.00 41.40 ? 14  GLU A OE2 1 
ATOM   108 N N   . VAL A 1 16 ? -4.563  -3.761  10.375  1.00 30.53 ? 15  VAL A N   1 
ATOM   109 C CA  . VAL A 1 16 ? -3.269  -4.426  10.319  1.00 31.72 ? 15  VAL A CA  1 
ATOM   110 C C   . VAL A 1 16 ? -2.149  -3.472  10.748  1.00 31.65 ? 15  VAL A C   1 
ATOM   111 O O   . VAL A 1 16 ? -2.023  -2.365  10.213  1.00 30.41 ? 15  VAL A O   1 
ATOM   112 C CB  . VAL A 1 16 ? -3.009  -4.971  8.891   1.00 31.79 ? 15  VAL A CB  1 
ATOM   113 C CG1 . VAL A 1 16 ? -1.567  -5.473  8.750   1.00 35.81 ? 15  VAL A CG1 1 
ATOM   114 C CG2 . VAL A 1 16 ? -4.026  -6.065  8.561   1.00 29.11 ? 15  VAL A CG2 1 
ATOM   115 N N   . ALA A 1 17 ? -1.345  -3.895  11.717  1.00 31.74 ? 16  ALA A N   1 
ATOM   116 C CA  . ALA A 1 17 ? -0.236  -3.070  12.166  1.00 34.65 ? 16  ALA A CA  1 
ATOM   117 C C   . ALA A 1 17 ? 0.853   -3.142  11.104  1.00 35.49 ? 16  ALA A C   1 
ATOM   118 O O   . ALA A 1 17 ? 1.190   -4.226  10.640  1.00 38.33 ? 16  ALA A O   1 
ATOM   119 C CB  . ALA A 1 17 ? 0.284   -3.538  13.515  1.00 34.16 ? 16  ALA A CB  1 
ATOM   120 N N   . VAL A 1 18 ? 1.377   -1.990  10.705  1.00 35.88 ? 17  VAL A N   1 
ATOM   121 C CA  . VAL A 1 18 ? 2.450   -1.931  9.726   1.00 38.67 ? 17  VAL A CA  1 
ATOM   122 C C   . VAL A 1 18 ? 3.619   -1.111  10.286  1.00 41.08 ? 17  VAL A C   1 
ATOM   123 O O   . VAL A 1 18 ? 3.414   -0.019  10.818  1.00 39.82 ? 17  VAL A O   1 
ATOM   124 C CB  . VAL A 1 18 ? 1.946   -1.333  8.373   1.00 37.72 ? 17  VAL A CB  1 
ATOM   125 C CG1 . VAL A 1 18 ? 1.920   0.194   8.394   1.00 33.41 ? 17  VAL A CG1 1 
ATOM   126 C CG2 . VAL A 1 18 ? 2.801   -1.835  7.220   1.00 42.59 ? 17  VAL A CG2 1 
ATOM   127 N N   . ASP A 1 19 ? 4.838   -1.638  10.158  1.00 43.56 ? 18  ASP A N   1 
ATOM   128 C CA  . ASP A 1 19 ? 6.036   -0.939  10.632  1.00 45.95 ? 18  ASP A CA  1 
ATOM   129 C C   . ASP A 1 19 ? 6.339   0.317   9.793   1.00 45.37 ? 18  ASP A C   1 
ATOM   130 O O   . ASP A 1 19 ? 5.780   0.507   8.719   1.00 44.27 ? 18  ASP A O   1 
ATOM   131 C CB  . ASP A 1 19 ? 7.241   -1.894  10.643  1.00 47.50 ? 18  ASP A CB  1 
ATOM   132 C CG  . ASP A 1 19 ? 7.123   -2.988  11.715  1.00 55.64 ? 18  ASP A CG  1 
ATOM   133 O OD1 . ASP A 1 19 ? 6.060   -3.651  11.802  1.00 61.53 ? 18  ASP A OD1 1 
ATOM   134 O OD2 . ASP A 1 19 ? 8.098   -3.192  12.475  1.00 63.50 ? 18  ASP A OD2 1 
ATOM   135 N N   . ASP A 1 20 ? 7.227   1.171   10.300  1.00 46.78 ? 19  ASP A N   1 
ATOM   136 C CA  . ASP A 1 20 ? 7.647   2.410   9.610   1.00 46.15 ? 19  ASP A CA  1 
ATOM   137 C C   . ASP A 1 20 ? 8.168   2.168   8.182   1.00 44.76 ? 19  ASP A C   1 
ATOM   138 O O   . ASP A 1 20 ? 7.953   2.984   7.276   1.00 43.74 ? 19  ASP A O   1 
ATOM   139 C CB  . ASP A 1 20 ? 8.744   3.114   10.433  1.00 47.79 ? 19  ASP A CB  1 
ATOM   140 N N   . ASP A 1 21 ? 8.862   1.047   8.000   1.00 43.81 ? 20  ASP A N   1 
ATOM   141 C CA  . ASP A 1 21 ? 9.434   0.673   6.705   1.00 43.54 ? 20  ASP A CA  1 
ATOM   142 C C   . ASP A 1 21 ? 8.581   -0.384  5.979   1.00 41.04 ? 20  ASP A C   1 
ATOM   143 O O   . ASP A 1 21 ? 9.036   -0.997  5.021   1.00 42.21 ? 20  ASP A O   1 
ATOM   144 C CB  . ASP A 1 21 ? 10.868  0.159   6.903   1.00 44.86 ? 20  ASP A CB  1 
ATOM   145 C CG  . ASP A 1 21 ? 10.940  -1.080  7.794   1.00 51.66 ? 20  ASP A CG  1 
ATOM   146 O OD1 . ASP A 1 21 ? 9.937   -1.413  8.473   1.00 56.41 ? 20  ASP A OD1 1 
ATOM   147 O OD2 . ASP A 1 21 ? 12.015  -1.721  7.819   1.00 60.43 ? 20  ASP A OD2 1 
ATOM   148 N N   . GLY A 1 22 ? 7.349   -0.588  6.440   1.00 39.03 ? 21  GLY A N   1 
ATOM   149 C CA  . GLY A 1 22 ? 6.480   -1.614  5.888   1.00 36.72 ? 21  GLY A CA  1 
ATOM   150 C C   . GLY A 1 22 ? 6.049   -1.291  4.466   1.00 34.80 ? 21  GLY A C   1 
ATOM   151 O O   . GLY A 1 22 ? 5.942   -0.121  4.084   1.00 32.79 ? 21  GLY A O   1 
ATOM   152 N N   . THR A 1 23 ? 5.799   -2.339  3.683   1.00 33.66 ? 22  THR A N   1 
ATOM   153 C CA  . THR A 1 23 ? 5.301   -2.184  2.319   1.00 33.10 ? 22  THR A CA  1 
ATOM   154 C C   . THR A 1 23 ? 3.912   -2.786  2.198   1.00 30.58 ? 22  THR A C   1 
ATOM   155 O O   . THR A 1 23 ? 3.458   -3.535  3.062   1.00 30.05 ? 22  THR A O   1 
ATOM   156 C CB  . THR A 1 23 ? 6.211   -2.905  1.315   1.00 32.49 ? 22  THR A CB  1 
ATOM   157 O OG1 . THR A 1 23 ? 6.274   -4.293  1.669   1.00 37.42 ? 22  THR A OG1 1 
ATOM   158 C CG2 . THR A 1 23 ? 7.622   -2.314  1.330   1.00 36.36 ? 22  THR A CG2 1 
ATOM   159 N N   . TYR A 1 24 ? 3.261   -2.491  1.085   1.00 28.35 ? 23  TYR A N   1 
ATOM   160 C CA  . TYR A 1 24 ? 1.977   -3.117  0.779   1.00 27.99 ? 23  TYR A CA  1 
ATOM   161 C C   . TYR A 1 24 ? 2.098   -4.641  0.792   1.00 26.16 ? 23  TYR A C   1 
ATOM   162 O O   . TYR A 1 24 ? 1.203   -5.320  1.273   1.00 28.06 ? 23  TYR A O   1 
ATOM   163 C CB  . TYR A 1 24 ? 1.416   -2.581  -0.549  1.00 27.48 ? 23  TYR A CB  1 
ATOM   164 C CG  . TYR A 1 24 ? 1.127   -1.109  -0.461  1.00 25.36 ? 23  TYR A CG  1 
ATOM   165 C CD1 . TYR A 1 24 ? 2.005   -0.175  -0.982  1.00 30.52 ? 23  TYR A CD1 1 
ATOM   166 C CD2 . TYR A 1 24 ? 0.015   -0.646  0.213   1.00 32.52 ? 23  TYR A CD2 1 
ATOM   167 C CE1 . TYR A 1 24 ? 1.761   1.188   -0.862  1.00 25.62 ? 23  TYR A CE1 1 
ATOM   168 C CE2 . TYR A 1 24 ? -0.250  0.713   0.316   1.00 32.20 ? 23  TYR A CE2 1 
ATOM   169 C CZ  . TYR A 1 24 ? 0.628   1.622   -0.223  1.00 27.81 ? 23  TYR A CZ  1 
ATOM   170 O OH  . TYR A 1 24 ? 0.370   2.972   -0.113  1.00 29.57 ? 23  TYR A OH  1 
ATOM   171 N N   . ALA A 1 25 ? 3.222   -5.171  0.316   1.00 25.42 ? 24  ALA A N   1 
ATOM   172 C CA  . ALA A 1 25 ? 3.470   -6.611  0.373   1.00 25.08 ? 24  ALA A CA  1 
ATOM   173 C C   . ALA A 1 25 ? 3.254   -7.142  1.780   1.00 26.95 ? 24  ALA A C   1 
ATOM   174 O O   . ALA A 1 25 ? 2.606   -8.185  1.972   1.00 24.75 ? 24  ALA A O   1 
ATOM   175 C CB  . ALA A 1 25 ? 4.886   -6.927  -0.092  1.00 26.49 ? 24  ALA A CB  1 
ATOM   176 N N   . ASP A 1 26 ? 3.787   -6.416  2.770   1.00 28.45 ? 25  ASP A N   1 
ATOM   177 C CA  . ASP A 1 26 ? 3.592   -6.791  4.166   1.00 30.52 ? 25  ASP A CA  1 
ATOM   178 C C   . ASP A 1 26 ? 2.122   -6.775  4.564   1.00 29.40 ? 25  ASP A C   1 
ATOM   179 O O   . ASP A 1 26 ? 1.680   -7.638  5.313   1.00 31.24 ? 25  ASP A O   1 
ATOM   180 C CB  . ASP A 1 26 ? 4.405   -5.893  5.107   1.00 32.58 ? 25  ASP A CB  1 
ATOM   181 C CG  . ASP A 1 26 ? 5.911   -6.039  4.895   1.00 40.35 ? 25  ASP A CG  1 
ATOM   182 O OD1 . ASP A 1 26 ? 6.407   -7.200  4.840   1.00 37.84 ? 25  ASP A OD1 1 
ATOM   183 O OD2 . ASP A 1 26 ? 6.591   -4.989  4.776   1.00 47.07 ? 25  ASP A OD2 1 
ATOM   184 N N   . LEU A 1 27 ? 1.350   -5.818  4.052   1.00 30.06 ? 26  LEU A N   1 
ATOM   185 C CA  . LEU A 1 27 ? -0.083  -5.769  4.382   1.00 28.01 ? 26  LEU A CA  1 
ATOM   186 C C   . LEU A 1 27 ? -0.812  -6.999  3.859   1.00 26.07 ? 26  LEU A C   1 
ATOM   187 O O   . LEU A 1 27 ? -1.681  -7.547  4.533   1.00 26.18 ? 26  LEU A O   1 
ATOM   188 C CB  . LEU A 1 27 ? -0.733  -4.486  3.852   1.00 28.50 ? 26  LEU A CB  1 
ATOM   189 C CG  . LEU A 1 27 ? -0.395  -3.174  4.578   1.00 30.24 ? 26  LEU A CG  1 
ATOM   190 C CD1 . LEU A 1 27 ? -1.195  -2.032  3.960   1.00 23.82 ? 26  LEU A CD1 1 
ATOM   191 C CD2 . LEU A 1 27 ? -0.665  -3.275  6.079   1.00 30.73 ? 26  LEU A CD2 1 
ATOM   192 N N   . VAL A 1 28 ? -0.453  -7.425  2.653   1.00 24.25 ? 27  VAL A N   1 
ATOM   193 C CA  . VAL A 1 28 ? -1.049  -8.615  2.041   1.00 23.46 ? 27  VAL A CA  1 
ATOM   194 C C   . VAL A 1 28 ? -0.705  -9.876  2.822   1.00 24.59 ? 27  VAL A C   1 
ATOM   195 O O   . VAL A 1 28 ? -1.572  -10.705 3.120   1.00 24.76 ? 27  VAL A O   1 
ATOM   196 C CB  . VAL A 1 28 ? -0.607  -8.751  0.567   1.00 24.06 ? 27  VAL A CB  1 
ATOM   197 C CG1 . VAL A 1 28 ? -1.050  -10.097 -0.032  1.00 21.68 ? 27  VAL A CG1 1 
ATOM   198 C CG2 . VAL A 1 28 ? -1.162  -7.560  -0.252  1.00 19.90 ? 27  VAL A CG2 1 
ATOM   199 N N   . ARG A 1 29 ? 0.563   -10.031 3.169   1.00 27.84 ? 28  ARG A N   1 
ATOM   200 C CA  . ARG A 1 29 ? 0.964   -11.197 3.941   1.00 29.90 ? 28  ARG A CA  1 
ATOM   201 C C   . ARG A 1 29 ? 0.273   -11.201 5.313   1.00 32.36 ? 28  ARG A C   1 
ATOM   202 O O   . ARG A 1 29 ? -0.079  -12.274 5.827   1.00 34.55 ? 28  ARG A O   1 
ATOM   203 C CB  . ARG A 1 29 ? 2.475   -11.237 4.107   1.00 30.08 ? 28  ARG A CB  1 
ATOM   204 C CG  . ARG A 1 29 ? 3.252   -11.510 2.828   1.00 28.46 ? 28  ARG A CG  1 
ATOM   205 C CD  . ARG A 1 29 ? 4.769   -11.393 3.082   1.00 27.42 ? 28  ARG A CD  1 
ATOM   206 N NE  . ARG A 1 29 ? 5.466   -10.922 1.888   1.00 40.23 ? 28  ARG A NE  1 
ATOM   207 C CZ  . ARG A 1 29 ? 6.166   -9.791  1.770   1.00 41.69 ? 28  ARG A CZ  1 
ATOM   208 N NH1 . ARG A 1 29 ? 6.321   -8.957  2.793   1.00 39.01 ? 28  ARG A NH1 1 
ATOM   209 N NH2 . ARG A 1 29 ? 6.736   -9.506  0.597   1.00 47.26 ? 28  ARG A NH2 1 
ATOM   210 N N   . ALA A 1 30 ? 0.047   -10.011 5.890   1.00 33.05 ? 29  ALA A N   1 
ATOM   211 C CA  . ALA A 1 30 ? -0.599  -9.906  7.221   1.00 33.00 ? 29  ALA A CA  1 
ATOM   212 C C   . ALA A 1 30 ? -2.023  -10.427 7.215   1.00 32.71 ? 29  ALA A C   1 
ATOM   213 O O   . ALA A 1 30 ? -2.511  -10.871 8.243   1.00 34.53 ? 29  ALA A O   1 
ATOM   214 C CB  . ALA A 1 30 ? -0.553  -8.468  7.757   1.00 31.81 ? 29  ALA A CB  1 
ATOM   215 N N   . VAL A 1 31 ? -2.691  -10.375 6.063   1.00 33.46 ? 30  VAL A N   1 
ATOM   216 C CA  . VAL A 1 31 ? -4.033  -10.965 5.927   1.00 33.50 ? 30  VAL A CA  1 
ATOM   217 C C   . VAL A 1 31 ? -4.017  -12.342 5.263   1.00 34.67 ? 30  VAL A C   1 
ATOM   218 O O   . VAL A 1 31 ? -5.032  -12.788 4.724   1.00 36.02 ? 30  VAL A O   1 
ATOM   219 C CB  . VAL A 1 31 ? -5.013  -10.019 5.189   1.00 31.97 ? 30  VAL A CB  1 
ATOM   220 C CG1 . VAL A 1 31 ? -5.144  -8.729  5.960   1.00 32.16 ? 30  VAL A CG1 1 
ATOM   221 C CG2 . VAL A 1 31 ? -4.555  -9.757  3.758   1.00 28.12 ? 30  VAL A CG2 1 
ATOM   222 N N   . ASP A 1 32 ? -2.866  -13.010 5.323   1.00 36.89 ? 31  ASP A N   1 
ATOM   223 C CA  . ASP A 1 32 ? -2.726  -14.411 4.897   1.00 38.60 ? 31  ASP A CA  1 
ATOM   224 C C   . ASP A 1 32 ? -2.999  -14.659 3.396   1.00 37.03 ? 31  ASP A C   1 
ATOM   225 O O   . ASP A 1 32 ? -3.539  -15.694 3.007   1.00 38.30 ? 31  ASP A O   1 
ATOM   226 C CB  . ASP A 1 32 ? -3.600  -15.318 5.777   1.00 41.26 ? 31  ASP A CB  1 
ATOM   227 C CG  . ASP A 1 32 ? -3.368  -15.091 7.279   1.00 52.47 ? 31  ASP A CG  1 
ATOM   228 O OD1 . ASP A 1 32 ? -4.373  -15.026 8.030   1.00 64.82 ? 31  ASP A OD1 1 
ATOM   229 O OD2 . ASP A 1 32 ? -2.190  -14.963 7.707   1.00 62.61 ? 31  ASP A OD2 1 
ATOM   230 N N   . LEU A 1 33 ? -2.605  -13.701 2.562   1.00 34.23 ? 32  LEU A N   1 
ATOM   231 C CA  . LEU A 1 33 ? -2.641  -13.860 1.110   1.00 33.47 ? 32  LEU A CA  1 
ATOM   232 C C   . LEU A 1 33 ? -1.227  -13.667 0.555   1.00 32.99 ? 32  LEU A C   1 
ATOM   233 O O   . LEU A 1 33 ? -0.331  -13.234 1.291   1.00 31.23 ? 32  LEU A O   1 
ATOM   234 C CB  . LEU A 1 33 ? -3.613  -12.845 0.479   1.00 31.96 ? 32  LEU A CB  1 
ATOM   235 C CG  . LEU A 1 33 ? -5.088  -13.061 0.817   1.00 29.48 ? 32  LEU A CG  1 
ATOM   236 C CD1 . LEU A 1 33 ? -5.953  -11.886 0.385   1.00 29.08 ? 32  LEU A CD1 1 
ATOM   237 C CD2 . LEU A 1 33 ? -5.575  -14.339 0.165   1.00 31.49 ? 32  LEU A CD2 1 
ATOM   238 N N   . SER A 1 34 ? -1.028  -13.981 -0.730  1.00 32.50 ? 33  SER A N   1 
ATOM   239 C CA  . SER A 1 34 ? 0.251   -13.712 -1.389  1.00 32.73 ? 33  SER A CA  1 
ATOM   240 C C   . SER A 1 34 ? 0.148   -12.533 -2.358  1.00 31.65 ? 33  SER A C   1 
ATOM   241 O O   . SER A 1 34 ? -0.800  -12.421 -3.143  1.00 32.78 ? 33  SER A O   1 
ATOM   242 C CB  . SER A 1 34 ? 0.782   -14.948 -2.117  1.00 35.81 ? 33  SER A CB  1 
ATOM   243 O OG  . SER A 1 34 ? 2.087   -14.703 -2.647  1.00 38.38 ? 33  SER A OG  1 
ATOM   244 N N   . PRO A 1 35 ? 1.138   -11.634 -2.310  1.00 30.56 ? 34  PRO A N   1 
ATOM   245 C CA  . PRO A 1 35 ? 1.091   -10.468 -3.173  1.00 29.84 ? 34  PRO A CA  1 
ATOM   246 C C   . PRO A 1 35 ? 0.971   -10.794 -4.655  1.00 30.97 ? 34  PRO A C   1 
ATOM   247 O O   . PRO A 1 35 ? 0.395   -10.005 -5.398  1.00 32.37 ? 34  PRO A O   1 
ATOM   248 C CB  . PRO A 1 35 ? 2.425   -9.774  -2.909  1.00 28.00 ? 34  PRO A CB  1 
ATOM   249 C CG  . PRO A 1 35 ? 2.876   -10.269 -1.622  1.00 30.49 ? 34  PRO A CG  1 
ATOM   250 C CD  . PRO A 1 35 ? 2.291   -11.607 -1.396  1.00 30.26 ? 34  PRO A CD  1 
ATOM   251 N N   . HIS A 1 36 ? 1.523   -11.931 -5.085  1.00 31.46 ? 35  HIS A N   1 
ATOM   252 C CA  . HIS A 1 36 ? 1.475   -12.319 -6.502  1.00 31.48 ? 35  HIS A CA  1 
ATOM   253 C C   . HIS A 1 36 ? 0.042   -12.689 -6.947  1.00 30.46 ? 35  HIS A C   1 
ATOM   254 O O   . HIS A 1 36 ? -0.262  -12.699 -8.139  1.00 33.04 ? 35  HIS A O   1 
ATOM   255 C CB  . HIS A 1 36 ? 2.491   -13.456 -6.788  1.00 31.92 ? 35  HIS A CB  1 
ATOM   256 C CG  . HIS A 1 36 ? 1.965   -14.833 -6.523  1.00 28.65 ? 35  HIS A CG  1 
ATOM   257 N ND1 . HIS A 1 36 ? 1.941   -15.394 -5.266  1.00 31.52 ? 35  HIS A ND1 1 
ATOM   258 C CD2 . HIS A 1 36 ? 1.447   -15.764 -7.360  1.00 29.97 ? 35  HIS A CD2 1 
ATOM   259 C CE1 . HIS A 1 36 ? 1.421   -16.609 -5.336  1.00 32.92 ? 35  HIS A CE1 1 
ATOM   260 N NE2 . HIS A 1 36 ? 1.120   -16.860 -6.598  1.00 28.07 ? 35  HIS A NE2 1 
ATOM   261 N N   . GLU A 1 37 ? -0.815  -12.979 -5.970  1.00 29.22 ? 36  GLU A N   1 
ATOM   262 C CA  . GLU A 1 37 ? -2.184  -13.433 -6.175  1.00 30.34 ? 36  GLU A CA  1 
ATOM   263 C C   . GLU A 1 37 ? -3.186  -12.285 -6.176  1.00 28.73 ? 36  GLU A C   1 
ATOM   264 O O   . GLU A 1 37 ? -4.380  -12.519 -6.363  1.00 29.66 ? 36  GLU A O   1 
ATOM   265 C CB  . GLU A 1 37 ? -2.607  -14.338 -5.010  1.00 31.56 ? 36  GLU A CB  1 
ATOM   266 C CG  . GLU A 1 37 ? -2.342  -15.803 -5.154  1.00 40.37 ? 36  GLU A CG  1 
ATOM   267 C CD  . GLU A 1 37 ? -2.549  -16.550 -3.840  1.00 49.07 ? 36  GLU A CD  1 
ATOM   268 O OE1 . GLU A 1 37 ? -2.672  -15.894 -2.758  1.00 47.18 ? 36  GLU A OE1 1 
ATOM   269 O OE2 . GLU A 1 37 ? -2.563  -17.803 -3.903  1.00 52.53 ? 36  GLU A OE2 1 
ATOM   270 N N   . VAL A 1 38 ? -2.732  -11.064 -5.913  1.00 25.67 ? 37  VAL A N   1 
ATOM   271 C CA  . VAL A 1 38 ? -3.654  -9.977  -5.612  1.00 24.64 ? 37  VAL A CA  1 
ATOM   272 C C   . VAL A 1 38 ? -3.192  -8.705  -6.279  1.00 26.18 ? 37  VAL A C   1 
ATOM   273 O O   . VAL A 1 38 ? -2.032  -8.602  -6.676  1.00 26.62 ? 37  VAL A O   1 
ATOM   274 C CB  . VAL A 1 38 ? -3.773  -9.725  -4.070  1.00 24.26 ? 37  VAL A CB  1 
ATOM   275 C CG1 . VAL A 1 38 ? -4.132  -11.014 -3.300  1.00 22.08 ? 37  VAL A CG1 1 
ATOM   276 C CG2 . VAL A 1 38 ? -2.497  -9.142  -3.515  1.00 22.11 ? 37  VAL A CG2 1 
ATOM   277 N N   . THR A 1 39 ? -4.116  -7.756  -6.423  1.00 26.88 ? 38  THR A N   1 
ATOM   278 C CA  . THR A 1 39 ? -3.794  -6.343  -6.690  1.00 27.12 ? 38  THR A CA  1 
ATOM   279 C C   . THR A 1 39 ? -4.152  -5.513  -5.431  1.00 25.79 ? 38  THR A C   1 
ATOM   280 O O   . THR A 1 39 ? -5.212  -5.699  -4.831  1.00 25.29 ? 38  THR A O   1 
ATOM   281 C CB  . THR A 1 39 ? -4.583  -5.819  -7.917  1.00 28.42 ? 38  THR A CB  1 
ATOM   282 O OG1 . THR A 1 39 ? -4.254  -6.609  -9.074  1.00 33.60 ? 38  THR A OG1 1 
ATOM   283 C CG2 . THR A 1 39 ? -4.272  -4.344  -8.203  1.00 27.94 ? 38  THR A CG2 1 
ATOM   284 N N   . VAL A 1 40 ? -3.252  -4.625  -5.021  1.00 25.89 ? 39  VAL A N   1 
ATOM   285 C CA  . VAL A 1 40 ? -3.488  -3.749  -3.886  1.00 25.76 ? 39  VAL A CA  1 
ATOM   286 C C   . VAL A 1 40 ? -3.872  -2.395  -4.440  1.00 26.18 ? 39  VAL A C   1 
ATOM   287 O O   . VAL A 1 40 ? -3.206  -1.891  -5.335  1.00 28.32 ? 39  VAL A O   1 
ATOM   288 C CB  . VAL A 1 40 ? -2.234  -3.603  -3.004  1.00 26.03 ? 39  VAL A CB  1 
ATOM   289 C CG1 . VAL A 1 40 ? -2.491  -2.624  -1.836  1.00 24.55 ? 39  VAL A CG1 1 
ATOM   290 C CG2 . VAL A 1 40 ? -1.788  -4.977  -2.476  1.00 23.17 ? 39  VAL A CG2 1 
ATOM   291 N N   . LEU A 1 41 ? -4.949  -1.821  -3.910  1.00 25.92 ? 40  LEU A N   1 
ATOM   292 C CA  . LEU A 1 41 ? -5.475  -0.546  -4.382  1.00 27.74 ? 40  LEU A CA  1 
ATOM   293 C C   . LEU A 1 41 ? -5.548  0.499   -3.272  1.00 29.75 ? 40  LEU A C   1 
ATOM   294 O O   . LEU A 1 41 ? -6.077  0.227   -2.177  1.00 26.80 ? 40  LEU A O   1 
ATOM   295 C CB  . LEU A 1 41 ? -6.871  -0.743  -4.952  1.00 26.20 ? 40  LEU A CB  1 
ATOM   296 C CG  . LEU A 1 41 ? -6.927  -1.751  -6.096  1.00 31.05 ? 40  LEU A CG  1 
ATOM   297 C CD1 . LEU A 1 41 ? -8.173  -2.596  -5.959  1.00 33.76 ? 40  LEU A CD1 1 
ATOM   298 C CD2 . LEU A 1 41 ? -6.875  -1.041  -7.437  1.00 38.53 ? 40  LEU A CD2 1 
ATOM   299 N N   . VAL A 1 42 ? -5.026  1.691   -3.578  1.00 32.45 ? 41  VAL A N   1 
ATOM   300 C CA  . VAL A 1 42 ? -5.114  2.858   -2.698  1.00 35.56 ? 41  VAL A CA  1 
ATOM   301 C C   . VAL A 1 42 ? -5.954  3.906   -3.425  1.00 39.05 ? 41  VAL A C   1 
ATOM   302 O O   . VAL A 1 42 ? -5.603  4.345   -4.531  1.00 40.18 ? 41  VAL A O   1 
ATOM   303 C CB  . VAL A 1 42 ? -3.717  3.439   -2.372  1.00 36.46 ? 41  VAL A CB  1 
ATOM   304 C CG1 . VAL A 1 42 ? -3.844  4.737   -1.582  1.00 30.53 ? 41  VAL A CG1 1 
ATOM   305 C CG2 . VAL A 1 42 ? -2.867  2.418   -1.615  1.00 35.71 ? 41  VAL A CG2 1 
ATOM   306 N N   . ASP A 1 43 ? -7.073  4.281   -2.811  1.00 42.33 ? 42  ASP A N   1 
ATOM   307 C CA  . ASP A 1 43 ? -8.070  5.144   -3.452  1.00 46.08 ? 42  ASP A CA  1 
ATOM   308 C C   . ASP A 1 43 ? -8.419  4.666   -4.874  1.00 45.76 ? 42  ASP A C   1 
ATOM   309 O O   . ASP A 1 43 ? -8.441  5.452   -5.819  1.00 46.20 ? 42  ASP A O   1 
ATOM   310 C CB  . ASP A 1 43 ? -7.596  6.616   -3.459  1.00 47.51 ? 42  ASP A CB  1 
ATOM   311 C CG  . ASP A 1 43 ? -7.894  7.356   -2.140  1.00 54.97 ? 42  ASP A CG  1 
ATOM   312 O OD1 . ASP A 1 43 ? -8.693  6.862   -1.299  1.00 52.43 ? 42  ASP A OD1 1 
ATOM   313 O OD2 . ASP A 1 43 ? -7.328  8.459   -1.963  1.00 61.02 ? 42  ASP A OD2 1 
ATOM   314 N N   . GLY A 1 44 ? -8.677  3.367   -5.017  1.00 45.05 ? 43  GLY A N   1 
ATOM   315 C CA  . GLY A 1 44 ? -9.119  2.803   -6.290  1.00 44.39 ? 43  GLY A CA  1 
ATOM   316 C C   . GLY A 1 44 ? -8.065  2.578   -7.363  1.00 42.93 ? 43  GLY A C   1 
ATOM   317 O O   . GLY A 1 44 ? -8.366  1.980   -8.400  1.00 45.48 ? 43  GLY A O   1 
ATOM   318 N N   . ARG A 1 45 ? -6.840  3.038   -7.140  1.00 40.29 ? 44  ARG A N   1 
ATOM   319 C CA  . ARG A 1 45 ? -5.782  2.862   -8.118  1.00 40.10 ? 44  ARG A CA  1 
ATOM   320 C C   . ARG A 1 45 ? -4.782  1.855   -7.562  1.00 40.41 ? 44  ARG A C   1 
ATOM   321 O O   . ARG A 1 45 ? -4.498  1.868   -6.369  1.00 40.85 ? 44  ARG A O   1 
ATOM   322 C CB  . ARG A 1 45 ? -5.100  4.203   -8.424  1.00 39.96 ? 44  ARG A CB  1 
ATOM   323 N N   . PRO A 1 46 ? -4.235  0.983   -8.423  1.00 40.61 ? 45  PRO A N   1 
ATOM   324 C CA  . PRO A 1 46 ? -3.298  -0.024  -7.963  1.00 40.55 ? 45  PRO A CA  1 
ATOM   325 C C   . PRO A 1 46 ? -1.953  0.566   -7.560  1.00 41.26 ? 45  PRO A C   1 
ATOM   326 O O   . PRO A 1 46 ? -1.541  1.594   -8.100  1.00 42.22 ? 45  PRO A O   1 
ATOM   327 C CB  . PRO A 1 46 ? -3.133  -0.942  -9.180  1.00 40.75 ? 45  PRO A CB  1 
ATOM   328 C CG  . PRO A 1 46 ? -3.405  -0.078  -10.327 1.00 44.11 ? 45  PRO A CG  1 
ATOM   329 C CD  . PRO A 1 46 ? -4.438  0.915   -9.880  1.00 42.79 ? 45  PRO A CD  1 
ATOM   330 N N   . VAL A 1 47 ? -1.295  -0.082  -6.601  1.00 39.80 ? 46  VAL A N   1 
ATOM   331 C CA  . VAL A 1 47 ? 0.028   0.314   -6.162  1.00 39.17 ? 46  VAL A CA  1 
ATOM   332 C C   . VAL A 1 47 ? 0.902   -0.929  -6.225  1.00 40.30 ? 46  VAL A C   1 
ATOM   333 O O   . VAL A 1 47 ? 0.392   -2.038  -6.067  1.00 40.74 ? 46  VAL A O   1 
ATOM   334 C CB  . VAL A 1 47 ? 0.006   0.932   -4.741  1.00 38.41 ? 46  VAL A CB  1 
ATOM   335 C CG1 . VAL A 1 47 ? -0.948  2.108   -4.702  1.00 40.21 ? 46  VAL A CG1 1 
ATOM   336 C CG2 . VAL A 1 47 ? -0.388  -0.087  -3.682  1.00 35.18 ? 46  VAL A CG2 1 
ATOM   337 N N   . PRO A 1 48 ? 2.211   -0.764  -6.505  1.00 41.76 ? 47  PRO A N   1 
ATOM   338 C CA  . PRO A 1 48 ? 3.081   -1.946  -6.528  1.00 42.19 ? 47  PRO A CA  1 
ATOM   339 C C   . PRO A 1 48 ? 3.344   -2.465  -5.123  1.00 41.09 ? 47  PRO A C   1 
ATOM   340 O O   . PRO A 1 48 ? 3.473   -1.679  -4.199  1.00 40.67 ? 47  PRO A O   1 
ATOM   341 C CB  . PRO A 1 48 ? 4.381   -1.436  -7.162  1.00 43.56 ? 47  PRO A CB  1 
ATOM   342 C CG  . PRO A 1 48 ? 4.107   -0.031  -7.604  1.00 43.87 ? 47  PRO A CG  1 
ATOM   343 C CD  . PRO A 1 48 ? 2.947   0.469   -6.837  1.00 42.29 ? 47  PRO A CD  1 
ATOM   344 N N   . GLU A 1 49 ? 3.437   -3.781  -4.988  1.00 42.24 ? 48  GLU A N   1 
ATOM   345 C CA  . GLU A 1 49 ? 3.593   -4.430  -3.694  1.00 43.79 ? 48  GLU A CA  1 
ATOM   346 C C   . GLU A 1 49 ? 4.822   -3.949  -2.905  1.00 43.11 ? 48  GLU A C   1 
ATOM   347 O O   . GLU A 1 49 ? 4.778   -3.898  -1.672  1.00 43.12 ? 48  GLU A O   1 
ATOM   348 C CB  . GLU A 1 49 ? 3.657   -5.957  -3.873  1.00 44.76 ? 48  GLU A CB  1 
ATOM   349 C CG  . GLU A 1 49 ? 4.950   -6.481  -4.566  1.00 54.89 ? 48  GLU A CG  1 
ATOM   350 C CD  . GLU A 1 49 ? 4.922   -7.989  -4.860  1.00 61.28 ? 48  GLU A CD  1 
ATOM   351 O OE1 . GLU A 1 49 ? 4.035   -8.448  -5.627  1.00 66.00 ? 48  GLU A OE1 1 
ATOM   352 O OE2 . GLU A 1 49 ? 5.799   -8.710  -4.331  1.00 62.62 ? 48  GLU A OE2 1 
ATOM   353 N N   . ASP A 1 50 ? 5.904   -3.610  -3.610  1.00 43.67 ? 49  ASP A N   1 
ATOM   354 C CA  . ASP A 1 50 ? 7.186   -3.246  -2.973  1.00 44.34 ? 49  ASP A CA  1 
ATOM   355 C C   . ASP A 1 50 ? 7.253   -1.785  -2.509  1.00 43.67 ? 49  ASP A C   1 
ATOM   356 O O   . ASP A 1 50 ? 8.251   -1.377  -1.911  1.00 44.68 ? 49  ASP A O   1 
ATOM   357 C CB  . ASP A 1 50 ? 8.368   -3.548  -3.911  1.00 44.70 ? 49  ASP A CB  1 
ATOM   358 N N   . GLN A 1 51 ? 6.207   -1.006  -2.773  1.00 43.08 ? 50  GLN A N   1 
ATOM   359 C CA  . GLN A 1 51 ? 6.186   0.398   -2.383  1.00 42.84 ? 50  GLN A CA  1 
ATOM   360 C C   . GLN A 1 51 ? 5.952   0.535   -0.877  1.00 43.70 ? 50  GLN A C   1 
ATOM   361 O O   . GLN A 1 51 ? 5.212   -0.242  -0.263  1.00 42.61 ? 50  GLN A O   1 
ATOM   362 C CB  . GLN A 1 51 ? 5.121   1.181   -3.160  1.00 42.39 ? 50  GLN A CB  1 
ATOM   363 C CG  . GLN A 1 51 ? 5.136   2.699   -2.912  1.00 43.97 ? 50  GLN A CG  1 
ATOM   364 C CD  . GLN A 1 51 ? 4.097   3.459   -3.738  1.00 46.60 ? 50  GLN A CD  1 
ATOM   365 O OE1 . GLN A 1 51 ? 3.896   3.182   -4.914  1.00 59.01 ? 50  GLN A OE1 1 
ATOM   366 N NE2 . GLN A 1 51 ? 3.450   4.431   -3.122  1.00 51.56 ? 50  GLN A NE2 1 
ATOM   367 N N   . SER A 1 52 ? 6.611   1.537   -0.303  1.00 43.89 ? 51  SER A N   1 
ATOM   368 C CA  . SER A 1 52 ? 6.487   1.862   1.102   1.00 43.57 ? 51  SER A CA  1 
ATOM   369 C C   . SER A 1 52 ? 5.098   2.459   1.352   1.00 39.99 ? 51  SER A C   1 
ATOM   370 O O   . SER A 1 52 ? 4.613   3.274   0.565   1.00 40.59 ? 51  SER A O   1 
ATOM   371 C CB  . SER A 1 52 ? 7.587   2.858   1.480   1.00 44.33 ? 51  SER A CB  1 
ATOM   372 O OG  . SER A 1 52 ? 7.599   3.112   2.872   1.00 54.18 ? 51  SER A OG  1 
ATOM   373 N N   . VAL A 1 53 ? 4.452   2.027   2.427   1.00 35.74 ? 52  VAL A N   1 
ATOM   374 C CA  . VAL A 1 53 ? 3.148   2.567   2.808   1.00 33.89 ? 52  VAL A CA  1 
ATOM   375 C C   . VAL A 1 53 ? 3.253   4.048   3.226   1.00 35.87 ? 52  VAL A C   1 
ATOM   376 O O   . VAL A 1 53 ? 2.396   4.866   2.876   1.00 37.32 ? 52  VAL A O   1 
ATOM   377 C CB  . VAL A 1 53 ? 2.511   1.731   3.941   1.00 32.80 ? 52  VAL A CB  1 
ATOM   378 C CG1 . VAL A 1 53 ? 1.197   2.347   4.375   1.00 33.76 ? 52  VAL A CG1 1 
ATOM   379 C CG2 . VAL A 1 53 ? 2.283   0.284   3.485   1.00 23.23 ? 52  VAL A CG2 1 
ATOM   380 N N   . GLU A 1 54 ? 4.313   4.381   3.961   1.00 37.43 ? 53  GLU A N   1 
ATOM   381 C CA  . GLU A 1 54 ? 4.633   5.766   4.323   1.00 38.48 ? 53  GLU A CA  1 
ATOM   382 C C   . GLU A 1 54 ? 5.519   6.394   3.239   1.00 38.56 ? 53  GLU A C   1 
ATOM   383 O O   . GLU A 1 54 ? 6.579   5.844   2.898   1.00 38.65 ? 53  GLU A O   1 
ATOM   384 C CB  . GLU A 1 54 ? 5.351   5.814   5.681   1.00 38.98 ? 53  GLU A CB  1 
ATOM   385 C CG  . GLU A 1 54 ? 5.354   7.188   6.375   1.00 44.52 ? 53  GLU A CG  1 
ATOM   386 N N   . VAL A 1 55 ? 5.070   7.537   2.712   1.00 37.74 ? 54  VAL A N   1 
ATOM   387 C CA  . VAL A 1 55 ? 5.803   8.326   1.701   1.00 37.22 ? 54  VAL A CA  1 
ATOM   388 C C   . VAL A 1 55 ? 6.728   9.379   2.327   1.00 36.72 ? 54  VAL A C   1 
ATOM   389 O O   . VAL A 1 55 ? 6.257   10.355  2.918   1.00 37.22 ? 54  VAL A O   1 
ATOM   390 C CB  . VAL A 1 55 ? 4.801   9.066   0.772   1.00 37.15 ? 54  VAL A CB  1 
ATOM   391 C CG1 . VAL A 1 55 ? 5.498   10.137  -0.052  1.00 33.77 ? 54  VAL A CG1 1 
ATOM   392 C CG2 . VAL A 1 55 ? 4.100   8.078   -0.129  1.00 37.54 ? 54  VAL A CG2 1 
ATOM   393 N N   . ASP A 1 56 ? 8.037   9.202   2.164   1.00 36.63 ? 55  ASP A N   1 
ATOM   394 C CA  . ASP A 1 56 ? 9.021   10.147  2.715   1.00 39.13 ? 55  ASP A CA  1 
ATOM   395 C C   . ASP A 1 56 ? 9.639   11.108  1.683   1.00 36.79 ? 55  ASP A C   1 
ATOM   396 O O   . ASP A 1 56 ? 10.309  12.085  2.064   1.00 36.02 ? 55  ASP A O   1 
ATOM   397 C CB  . ASP A 1 56 ? 10.141  9.365   3.436   1.00 42.97 ? 55  ASP A CB  1 
ATOM   398 C CG  . ASP A 1 56 ? 9.641   8.673   4.719   1.00 53.03 ? 55  ASP A CG  1 
ATOM   399 O OD1 . ASP A 1 56 ? 8.954   9.347   5.525   1.00 65.45 ? 55  ASP A OD1 1 
ATOM   400 O OD2 . ASP A 1 56 ? 9.921   7.461   4.917   1.00 63.65 ? 55  ASP A OD2 1 
ATOM   401 N N   A ARG A 1 57 ? 9.408   10.836  0.397   0.50 35.69 ? 56  ARG A N   1 
ATOM   402 N N   B ARG A 1 57 ? 9.413   10.828  0.398   0.50 34.87 ? 56  ARG A N   1 
ATOM   403 C CA  A ARG A 1 57 ? 10.039  11.582  -0.693  0.50 34.82 ? 56  ARG A CA  1 
ATOM   404 C CA  B ARG A 1 57 ? 10.024  11.580  -0.697  0.50 33.30 ? 56  ARG A CA  1 
ATOM   405 C C   A ARG A 1 57 ? 9.096   11.676  -1.898  0.50 32.58 ? 56  ARG A C   1 
ATOM   406 C C   B ARG A 1 57 ? 9.071   11.681  -1.887  0.50 31.72 ? 56  ARG A C   1 
ATOM   407 O O   A ARG A 1 57 ? 8.511   10.680  -2.316  0.50 31.94 ? 56  ARG A O   1 
ATOM   408 O O   B ARG A 1 57 ? 8.453   10.697  -2.284  0.50 31.07 ? 56  ARG A O   1 
ATOM   409 C CB  A ARG A 1 57 ? 11.344  10.892  -1.103  0.50 35.37 ? 56  ARG A CB  1 
ATOM   410 C CB  B ARG A 1 57 ? 11.322  10.902  -1.138  0.50 33.09 ? 56  ARG A CB  1 
ATOM   411 C CG  A ARG A 1 57 ? 12.497  11.841  -1.360  0.50 37.58 ? 56  ARG A CG  1 
ATOM   412 C CG  B ARG A 1 57 ? 12.184  11.753  -2.042  0.50 30.98 ? 56  ARG A CG  1 
ATOM   413 C CD  A ARG A 1 57 ? 13.638  11.173  -2.122  0.50 37.79 ? 56  ARG A CD  1 
ATOM   414 C CD  B ARG A 1 57 ? 13.552  11.117  -2.298  0.50 25.86 ? 56  ARG A CD  1 
ATOM   415 N NE  A ARG A 1 57 ? 14.143  12.061  -3.163  0.50 36.87 ? 56  ARG A NE  1 
ATOM   416 N NE  B ARG A 1 57 ? 14.538  12.137  -2.628  0.50 16.14 ? 56  ARG A NE  1 
ATOM   417 C CZ  A ARG A 1 57 ? 14.981  13.065  -2.941  0.50 37.69 ? 56  ARG A CZ  1 
ATOM   418 C CZ  B ARG A 1 57 ? 14.552  12.835  -3.759  0.50 15.53 ? 56  ARG A CZ  1 
ATOM   419 N NH1 A ARG A 1 57 ? 15.428  13.296  -1.715  0.50 37.65 ? 56  ARG A NH1 1 
ATOM   420 N NH1 B ARG A 1 57 ? 13.633  12.632  -4.698  0.50 13.61 ? 56  ARG A NH1 1 
ATOM   421 N NH2 A ARG A 1 57 ? 15.375  13.830  -3.946  0.50 40.89 ? 56  ARG A NH2 1 
ATOM   422 N NH2 B ARG A 1 57 ? 15.489  13.748  -3.945  0.50 20.78 ? 56  ARG A NH2 1 
ATOM   423 N N   . VAL A 1 58 ? 8.966   12.877  -2.456  1.00 31.22 ? 57  VAL A N   1 
ATOM   424 C CA  . VAL A 1 58 ? 8.117   13.119  -3.625  1.00 29.81 ? 57  VAL A CA  1 
ATOM   425 C C   . VAL A 1 58 ? 8.894   13.924  -4.676  1.00 26.58 ? 57  VAL A C   1 
ATOM   426 O O   . VAL A 1 58 ? 9.762   14.720  -4.341  1.00 26.11 ? 57  VAL A O   1 
ATOM   427 C CB  . VAL A 1 58 ? 6.846   13.890  -3.199  1.00 29.93 ? 57  VAL A CB  1 
ATOM   428 C CG1 . VAL A 1 58 ? 6.089   14.380  -4.397  1.00 34.98 ? 57  VAL A CG1 1 
ATOM   429 C CG2 . VAL A 1 58 ? 5.956   12.995  -2.326  1.00 29.43 ? 57  VAL A CG2 1 
ATOM   430 N N   . LYS A 1 59 ? 8.594   13.679  -5.949  1.00 25.22 ? 58  LYS A N   1 
ATOM   431 C CA  . LYS A 1 59 ? 9.098   14.499  -7.047  1.00 24.66 ? 58  LYS A CA  1 
ATOM   432 C C   . LYS A 1 59 ? 7.956   15.325  -7.606  1.00 21.86 ? 58  LYS A C   1 
ATOM   433 O O   . LYS A 1 59 ? 6.849   14.842  -7.716  1.00 22.12 ? 58  LYS A O   1 
ATOM   434 C CB  . LYS A 1 59 ? 9.704   13.638  -8.158  1.00 25.07 ? 58  LYS A CB  1 
ATOM   435 C CG  . LYS A 1 59 ? 11.052  13.040  -7.811  1.00 29.72 ? 58  LYS A CG  1 
ATOM   436 C CD  . LYS A 1 59 ? 11.591  12.183  -8.943  1.00 34.87 ? 58  LYS A CD  1 
ATOM   437 C CE  . LYS A 1 59 ? 12.876  11.480  -8.532  1.00 37.98 ? 58  LYS A CE  1 
ATOM   438 N NZ  . LYS A 1 59 ? 13.392  10.559  -9.582  1.00 38.20 ? 58  LYS A NZ  1 
ATOM   439 N N   . VAL A 1 60 ? 8.241   16.574  -7.941  1.00 22.10 ? 59  VAL A N   1 
ATOM   440 C CA  . VAL A 1 60 ? 7.291   17.444  -8.601  1.00 22.32 ? 59  VAL A CA  1 
ATOM   441 C C   . VAL A 1 60 ? 7.889   17.829  -9.942  1.00 23.54 ? 59  VAL A C   1 
ATOM   442 O O   . VAL A 1 60 ? 8.951   18.435  -10.003 1.00 24.33 ? 59  VAL A O   1 
ATOM   443 C CB  . VAL A 1 60 ? 6.993   18.702  -7.771  1.00 23.99 ? 59  VAL A CB  1 
ATOM   444 C CG1 . VAL A 1 60 ? 6.037   19.608  -8.526  1.00 19.83 ? 59  VAL A CG1 1 
ATOM   445 C CG2 . VAL A 1 60 ? 6.402   18.308  -6.397  1.00 18.57 ? 59  VAL A CG2 1 
ATOM   446 N N   . LEU A 1 61 ? 7.197   17.458  -11.017 1.00 23.80 ? 60  LEU A N   1 
ATOM   447 C CA  . LEU A 1 61 ? 7.665   17.697  -12.378 1.00 22.90 ? 60  LEU A CA  1 
ATOM   448 C C   . LEU A 1 61 ? 6.778   18.743  -13.074 1.00 21.89 ? 60  LEU A C   1 
ATOM   449 O O   . LEU A 1 61 ? 5.587   18.521  -13.277 1.00 19.52 ? 60  LEU A O   1 
ATOM   450 C CB  . LEU A 1 61 ? 7.624   16.365  -13.140 1.00 23.80 ? 60  LEU A CB  1 
ATOM   451 C CG  . LEU A 1 61 ? 8.106   16.332  -14.593 1.00 25.93 ? 60  LEU A CG  1 
ATOM   452 C CD1 . LEU A 1 61 ? 9.607   16.562  -14.668 1.00 20.49 ? 60  LEU A CD1 1 
ATOM   453 C CD2 . LEU A 1 61 ? 7.715   14.988  -15.204 1.00 21.91 ? 60  LEU A CD2 1 
ATOM   454 N N   . ARG A 1 62 ? 7.362   19.876  -13.441 1.00 24.36 ? 61  ARG A N   1 
ATOM   455 C CA  . ARG A 1 62 ? 6.642   20.902  -14.193 1.00 28.05 ? 61  ARG A CA  1 
ATOM   456 C C   . ARG A 1 62 ? 6.158   20.364  -15.539 1.00 29.83 ? 61  ARG A C   1 
ATOM   457 O O   . ARG A 1 62 ? 6.924   19.740  -16.274 1.00 30.35 ? 61  ARG A O   1 
ATOM   458 C CB  . ARG A 1 62 ? 7.535   22.112  -14.452 1.00 29.89 ? 61  ARG A CB  1 
ATOM   459 C CG  . ARG A 1 62 ? 7.777   23.041  -13.245 1.00 35.39 ? 61  ARG A CG  1 
ATOM   460 C CD  . ARG A 1 62 ? 8.538   24.268  -13.733 1.00 44.81 ? 61  ARG A CD  1 
ATOM   461 N NE  . ARG A 1 62 ? 9.032   25.133  -12.661 1.00 52.19 ? 61  ARG A NE  1 
ATOM   462 C CZ  . ARG A 1 62 ? 8.398   26.205  -12.182 1.00 55.08 ? 61  ARG A CZ  1 
ATOM   463 N NH1 . ARG A 1 62 ? 7.194   26.564  -12.643 1.00 54.38 ? 61  ARG A NH1 1 
ATOM   464 N NH2 . ARG A 1 62 ? 8.970   26.916  -11.214 1.00 55.94 ? 61  ARG A NH2 1 
ATOM   465 N N   . LEU A 1 63 ? 4.891   20.617  -15.866 1.00 32.97 ? 62  LEU A N   1 
ATOM   466 C CA  . LEU A 1 63 ? 4.342   20.216  -17.172 1.00 36.09 ? 62  LEU A CA  1 
ATOM   467 C C   . LEU A 1 63 ? 4.872   21.101  -18.291 1.00 40.01 ? 62  LEU A C   1 
ATOM   468 O O   . LEU A 1 63 ? 5.018   20.642  -19.417 1.00 41.43 ? 62  LEU A O   1 
ATOM   469 C CB  . LEU A 1 63 ? 2.809   20.215  -17.160 1.00 35.15 ? 62  LEU A CB  1 
ATOM   470 C CG  . LEU A 1 63 ? 2.165   19.152  -16.265 1.00 31.41 ? 62  LEU A CG  1 
ATOM   471 C CD1 . LEU A 1 63 ? 0.693   19.473  -15.968 1.00 29.06 ? 62  LEU A CD1 1 
ATOM   472 C CD2 . LEU A 1 63 ? 2.291   17.789  -16.892 1.00 32.96 ? 62  LEU A CD2 1 
ATOM   473 N N   . ILE A 1 64 ? 5.161   22.363  -17.981 1.00 44.92 ? 63  ILE A N   1 
ATOM   474 C CA  . ILE A 1 64 ? 5.755   23.272  -18.953 1.00 50.27 ? 63  ILE A CA  1 
ATOM   475 C C   . ILE A 1 64 ? 7.276   23.138  -18.830 1.00 55.03 ? 63  ILE A C   1 
ATOM   476 O O   . ILE A 1 64 ? 7.798   22.112  -19.247 1.00 55.70 ? 63  ILE A O   1 
ATOM   477 C CB  . ILE A 1 64 ? 5.178   24.714  -18.829 1.00 50.86 ? 63  ILE A CB  1 
ATOM   478 C CG1 . ILE A 1 64 ? 3.653   24.661  -18.929 1.00 49.40 ? 63  ILE A CG1 1 
ATOM   479 C CG2 . ILE A 1 64 ? 5.686   25.614  -19.945 1.00 49.41 ? 63  ILE A CG2 1 
ATOM   480 C CD1 . ILE A 1 64 ? 3.141   23.779  -20.098 1.00 44.13 ? 63  ILE A CD1 1 
ATOM   481 N N   . LYS A 1 65 ? 7.985   24.116  -18.270 1.00 59.61 ? 64  LYS A N   1 
ATOM   482 C CA  . LYS A 1 65 ? 9.446   23.987  -18.072 1.00 63.80 ? 64  LYS A CA  1 
ATOM   483 C C   . LYS A 1 65 ? 10.085  25.284  -17.557 1.00 67.32 ? 64  LYS A C   1 
ATOM   484 O O   . LYS A 1 65 ? 9.547   26.381  -17.755 1.00 68.84 ? 64  LYS A O   1 
ATOM   485 C CB  . LYS A 1 65 ? 10.160  23.533  -19.365 1.00 64.95 ? 64  LYS A CB  1 
ATOM   486 C CG  . LYS A 1 65 ? 10.380  22.001  -19.501 1.00 63.61 ? 64  LYS A CG  1 
ATOM   487 C CD  . LYS A 1 65 ? 11.855  21.573  -19.531 1.00 63.13 ? 64  LYS A CD  1 
ATOM   488 C CE  . LYS A 1 65 ? 11.971  20.082  -19.902 1.00 61.42 ? 64  LYS A CE  1 
ATOM   489 N NZ  . LYS A 1 65 ? 13.357  19.602  -20.179 1.00 52.71 ? 64  LYS A NZ  1 
ATOM   490 N N   . GLY A 1 66 ? 11.234  25.145  -16.898 1.00 54.45 ? 65  GLY A N   1 
ATOM   491 C CA  . GLY A 1 66 ? 11.950  26.294  -16.341 1.00 56.38 ? 65  GLY A CA  1 
ATOM   492 C C   . GLY A 1 66 ? 13.298  25.935  -15.737 1.00 57.73 ? 65  GLY A C   1 
ATOM   493 O O   . GLY A 1 66 ? 14.069  26.816  -15.340 1.00 58.83 ? 65  GLY A O   1 
HETATM 494 O O   . HOH B 2 .  ? 11.642  10.144  -5.321  1.00 10.24 ? 101 HOH A O   1 
HETATM 495 O O   . HOH B 2 .  ? 2.130   4.786   0.113   1.00 28.73 ? 102 HOH A O   1 
HETATM 496 O O   . HOH B 2 .  ? -15.796 -10.127 -4.834  1.00 33.62 ? 103 HOH A O   1 
HETATM 497 O O   . HOH B 2 .  ? -5.885  -14.640 -6.384  1.00 23.65 ? 104 HOH A O   1 
HETATM 498 O O   . HOH B 2 .  ? -8.830  -8.660  5.990   1.00 30.10 ? 105 HOH A O   1 
HETATM 499 O O   . HOH B 2 .  ? 7.689   -1.963  -6.163  1.00 48.87 ? 106 HOH A O   1 
HETATM 500 O O   . HOH B 2 .  ? -1.380  -6.483  12.329  1.00 27.67 ? 107 HOH A O   1 
HETATM 501 O O   . HOH B 2 .  ? -14.747 -2.663  4.319   1.00 18.39 ? 108 HOH A O   1 
HETATM 502 O O   . HOH B 2 .  ? 17.482  14.332  -1.186  1.00 24.32 ? 109 HOH A O   1 
HETATM 503 O O   . HOH B 2 .  ? -0.712  -4.389  -6.439  1.00 28.04 ? 110 HOH A O   1 
HETATM 504 O O   . HOH B 2 .  ? -6.995  0.402   14.624  1.00 35.48 ? 111 HOH A O   1 
HETATM 505 O O   . HOH B 2 .  ? 1.220   -15.018 2.462   1.00 24.67 ? 112 HOH A O   1 
HETATM 506 O O   . HOH B 2 .  ? -8.275  0.505   -10.718 1.00 36.77 ? 113 HOH A O   1 
HETATM 507 O O   . HOH B 2 .  ? 2.721   8.651   3.711   1.00 31.33 ? 114 HOH A O   1 
HETATM 508 O O   . HOH B 2 .  ? 3.471   -9.958  7.340   1.00 25.42 ? 115 HOH A O   1 
HETATM 509 O O   . HOH B 2 .  ? 0.185   -19.321 -6.834  1.00 25.47 ? 116 HOH A O   1 
HETATM 510 O O   . HOH B 2 .  ? -15.396 -5.883  0.687   1.00 27.55 ? 117 HOH A O   1 
HETATM 511 O O   . HOH B 2 .  ? 13.285  11.731  2.574   1.00 42.26 ? 118 HOH A O   1 
HETATM 512 O O   . HOH B 2 .  ? -15.151 -0.254  0.925   1.00 26.12 ? 119 HOH A O   1 
HETATM 513 O O   . HOH B 2 .  ? 6.732   -10.026 9.662   1.00 50.11 ? 120 HOH A O   1 
HETATM 514 O O   . HOH B 2 .  ? -9.470  -5.864  13.084  1.00 25.71 ? 121 HOH A O   1 
HETATM 515 O O   . HOH B 2 .  ? 5.515   -9.378  5.822   1.00 16.19 ? 122 HOH A O   1 
HETATM 516 O O   . HOH B 2 .  ? -17.227 -2.479  2.350   1.00 31.13 ? 123 HOH A O   1 
HETATM 517 O O   . HOH B 2 .  ? -11.232 -3.003  10.358  1.00 33.64 ? 124 HOH A O   1 
HETATM 518 O O   . HOH B 2 .  ? -8.686  1.456   -2.767  1.00 28.42 ? 125 HOH A O   1 
HETATM 519 O O   . HOH B 2 .  ? 8.240   -6.422  0.935   1.00 26.75 ? 126 HOH A O   1 
HETATM 520 O O   . HOH B 2 .  ? -6.081  -16.443 2.926   1.00 49.45 ? 127 HOH A O   1 
HETATM 521 O O   . HOH B 2 .  ? -3.133  -3.890  14.427  1.00 36.33 ? 128 HOH A O   1 
HETATM 522 O O   . HOH B 2 .  ? 8.662   4.460   5.050   1.00 43.93 ? 129 HOH A O   1 
HETATM 523 O O   . HOH B 2 .  ? -6.793  9.864   0.058   1.00 40.79 ? 130 HOH A O   1 
HETATM 524 O O   . HOH B 2 .  ? 11.609  22.704  -15.083 1.00 32.08 ? 131 HOH A O   1 
HETATM 525 O O   . HOH B 2 .  ? 7.751   21.322  -21.838 1.00 28.08 ? 132 HOH A O   1 
HETATM 526 O O   . HOH B 2 .  ? -15.651 -14.685 -0.396  1.00 51.77 ? 133 HOH A O   1 
HETATM 527 O O   . HOH B 2 .  ? -14.496 -6.810  3.209   1.00 44.37 ? 134 HOH A O   1 
# 
loop_
_atom_site_anisotrop.id 
_atom_site_anisotrop.type_symbol 
_atom_site_anisotrop.pdbx_label_atom_id 
_atom_site_anisotrop.pdbx_label_alt_id 
_atom_site_anisotrop.pdbx_label_comp_id 
_atom_site_anisotrop.pdbx_label_asym_id 
_atom_site_anisotrop.pdbx_label_seq_id 
_atom_site_anisotrop.pdbx_PDB_ins_code 
_atom_site_anisotrop.U[1][1] 
_atom_site_anisotrop.U[2][2] 
_atom_site_anisotrop.U[3][3] 
_atom_site_anisotrop.U[1][2] 
_atom_site_anisotrop.U[1][3] 
_atom_site_anisotrop.U[2][3] 
_atom_site_anisotrop.pdbx_auth_seq_id 
_atom_site_anisotrop.pdbx_auth_comp_id 
_atom_site_anisotrop.pdbx_auth_asym_id 
_atom_site_anisotrop.pdbx_auth_atom_id 
1   N N   . GLY A 1  ? 0.7524 0.7789 0.5994 -0.0164 -0.0233 -0.0692 0  GLY A N   
2   C CA  . GLY A 1  ? 0.7952 0.8119 0.6191 -0.0228 -0.0254 -0.0697 0  GLY A CA  
3   C C   . GLY A 1  ? 0.7929 0.8175 0.6176 -0.0263 -0.0338 -0.0629 0  GLY A C   
4   O O   . GLY A 1  ? 0.8085 0.8437 0.6485 -0.0263 -0.0406 -0.0587 0  GLY A O   
5   N N   . ARG A 2  ? 0.7798 0.7992 0.5885 -0.0291 -0.0326 -0.0610 1  ARG A N   
6   C CA  . ARG A 2  ? 0.7471 0.7760 0.5613 -0.0307 -0.0387 -0.0531 1  ARG A CA  
7   C C   . ARG A 2  ? 0.6797 0.7152 0.5068 -0.0244 -0.0313 -0.0505 1  ARG A C   
8   O O   . ARG A 2  ? 0.6468 0.6935 0.4913 -0.0223 -0.0351 -0.0452 1  ARG A O   
9   C CB  . ARG A 2  ? 0.7945 0.8151 0.5847 -0.0384 -0.0445 -0.0504 1  ARG A CB  
10  C CG  . ARG A 2  ? 0.8758 0.8977 0.6642 -0.0460 -0.0581 -0.0471 1  ARG A CG  
11  C CD  . ARG A 2  ? 0.9804 1.0041 0.7601 -0.0523 -0.0674 -0.0388 1  ARG A CD  
12  N NE  . ARG A 2  ? 1.0462 1.0828 0.8437 -0.0475 -0.0651 -0.0319 1  ARG A NE  
13  C CZ  . ARG A 2  ? 1.0985 1.1389 0.8928 -0.0512 -0.0712 -0.0236 1  ARG A CZ  
14  N NH1 . ARG A 2  ? 1.1442 1.1767 0.9173 -0.0603 -0.0810 -0.0205 1  ARG A NH1 
15  N NH2 . ARG A 2  ? 1.0618 1.1133 0.8744 -0.0462 -0.0682 -0.0179 1  ARG A NH2 
16  N N   . ASN A 3  ? 0.6259 0.6540 0.4459 -0.0213 -0.0207 -0.0536 2  ASN A N   
17  C CA  . ASN A 3  ? 0.5783 0.6132 0.4159 -0.0150 -0.0139 -0.0511 2  ASN A CA  
18  C C   . ASN A 3  ? 0.5191 0.5564 0.3734 -0.0100 -0.0106 -0.0550 2  ASN A C   
19  O O   . ASN A 3  ? 0.5301 0.5596 0.3780 -0.0096 -0.0062 -0.0604 2  ASN A O   
20  C CB  . ASN A 3  ? 0.6078 0.6356 0.4337 -0.0137 -0.0034 -0.0499 2  ASN A CB  
21  C CG  . ASN A 3  ? 0.6227 0.6542 0.4436 -0.0163 -0.0064 -0.0425 2  ASN A CG  
22  O OD1 . ASN A 3  ? 0.6364 0.6734 0.4578 -0.0204 -0.0168 -0.0389 2  ASN A OD1 
23  N ND2 . ASN A 3  ? 0.6439 0.6731 0.4620 -0.0138 0.0034  -0.0393 2  ASN A ND2 
24  N N   . VAL A 4  ? 0.4442 0.4914 0.3193 -0.0064 -0.0134 -0.0520 3  VAL A N   
25  C CA  . VAL A 4  ? 0.4119 0.4611 0.3023 -0.0021 -0.0123 -0.0546 3  VAL A CA  
26  C C   . VAL A 4  ? 0.3642 0.4177 0.2701 0.0017  -0.0089 -0.0507 3  VAL A C   
27  O O   . VAL A 4  ? 0.3581 0.4166 0.2692 0.0014  -0.0118 -0.0460 3  VAL A O   
28  C CB  . VAL A 4  ? 0.4120 0.4672 0.3112 -0.0018 -0.0205 -0.0547 3  VAL A CB  
29  C CG1 . VAL A 4  ? 0.3994 0.4555 0.3112 0.0022  -0.0201 -0.0571 3  VAL A CG1 
30  C CG2 . VAL A 4  ? 0.3925 0.4451 0.2802 -0.0060 -0.0247 -0.0566 3  VAL A CG2 
31  N N   . THR A 5  ? 0.3311 0.3828 0.2462 0.0049  -0.0033 -0.0518 4  THR A N   
32  C CA  . THR A 5  ? 0.3188 0.3748 0.2521 0.0079  -0.0016 -0.0471 4  THR A CA  
33  C C   . THR A 5  ? 0.3034 0.3639 0.2500 0.0090  -0.0106 -0.0469 4  THR A C   
34  O O   . THR A 5  ? 0.3149 0.3742 0.2622 0.0097  -0.0138 -0.0506 4  THR A O   
35  C CB  . THR A 5  ? 0.3363 0.3892 0.2776 0.0108  0.0069  -0.0468 4  THR A CB  
36  O OG1 . THR A 5  ? 0.3312 0.3769 0.2565 0.0104  0.0170  -0.0479 4  THR A OG1 
37  C CG2 . THR A 5  ? 0.2527 0.3111 0.2165 0.0132  0.0077  -0.0402 4  THR A CG2 
38  N N   . VAL A 6  ? 0.3041 0.3685 0.2594 0.0091  -0.0145 -0.0427 5  VAL A N   
39  C CA  . VAL A 6  ? 0.2695 0.3349 0.2340 0.0102  -0.0227 -0.0430 5  VAL A CA  
40  C C   . VAL A 6  ? 0.2805 0.3470 0.2627 0.0113  -0.0237 -0.0387 5  VAL A C   
41  O O   . VAL A 6  ? 0.2868 0.3559 0.2757 0.0110  -0.0215 -0.0335 5  VAL A O   
42  C CB  . VAL A 6  ? 0.2855 0.3531 0.2468 0.0092  -0.0275 -0.0417 5  VAL A CB  
43  C CG1 . VAL A 6  ? 0.2080 0.2736 0.1771 0.0109  -0.0345 -0.0427 5  VAL A CG1 
44  C CG2 . VAL A 6  ? 0.2296 0.2974 0.1767 0.0074  -0.0278 -0.0441 5  VAL A CG2 
45  N N   . GLU A 7  ? 0.2778 0.3419 0.2679 0.0122  -0.0278 -0.0402 6  GLU A N   
46  C CA  . GLU A 7  ? 0.2683 0.3328 0.2766 0.0125  -0.0316 -0.0355 6  GLU A CA  
47  C C   . GLU A 7  ? 0.2677 0.3281 0.2769 0.0118  -0.0420 -0.0371 6  GLU A C   
48  O O   . GLU A 7  ? 0.2381 0.2935 0.2395 0.0122  -0.0469 -0.0418 6  GLU A O   
49  C CB  . GLU A 7  ? 0.2687 0.3324 0.2859 0.0131  -0.0310 -0.0350 6  GLU A CB  
50  C CG  . GLU A 7  ? 0.2889 0.3528 0.3267 0.0123  -0.0377 -0.0292 6  GLU A CG  
51  C CD  . GLU A 7  ? 0.3396 0.4037 0.3892 0.0128  -0.0380 -0.0269 6  GLU A CD  
52  O OE1 . GLU A 7  ? 0.3344 0.3982 0.3764 0.0143  -0.0314 -0.0301 6  GLU A OE1 
53  O OE2 . GLU A 7  ? 0.3738 0.4380 0.4415 0.0114  -0.0454 -0.0214 6  GLU A OE2 
54  N N   . VAL A 8  ? 0.2707 0.3316 0.2880 0.0111  -0.0447 -0.0331 7  VAL A N   
55  C CA  . VAL A 8  ? 0.2855 0.3395 0.3042 0.0105  -0.0546 -0.0347 7  VAL A CA  
56  C C   . VAL A 8  ? 0.3069 0.3582 0.3407 0.0089  -0.0613 -0.0314 7  VAL A C   
57  O O   . VAL A 8  ? 0.3034 0.3593 0.3550 0.0078  -0.0605 -0.0243 7  VAL A O   
58  C CB  . VAL A 8  ? 0.2937 0.3479 0.3158 0.0101  -0.0559 -0.0320 7  VAL A CB  
59  C CG1 . VAL A 8  ? 0.2663 0.3095 0.2858 0.0101  -0.0653 -0.0354 7  VAL A CG1 
60  C CG2 . VAL A 8  ? 0.2678 0.3264 0.2779 0.0112  -0.0495 -0.0329 7  VAL A CG2 
61  N N   . VAL A 9  ? 0.3330 0.3775 0.3604 0.0085  -0.0680 -0.0354 8  VAL A N   
62  C CA  . VAL A 9  ? 0.3440 0.3862 0.3852 0.0063  -0.0754 -0.0316 8  VAL A CA  
63  C C   . VAL A 9  ? 0.3823 0.4211 0.4387 0.0035  -0.0844 -0.0266 8  VAL A C   
64  O O   . VAL A 9  ? 0.3895 0.4201 0.4378 0.0029  -0.0900 -0.0299 8  VAL A O   
65  C CB  . VAL A 9  ? 0.3663 0.3996 0.3938 0.0059  -0.0828 -0.0370 8  VAL A CB  
66  C CG1 . VAL A 9  ? 0.3609 0.3915 0.4034 0.0026  -0.0931 -0.0318 8  VAL A CG1 
67  C CG2 . VAL A 9  ? 0.3509 0.3883 0.3666 0.0085  -0.0742 -0.0409 8  VAL A CG2 
68  N N   . GLY A 10 ? 0.4253 0.4703 0.5054 0.0018  -0.0851 -0.0179 9  GLY A N   
69  C CA  . GLY A 10 ? 0.4565 0.5002 0.5559 -0.0014 -0.0930 -0.0110 9  GLY A CA  
70  C C   . GLY A 10 ? 0.4735 0.5229 0.5792 -0.0004 -0.0861 -0.0074 9  GLY A C   
71  O O   . GLY A 10 ? 0.5031 0.5518 0.6261 -0.0030 -0.0922 -0.0011 9  GLY A O   
72  N N   . GLU A 11 ? 0.4790 0.5336 0.5710 0.0030  -0.0742 -0.0106 10 GLU A N   
73  C CA  . GLU A 11 ? 0.4904 0.5504 0.5858 0.0038  -0.0675 -0.0065 10 GLU A CA  
74  C C   . GLU A 11 ? 0.4711 0.5407 0.5640 0.0064  -0.0527 -0.0040 10 GLU A C   
75  O O   . GLU A 11 ? 0.4788 0.5530 0.5836 0.0072  -0.0475 0.0005  10 GLU A O   
76  C CB  . GLU A 11 ? 0.5062 0.5596 0.5849 0.0043  -0.0707 -0.0130 10 GLU A CB  
77  C CG  . GLU A 11 ? 0.6146 0.6558 0.6964 0.0018  -0.0841 -0.0148 10 GLU A CG  
78  C CD  . GLU A 11 ? 0.7468 0.7773 0.8070 0.0035  -0.0868 -0.0238 10 GLU A CD  
79  O OE1 . GLU A 11 ? 0.7766 0.8104 0.8300 0.0057  -0.0803 -0.0246 10 GLU A OE1 
80  O OE2 . GLU A 11 ? 0.7908 0.8090 0.8408 0.0026  -0.0951 -0.0297 10 GLU A OE2 
81  N N   . GLU A 12 ? 0.4540 0.5259 0.5317 0.0077  -0.0458 -0.0063 11 GLU A N   
82  C CA  . GLU A 12 ? 0.4302 0.5083 0.5019 0.0094  -0.0325 -0.0039 11 GLU A CA  
83  C C   . GLU A 12 ? 0.3970 0.4730 0.4474 0.0106  -0.0278 -0.0118 11 GLU A C   
84  O O   . GLU A 12 ? 0.3801 0.4519 0.4173 0.0104  -0.0334 -0.0188 11 GLU A O   
85  C CB  . GLU A 12 ? 0.4396 0.5212 0.5079 0.0091  -0.0281 0.0006  11 GLU A CB  
86  N N   . THR A 13 ? 0.3614 0.4398 0.4097 0.0121  -0.0169 -0.0102 12 THR A N   
87  C CA  . THR A 13 ? 0.3546 0.4303 0.3819 0.0127  -0.0113 -0.0169 12 THR A CA  
88  C C   . THR A 13 ? 0.3547 0.4310 0.3664 0.0121  -0.0037 -0.0157 12 THR A C   
89  O O   . THR A 13 ? 0.3488 0.4275 0.3666 0.0128  0.0036  -0.0088 12 THR A O   
90  C CB  . THR A 13 ? 0.3436 0.4182 0.3762 0.0146  -0.0042 -0.0170 12 THR A CB  
91  O OG1 . THR A 13 ? 0.3773 0.4512 0.4225 0.0144  -0.0133 -0.0178 12 THR A OG1 
92  C CG2 . THR A 13 ? 0.2827 0.3531 0.2929 0.0149  0.0019  -0.0240 12 THR A CG2 
93  N N   . SER A 14 ? 0.3608 0.4346 0.3524 0.0107  -0.0058 -0.0213 13 SER A N   
94  C CA  . SER A 14 ? 0.4001 0.4733 0.3744 0.0090  -0.0009 -0.0201 13 SER A CA  
95  C C   . SER A 14 ? 0.4030 0.4717 0.3556 0.0072  -0.0010 -0.0271 13 SER A C   
96  O O   . SER A 14 ? 0.3934 0.4607 0.3460 0.0075  -0.0057 -0.0325 13 SER A O   
97  C CB  . SER A 14 ? 0.4080 0.4853 0.3855 0.0074  -0.0073 -0.0156 13 SER A CB  
98  O OG  . SER A 14 ? 0.4306 0.5078 0.4059 0.0067  -0.0163 -0.0200 13 SER A OG  
99  N N   . GLU A 15 ? 0.4225 0.4878 0.3562 0.0051  0.0041  -0.0264 14 GLU A N   
100 C CA  . GLU A 15 ? 0.4192 0.4790 0.3314 0.0022  0.0022  -0.0321 14 GLU A CA  
101 C C   . GLU A 15 ? 0.4152 0.4792 0.3240 -0.0010 -0.0075 -0.0301 14 GLU A C   
102 O O   . GLU A 15 ? 0.4153 0.4832 0.3265 -0.0020 -0.0088 -0.0239 14 GLU A O   
103 C CB  . GLU A 15 ? 0.4531 0.5041 0.3432 0.0007  0.0117  -0.0326 14 GLU A CB  
104 C CG  . GLU A 15 ? 0.4774 0.5227 0.3704 0.0047  0.0241  -0.0340 14 GLU A CG  
105 C CD  . GLU A 15 ? 0.5525 0.5948 0.4490 0.0060  0.0234  -0.0408 14 GLU A CD  
106 O OE1 . GLU A 15 ? 0.6056 0.6412 0.4840 0.0031  0.0211  -0.0468 14 GLU A OE1 
107 O OE2 . GLU A 15 ? 0.5361 0.5828 0.4542 0.0096  0.0246  -0.0394 14 GLU A OE2 
108 N N   . VAL A 16 ? 0.3969 0.4608 0.3022 -0.0024 -0.0138 -0.0345 15 VAL A N   
109 C CA  . VAL A 16 ? 0.4102 0.4789 0.3160 -0.0048 -0.0225 -0.0318 15 VAL A CA  
110 C C   . VAL A 16 ? 0.4162 0.4813 0.3051 -0.0094 -0.0263 -0.0342 15 VAL A C   
111 O O   . VAL A 16 ? 0.4030 0.4643 0.2880 -0.0092 -0.0257 -0.0400 15 VAL A O   
112 C CB  . VAL A 16 ? 0.4038 0.4770 0.3269 -0.0015 -0.0274 -0.0327 15 VAL A CB  
113 C CG1 . VAL A 16 ? 0.4527 0.5303 0.3777 -0.0031 -0.0344 -0.0299 15 VAL A CG1 
114 C CG2 . VAL A 16 ? 0.3638 0.4392 0.3030 0.0016  -0.0262 -0.0296 15 VAL A CG2 
115 N N   . ALA A 17 ? 0.4202 0.4863 0.2997 -0.0138 -0.0309 -0.0292 16 ALA A N   
116 C CA  . ALA A 17 ? 0.4633 0.5256 0.3278 -0.0195 -0.0368 -0.0303 16 ALA A CA  
117 C C   . ALA A 17 ? 0.4664 0.5359 0.3460 -0.0187 -0.0437 -0.0295 16 ALA A C   
118 O O   . ALA A 17 ? 0.4944 0.5717 0.3902 -0.0162 -0.0463 -0.0247 16 ALA A O   
119 C CB  . ALA A 17 ? 0.4622 0.5232 0.3124 -0.0252 -0.0413 -0.0239 16 ALA A CB  
120 N N   . VAL A 18 ? 0.4741 0.5404 0.3489 -0.0204 -0.0456 -0.0340 17 VAL A N   
121 C CA  . VAL A 18 ? 0.5028 0.5754 0.3912 -0.0195 -0.0507 -0.0325 17 VAL A CA  
122 C C   . VAL A 18 ? 0.5370 0.6076 0.4161 -0.0264 -0.0585 -0.0306 17 VAL A C   
123 O O   . VAL A 18 ? 0.5300 0.5912 0.3918 -0.0303 -0.0580 -0.0355 17 VAL A O   
124 C CB  . VAL A 18 ? 0.4883 0.5599 0.3849 -0.0141 -0.0458 -0.0388 17 VAL A CB  
125 C CG1 . VAL A 18 ? 0.4401 0.5042 0.3250 -0.0166 -0.0448 -0.0447 17 VAL A CG1 
126 C CG2 . VAL A 18 ? 0.5421 0.6207 0.4553 -0.0106 -0.0482 -0.0360 17 VAL A CG2 
127 N N   . ASP A 19 ? 0.5614 0.6404 0.4532 -0.0282 -0.0655 -0.0230 18 ASP A N   
128 C CA  . ASP A 19 ? 0.5931 0.6720 0.4808 -0.0353 -0.0747 -0.0191 18 ASP A CA  
129 C C   . ASP A 19 ? 0.5858 0.6622 0.4757 -0.0351 -0.0742 -0.0240 18 ASP A C   
130 O O   . ASP A 19 ? 0.5695 0.6462 0.4665 -0.0286 -0.0669 -0.0292 18 ASP A O   
131 C CB  . ASP A 19 ? 0.6027 0.6931 0.5091 -0.0365 -0.0819 -0.0077 18 ASP A CB  
132 C CG  . ASP A 19 ? 0.7065 0.7987 0.6088 -0.0391 -0.0851 -0.0011 18 ASP A CG  
133 O OD1 . ASP A 19 ? 0.7828 0.8731 0.6819 -0.0349 -0.0781 -0.0040 18 ASP A OD1 
134 O OD2 . ASP A 19 ? 0.8045 0.9003 0.7080 -0.0456 -0.0951 0.0079  18 ASP A OD2 
135 N N   . ASP A 20 ? 0.6067 0.6802 0.4903 -0.0426 -0.0827 -0.0219 19 ASP A N   
136 C CA  . ASP A 20 ? 0.5986 0.6696 0.4851 -0.0435 -0.0835 -0.0252 19 ASP A CA  
137 C C   . ASP A 20 ? 0.5692 0.6511 0.4804 -0.0366 -0.0796 -0.0219 19 ASP A C   
138 O O   . ASP A 20 ? 0.5560 0.6359 0.4699 -0.0333 -0.0750 -0.0268 19 ASP A O   
139 C CB  . ASP A 20 ? 0.6227 0.6905 0.5027 -0.0538 -0.0961 -0.0204 19 ASP A CB  
140 N N   . ASP A 21 ? 0.5478 0.6403 0.4765 -0.0343 -0.0812 -0.0131 20 ASP A N   
141 C CA  . ASP A 21 ? 0.5342 0.6353 0.4846 -0.0271 -0.0763 -0.0093 20 ASP A CA  
142 C C   . ASP A 21 ? 0.5012 0.6028 0.4552 -0.0184 -0.0672 -0.0127 20 ASP A C   
143 O O   . ASP A 21 ? 0.5093 0.6160 0.4784 -0.0121 -0.0627 -0.0094 20 ASP A O   
144 C CB  . ASP A 21 ? 0.5409 0.6527 0.5110 -0.0297 -0.0830 0.0038  20 ASP A CB  
145 C CG  . ASP A 21 ? 0.6250 0.7407 0.5972 -0.0314 -0.0870 0.0102  20 ASP A CG  
146 O OD1 . ASP A 21 ? 0.6929 0.8023 0.6482 -0.0323 -0.0859 0.0048  20 ASP A OD1 
147 O OD2 . ASP A 21 ? 0.7261 0.8514 0.7184 -0.0316 -0.0907 0.0216  20 ASP A OD2 
148 N N   . GLY A 22 ? 0.4828 0.5778 0.4224 -0.0181 -0.0645 -0.0193 21 GLY A N   
149 C CA  . GLY A 22 ? 0.4525 0.5471 0.3956 -0.0113 -0.0580 -0.0221 21 GLY A CA  
150 C C   . GLY A 22 ? 0.4282 0.5200 0.3743 -0.0047 -0.0515 -0.0278 21 GLY A C   
151 O O   . GLY A 22 ? 0.4056 0.4940 0.3464 -0.0056 -0.0505 -0.0321 21 GLY A O   
152 N N   . THR A 23 ? 0.4112 0.5031 0.3645 0.0014  -0.0474 -0.0279 22 THR A N   
153 C CA  . THR A 23 ? 0.4059 0.4930 0.3589 0.0073  -0.0420 -0.0334 22 THR A CA  
154 C C   . THR A 23 ? 0.3776 0.4590 0.3254 0.0096  -0.0402 -0.0386 22 THR A C   
155 O O   . THR A 23 ? 0.3706 0.4529 0.3184 0.0078  -0.0418 -0.0369 22 THR A O   
156 C CB  . THR A 23 ? 0.3939 0.4827 0.3578 0.0132  -0.0383 -0.0294 22 THR A CB  
157 O OG1 . THR A 23 ? 0.4537 0.5439 0.4243 0.0149  -0.0385 -0.0258 22 THR A OG1 
158 C CG2 . THR A 23 ? 0.4374 0.5333 0.4109 0.0116  -0.0393 -0.0225 22 THR A CG2 
159 N N   . TYR A 24 ? 0.3524 0.4279 0.2968 0.0133  -0.0374 -0.0439 23 TYR A N   
160 C CA  . TYR A 24 ? 0.3503 0.4204 0.2928 0.0153  -0.0371 -0.0477 23 TYR A CA  
161 C C   . TYR A 24 ? 0.3251 0.3948 0.2741 0.0177  -0.0374 -0.0449 23 TYR A C   
162 O O   . TYR A 24 ? 0.3492 0.4175 0.2995 0.0168  -0.0388 -0.0450 23 TYR A O   
163 C CB  . TYR A 24 ? 0.3476 0.4110 0.2855 0.0183  -0.0357 -0.0527 23 TYR A CB  
164 C CG  . TYR A 24 ? 0.3221 0.3860 0.2556 0.0159  -0.0354 -0.0550 23 TYR A CG  
165 C CD1 . TYR A 24 ? 0.3874 0.4524 0.3198 0.0162  -0.0340 -0.0545 23 TYR A CD1 
166 C CD2 . TYR A 24 ? 0.4136 0.4765 0.3453 0.0133  -0.0354 -0.0570 23 TYR A CD2 
167 C CE1 . TYR A 24 ? 0.3265 0.3913 0.2557 0.0136  -0.0339 -0.0566 23 TYR A CE1 
168 C CE2 . TYR A 24 ? 0.4112 0.4730 0.3393 0.0114  -0.0342 -0.0594 23 TYR A CE2 
169 C CZ  . TYR A 24 ? 0.3558 0.4183 0.2825 0.0114  -0.0339 -0.0593 23 TYR A CZ  
170 O OH  . TYR A 24 ? 0.3797 0.4403 0.3035 0.0095  -0.0328 -0.0616 23 TYR A OH  
171 N N   . ALA A 25 ? 0.3137 0.3842 0.2680 0.0209  -0.0357 -0.0416 24 ALA A N   
172 C CA  . ALA A 25 ? 0.3072 0.3768 0.2689 0.0236  -0.0352 -0.0384 24 ALA A CA  
173 C C   . ALA A 25 ? 0.3273 0.4030 0.2937 0.0193  -0.0386 -0.0338 24 ALA A C   
174 O O   . ALA A 25 ? 0.2991 0.3721 0.2690 0.0200  -0.0396 -0.0334 24 ALA A O   
175 C CB  . ALA A 25 ? 0.3219 0.3935 0.2913 0.0274  -0.0315 -0.0335 24 ALA A CB  
176 N N   . ASP A 26 ? 0.3441 0.4271 0.3097 0.0144  -0.0409 -0.0300 25 ASP A N   
177 C CA  . ASP A 26 ? 0.3688 0.4563 0.3343 0.0098  -0.0443 -0.0254 25 ASP A CA  
178 C C   . ASP A 26 ? 0.3582 0.4418 0.3170 0.0085  -0.0436 -0.0296 25 ASP A C   
179 O O   . ASP A 26 ? 0.3800 0.4651 0.3420 0.0074  -0.0444 -0.0260 25 ASP A O   
180 C CB  . ASP A 26 ? 0.3944 0.4875 0.3559 0.0039  -0.0479 -0.0216 25 ASP A CB  
181 C CG  . ASP A 26 ? 0.4869 0.5861 0.4602 0.0045  -0.0496 -0.0145 25 ASP A CG  
182 O OD1 . ASP A 26 ? 0.4499 0.5520 0.4356 0.0073  -0.0491 -0.0087 25 ASP A OD1 
183 O OD2 . ASP A 26 ? 0.5718 0.6729 0.5438 0.0022  -0.0509 -0.0140 25 ASP A OD2 
184 N N   . LEU A 27 ? 0.3704 0.4495 0.3223 0.0089  -0.0417 -0.0358 26 LEU A N   
185 C CA  . LEU A 27 ? 0.3464 0.4225 0.2956 0.0082  -0.0403 -0.0383 26 LEU A CA  
186 C C   . LEU A 27 ? 0.3198 0.3929 0.2778 0.0113  -0.0409 -0.0381 26 LEU A C   
187 O O   . LEU A 27 ? 0.3198 0.3936 0.2814 0.0101  -0.0405 -0.0357 26 LEU A O   
188 C CB  . LEU A 27 ? 0.3558 0.4281 0.2989 0.0084  -0.0381 -0.0441 26 LEU A CB  
189 C CG  . LEU A 27 ? 0.3811 0.4538 0.3142 0.0046  -0.0372 -0.0454 26 LEU A CG  
190 C CD1 . LEU A 27 ? 0.3023 0.3705 0.2324 0.0057  -0.0344 -0.0507 26 LEU A CD1 
191 C CD2 . LEU A 27 ? 0.3894 0.4627 0.3156 0.0008  -0.0362 -0.0425 26 LEU A CD2 
192 N N   . VAL A 28 ? 0.2973 0.3659 0.2581 0.0150  -0.0416 -0.0404 27 VAL A N   
193 C CA  . VAL A 28 ? 0.2873 0.3497 0.2542 0.0176  -0.0433 -0.0410 27 VAL A CA  
194 C C   . VAL A 28 ? 0.2977 0.3635 0.2732 0.0173  -0.0441 -0.0349 27 VAL A C   
195 O O   . VAL A 28 ? 0.2980 0.3625 0.2800 0.0167  -0.0457 -0.0330 27 VAL A O   
196 C CB  . VAL A 28 ? 0.2991 0.3529 0.2622 0.0218  -0.0431 -0.0454 27 VAL A CB  
197 C CG1 . VAL A 28 ? 0.2708 0.3152 0.2376 0.0241  -0.0456 -0.0464 27 VAL A CG1 
198 C CG2 . VAL A 28 ? 0.2505 0.3003 0.2052 0.0217  -0.0434 -0.0507 27 VAL A CG2 
199 N N   . ARG A 29 ? 0.3363 0.4072 0.3141 0.0175  -0.0434 -0.0307 28 ARG A N   
200 C CA  . ARG A 29 ? 0.3580 0.4327 0.3454 0.0171  -0.0445 -0.0237 28 ARG A CA  
201 C C   . ARG A 29 ? 0.3873 0.4680 0.3741 0.0125  -0.0455 -0.0193 28 ARG A C   
202 O O   . ARG A 29 ? 0.4121 0.4937 0.4070 0.0122  -0.0466 -0.0146 28 ARG A O   
203 C CB  . ARG A 29 ? 0.3567 0.4373 0.3490 0.0177  -0.0439 -0.0184 28 ARG A CB  
204 C CG  . ARG A 29 ? 0.3372 0.4117 0.3324 0.0235  -0.0406 -0.0207 28 ARG A CG  
205 C CD  . ARG A 29 ? 0.3186 0.4011 0.3223 0.0239  -0.0395 -0.0135 28 ARG A CD  
206 N NE  . ARG A 29 ? 0.4828 0.5609 0.4848 0.0287  -0.0346 -0.0166 28 ARG A NE  
207 C CZ  . ARG A 29 ? 0.5002 0.5835 0.5003 0.0274  -0.0340 -0.0155 28 ARG A CZ  
208 N NH1 . ARG A 29 ? 0.4640 0.5559 0.4623 0.0210  -0.0388 -0.0123 28 ARG A NH1 
209 N NH2 . ARG A 29 ? 0.5728 0.6511 0.5718 0.0327  -0.0282 -0.0178 28 ARG A NH2 
210 N N   . ALA A 30 ? 0.3988 0.4819 0.3750 0.0091  -0.0446 -0.0210 29 ALA A N   
211 C CA  . ALA A 30 ? 0.3988 0.4850 0.3701 0.0052  -0.0438 -0.0172 29 ALA A CA  
212 C C   . ALA A 30 ? 0.3940 0.4776 0.3712 0.0062  -0.0420 -0.0175 29 ALA A C   
213 O O   . ALA A 30 ? 0.4158 0.5022 0.3940 0.0043  -0.0405 -0.0121 29 ALA A O   
214 C CB  . ALA A 30 ? 0.3887 0.4747 0.3451 0.0019  -0.0422 -0.0202 29 ALA A CB  
215 N N   . VAL A 31 ? 0.4039 0.4820 0.3854 0.0091  -0.0422 -0.0228 30 VAL A N   
216 C CA  . VAL A 31 ? 0.4021 0.4776 0.3933 0.0096  -0.0423 -0.0219 30 VAL A CA  
217 C C   . VAL A 31 ? 0.4146 0.4856 0.4171 0.0116  -0.0465 -0.0207 30 VAL A C   
218 O O   . VAL A 31 ? 0.4307 0.4969 0.4412 0.0120  -0.0490 -0.0215 30 VAL A O   
219 C CB  . VAL A 31 ? 0.3845 0.4559 0.3741 0.0103  -0.0415 -0.0272 30 VAL A CB  
220 C CG1 . VAL A 31 ? 0.3894 0.4637 0.3688 0.0086  -0.0362 -0.0280 30 VAL A CG1 
221 C CG2 . VAL A 31 ? 0.3390 0.4042 0.3250 0.0126  -0.0448 -0.0336 30 VAL A CG2 
222 N N   . ASP A 32 ? 0.4419 0.5139 0.4458 0.0127  -0.0475 -0.0183 31 ASP A N   
223 C CA  . ASP A 32 ? 0.4616 0.5287 0.4763 0.0149  -0.0502 -0.0164 31 ASP A CA  
224 C C   . ASP A 32 ? 0.4464 0.5008 0.4598 0.0177  -0.0529 -0.0238 31 ASP A C   
225 O O   . ASP A 32 ? 0.4624 0.5092 0.4836 0.0183  -0.0564 -0.0236 31 ASP A O   
226 C CB  . ASP A 32 ? 0.4904 0.5605 0.5166 0.0128  -0.0511 -0.0094 31 ASP A CB  
227 C CG  . ASP A 32 ? 0.6298 0.7105 0.6534 0.0098  -0.0481 -0.0020 31 ASP A CG  
228 O OD1 . ASP A 32 ? 0.7845 0.8683 0.8101 0.0079  -0.0458 0.0018  31 ASP A OD1 
229 O OD2 . ASP A 32 ? 0.7583 0.8434 0.7771 0.0092  -0.0481 0.0007  31 ASP A OD2 
230 N N   . LEU A 33 ? 0.4158 0.4668 0.4181 0.0193  -0.0518 -0.0299 32 LEU A N   
231 C CA  . LEU A 33 ? 0.4127 0.4504 0.4088 0.0222  -0.0538 -0.0370 32 LEU A CA  
232 C C   . LEU A 33 ? 0.4095 0.4452 0.3987 0.0260  -0.0495 -0.0389 32 LEU A C   
233 O O   . LEU A 33 ? 0.3831 0.4293 0.3740 0.0256  -0.0464 -0.0345 32 LEU A O   
234 C CB  . LEU A 33 ? 0.3967 0.4314 0.3860 0.0206  -0.0562 -0.0418 32 LEU A CB  
235 C CG  . LEU A 33 ? 0.3618 0.3971 0.3610 0.0173  -0.0603 -0.0392 32 LEU A CG  
236 C CD1 . LEU A 33 ? 0.3579 0.3934 0.3536 0.0159  -0.0616 -0.0419 32 LEU A CD1 
237 C CD2 . LEU A 33 ? 0.3895 0.4128 0.3941 0.0174  -0.0665 -0.0400 32 LEU A CD2 
238 N N   . SER A 34 ? 0.4107 0.4323 0.3920 0.0298  -0.0494 -0.0448 33 SER A N   
239 C CA  . SER A 34 ? 0.4167 0.4356 0.3914 0.0344  -0.0435 -0.0463 33 SER A CA  
240 C C   . SER A 34 ? 0.4093 0.4237 0.3694 0.0350  -0.0428 -0.0522 33 SER A C   
241 O O   . SER A 34 ? 0.4299 0.4340 0.3815 0.0339  -0.0473 -0.0575 33 SER A O   
242 C CB  . SER A 34 ? 0.4605 0.4653 0.4347 0.0393  -0.0408 -0.0480 33 SER A CB  
243 O OG  . SER A 34 ? 0.4944 0.4982 0.4655 0.0446  -0.0330 -0.0476 33 SER A OG  
244 N N   . PRO A 35 ? 0.3933 0.4157 0.3520 0.0363  -0.0379 -0.0505 34 PRO A N   
245 C CA  . PRO A 35 ? 0.3894 0.4087 0.3359 0.0368  -0.0368 -0.0550 34 PRO A CA  
246 C C   . PRO A 35 ? 0.4146 0.4157 0.3464 0.0407  -0.0361 -0.0615 34 PRO A C   
247 O O   . PRO A 35 ? 0.4379 0.4337 0.3583 0.0397  -0.0387 -0.0656 34 PRO A O   
248 C CB  . PRO A 35 ? 0.3613 0.3909 0.3118 0.0383  -0.0310 -0.0506 34 PRO A CB  
249 C CG  . PRO A 35 ? 0.3844 0.4255 0.3487 0.0361  -0.0317 -0.0435 34 PRO A CG  
250 C CD  . PRO A 35 ? 0.3816 0.4169 0.3512 0.0364  -0.0343 -0.0431 34 PRO A CD  
251 N N   . HIS A 36 ? 0.4250 0.4151 0.3554 0.0453  -0.0325 -0.0621 35 HIS A N   
252 C CA  . HIS A 36 ? 0.4384 0.4073 0.3503 0.0493  -0.0310 -0.0690 35 HIS A CA  
253 C C   . HIS A 36 ? 0.4326 0.3886 0.3361 0.0452  -0.0414 -0.0743 35 HIS A C   
254 O O   . HIS A 36 ? 0.4778 0.4157 0.3618 0.0463  -0.0435 -0.0805 35 HIS A O   
255 C CB  . HIS A 36 ? 0.4470 0.4059 0.3601 0.0559  -0.0227 -0.0682 35 HIS A CB  
256 C CG  . HIS A 36 ? 0.4068 0.3564 0.3253 0.0551  -0.0271 -0.0692 35 HIS A CG  
257 N ND1 . HIS A 36 ? 0.4317 0.3950 0.3709 0.0525  -0.0293 -0.0624 35 HIS A ND1 
258 C CD2 . HIS A 36 ? 0.4358 0.3624 0.3405 0.0564  -0.0300 -0.0758 35 HIS A CD2 
259 C CE1 . HIS A 36 ? 0.4532 0.4038 0.3938 0.0524  -0.0331 -0.0644 35 HIS A CE1 
260 N NE2 . HIS A 36 ? 0.4063 0.3340 0.3261 0.0545  -0.0339 -0.0728 35 HIS A NE2 
261 N N   . GLU A 37 ? 0.4091 0.3742 0.3272 0.0402  -0.0481 -0.0710 36 GLU A N   
262 C CA  . GLU A 37 ? 0.4263 0.3826 0.3438 0.0357  -0.0586 -0.0734 36 GLU A CA  
263 C C   . GLU A 37 ? 0.4035 0.3671 0.3213 0.0310  -0.0644 -0.0730 36 GLU A C   
264 O O   . GLU A 37 ? 0.4162 0.3744 0.3364 0.0268  -0.0738 -0.0735 36 GLU A O   
265 C CB  . GLU A 37 ? 0.4324 0.3971 0.3696 0.0330  -0.0614 -0.0679 36 GLU A CB  
266 C CG  . GLU A 37 ? 0.5479 0.4993 0.4867 0.0354  -0.0614 -0.0687 36 GLU A CG  
267 C CD  . GLU A 37 ? 0.6467 0.6107 0.6072 0.0331  -0.0623 -0.0613 36 GLU A CD  
268 O OE1 . GLU A 37 ? 0.6124 0.5958 0.5844 0.0304  -0.0612 -0.0554 36 GLU A OE1 
269 O OE2 . GLU A 37 ? 0.6927 0.6458 0.6575 0.0341  -0.0641 -0.0614 36 GLU A OE2 
270 N N   . VAL A 38 ? 0.3603 0.3367 0.2785 0.0314  -0.0594 -0.0714 37 VAL A N   
271 C CA  . VAL A 38 ? 0.3424 0.3283 0.2657 0.0273  -0.0633 -0.0697 37 VAL A CA  
272 C C   . VAL A 38 ? 0.3653 0.3523 0.2774 0.0288  -0.0598 -0.0717 37 VAL A C   
273 O O   . VAL A 38 ? 0.3743 0.3590 0.2782 0.0330  -0.0529 -0.0728 37 VAL A O   
274 C CB  . VAL A 38 ? 0.3256 0.3299 0.2663 0.0249  -0.0605 -0.0637 37 VAL A CB  
275 C CG1 . VAL A 38 ? 0.2936 0.2987 0.2468 0.0237  -0.0627 -0.0602 37 VAL A CG1 
276 C CG2 . VAL A 38 ? 0.2950 0.3096 0.2354 0.0270  -0.0525 -0.0618 37 VAL A CG2 
277 N N   . THR A 39 ? 0.3726 0.3627 0.2861 0.0256  -0.0643 -0.0714 38 THR A N   
278 C CA  . THR A 39 ? 0.3754 0.3712 0.2840 0.0261  -0.0606 -0.0716 38 THR A CA  
279 C C   . THR A 39 ? 0.3482 0.3601 0.2715 0.0235  -0.0583 -0.0676 38 THR A C   
280 O O   . THR A 39 ? 0.3368 0.3525 0.2715 0.0205  -0.0618 -0.0651 38 THR A O   
281 C CB  . THR A 39 ? 0.3990 0.3842 0.2966 0.0247  -0.0675 -0.0739 38 THR A CB  
282 O OG1 . THR A 39 ? 0.4768 0.4439 0.3561 0.0270  -0.0695 -0.0783 38 THR A OG1 
283 C CG2 . THR A 39 ? 0.3921 0.3834 0.2862 0.0253  -0.0638 -0.0734 38 THR A CG2 
284 N N   . VAL A 40 ? 0.3469 0.3673 0.2696 0.0244  -0.0519 -0.0668 39 VAL A N   
285 C CA  . VAL A 40 ? 0.3384 0.3704 0.2700 0.0219  -0.0492 -0.0643 39 VAL A CA  
286 C C   . VAL A 40 ? 0.3448 0.3767 0.2734 0.0213  -0.0494 -0.0653 39 VAL A C   
287 O O   . VAL A 40 ? 0.3761 0.4044 0.2956 0.0232  -0.0482 -0.0669 39 VAL A O   
288 C CB  . VAL A 40 ? 0.3388 0.3790 0.2713 0.0222  -0.0437 -0.0623 39 VAL A CB  
289 C CG1 . VAL A 40 ? 0.3158 0.3643 0.2526 0.0190  -0.0413 -0.0609 39 VAL A CG1 
290 C CG2 . VAL A 40 ? 0.3010 0.3416 0.2379 0.0230  -0.0436 -0.0601 39 VAL A CG2 
291 N N   . LEU A 41 ? 0.3371 0.3730 0.2746 0.0190  -0.0501 -0.0637 40 LEU A N   
292 C CA  . LEU A 41 ? 0.3600 0.3960 0.2981 0.0184  -0.0505 -0.0638 40 LEU A CA  
293 C C   . LEU A 41 ? 0.3812 0.4245 0.3248 0.0171  -0.0444 -0.0629 40 LEU A C   
294 O O   . LEU A 41 ? 0.3402 0.3873 0.2909 0.0159  -0.0419 -0.0611 40 LEU A O   
295 C CB  . LEU A 41 ? 0.3394 0.3711 0.2848 0.0170  -0.0572 -0.0620 40 LEU A CB  
296 C CG  . LEU A 41 ? 0.4072 0.4283 0.3440 0.0172  -0.0648 -0.0635 40 LEU A CG  
297 C CD1 . LEU A 41 ? 0.4382 0.4574 0.3870 0.0148  -0.0717 -0.0606 40 LEU A CD1 
298 C CD2 . LEU A 41 ? 0.5084 0.5219 0.4338 0.0178  -0.0686 -0.0649 40 LEU A CD2 
299 N N   . VAL A 42 ? 0.4168 0.4606 0.3557 0.0174  -0.0419 -0.0642 41 VAL A N   
300 C CA  . VAL A 42 ? 0.4540 0.5012 0.3958 0.0161  -0.0367 -0.0643 41 VAL A CA  
301 C C   . VAL A 42 ? 0.4972 0.5424 0.4441 0.0164  -0.0376 -0.0635 41 VAL A C   
302 O O   . VAL A 42 ? 0.5141 0.5566 0.4561 0.0172  -0.0403 -0.0638 41 VAL A O   
303 C CB  . VAL A 42 ? 0.4673 0.5165 0.4014 0.0153  -0.0338 -0.0656 41 VAL A CB  
304 C CG1 . VAL A 42 ? 0.3922 0.4414 0.3264 0.0135  -0.0293 -0.0667 41 VAL A CG1 
305 C CG2 . VAL A 42 ? 0.4578 0.5099 0.3890 0.0146  -0.0336 -0.0648 41 VAL A CG2 
306 N N   . ASP A 43 ? 0.5349 0.5813 0.4922 0.0160  -0.0347 -0.0617 42 ASP A N   
307 C CA  . ASP A 43 ? 0.5794 0.6247 0.5466 0.0164  -0.0359 -0.0592 42 ASP A CA  
308 C C   . ASP A 43 ? 0.5766 0.6186 0.5436 0.0164  -0.0453 -0.0572 42 ASP A C   
309 O O   . ASP A 43 ? 0.5834 0.6231 0.5489 0.0167  -0.0481 -0.0564 42 ASP A O   
310 C CB  . ASP A 43 ? 0.5989 0.6433 0.5630 0.0166  -0.0314 -0.0609 42 ASP A CB  
311 C CG  . ASP A 43 ? 0.6925 0.7365 0.6597 0.0164  -0.0223 -0.0620 42 ASP A CG  
312 O OD1 . ASP A 43 ? 0.6578 0.7028 0.6316 0.0168  -0.0186 -0.0603 42 ASP A OD1 
313 O OD2 . ASP A 43 ? 0.7717 0.8133 0.7338 0.0159  -0.0188 -0.0645 42 ASP A OD2 
314 N N   . GLY A 44 ? 0.5681 0.6084 0.5353 0.0159  -0.0505 -0.0566 43 GLY A N   
315 C CA  . GLY A 44 ? 0.5626 0.5968 0.5273 0.0151  -0.0606 -0.0552 43 GLY A CA  
316 C C   . GLY A 44 ? 0.5529 0.5800 0.4983 0.0162  -0.0637 -0.0588 43 GLY A C   
317 O O   . GLY A 44 ? 0.5903 0.6093 0.5286 0.0153  -0.0719 -0.0586 43 GLY A O   
318 N N   . ARG A 45 ? 0.5217 0.5510 0.4583 0.0178  -0.0569 -0.0615 44 ARG A N   
319 C CA  . ARG A 45 ? 0.5266 0.5500 0.4467 0.0197  -0.0573 -0.0639 44 ARG A CA  
320 C C   . ARG A 45 ? 0.5320 0.5562 0.4472 0.0212  -0.0534 -0.0661 44 ARG A C   
321 O O   . ARG A 45 ? 0.5328 0.5642 0.4550 0.0206  -0.0488 -0.0658 44 ARG A O   
322 C CB  . ARG A 45 ? 0.5251 0.5510 0.4422 0.0206  -0.0528 -0.0634 44 ARG A CB  
323 N N   . PRO A 46 ? 0.5419 0.5573 0.4440 0.0233  -0.0551 -0.0679 45 PRO A N   
324 C CA  . PRO A 46 ? 0.5417 0.5577 0.4415 0.0252  -0.0511 -0.0691 45 PRO A CA  
325 C C   . PRO A 46 ? 0.5482 0.5712 0.4483 0.0269  -0.0435 -0.0681 45 PRO A C   
326 O O   . PRO A 46 ? 0.5612 0.5849 0.4578 0.0276  -0.0411 -0.0673 45 PRO A O   
327 C CB  . PRO A 46 ? 0.5542 0.5559 0.4382 0.0276  -0.0539 -0.0716 45 PRO A CB  
328 C CG  . PRO A 46 ? 0.6022 0.5976 0.4760 0.0275  -0.0567 -0.0716 45 PRO A CG  
329 C CD  . PRO A 46 ? 0.5782 0.5816 0.4658 0.0241  -0.0603 -0.0688 45 PRO A CD  
330 N N   . VAL A 47 ? 0.5259 0.5545 0.4317 0.0269  -0.0404 -0.0672 46 VAL A N   
331 C CA  . VAL A 47 ? 0.5148 0.5504 0.4232 0.0277  -0.0348 -0.0649 46 VAL A CA  
332 C C   . VAL A 47 ? 0.5302 0.5636 0.4376 0.0309  -0.0321 -0.0639 46 VAL A C   
333 O O   . VAL A 47 ? 0.5369 0.5662 0.4447 0.0311  -0.0348 -0.0652 46 VAL A O   
334 C CB  . VAL A 47 ? 0.4989 0.5442 0.4165 0.0237  -0.0345 -0.0635 46 VAL A CB  
335 C CG1 . VAL A 47 ? 0.5213 0.5665 0.4402 0.0215  -0.0357 -0.0647 46 VAL A CG1 
336 C CG2 . VAL A 47 ? 0.4554 0.5030 0.3782 0.0221  -0.0360 -0.0630 46 VAL A CG2 
337 N N   . PRO A 48 ? 0.5476 0.5836 0.4555 0.0337  -0.0265 -0.0611 47 PRO A N   
338 C CA  . PRO A 48 ? 0.5529 0.5872 0.4628 0.0374  -0.0226 -0.0590 47 PRO A CA  
339 C C   . PRO A 48 ? 0.5317 0.5756 0.4541 0.0344  -0.0243 -0.0557 47 PRO A C   
340 O O   . PRO A 48 ? 0.5213 0.5742 0.4499 0.0302  -0.0261 -0.0535 47 PRO A O   
341 C CB  . PRO A 48 ? 0.5695 0.6055 0.4799 0.0411  -0.0154 -0.0551 47 PRO A CB  
342 C CG  . PRO A 48 ? 0.5743 0.6117 0.4808 0.0393  -0.0164 -0.0557 47 PRO A CG  
343 C CD  . PRO A 48 ? 0.5527 0.5930 0.4613 0.0338  -0.0232 -0.0585 47 PRO A CD  
344 N N   . GLU A 49 ? 0.5466 0.5870 0.4713 0.0365  -0.0238 -0.0552 48 GLU A N   
345 C CA  . GLU A 49 ? 0.5599 0.6085 0.4956 0.0338  -0.0259 -0.0514 48 GLU A CA  
346 C C   . GLU A 49 ? 0.5438 0.6042 0.4902 0.0319  -0.0246 -0.0447 48 GLU A C   
347 O O   . GLU A 49 ? 0.5395 0.6074 0.4913 0.0270  -0.0285 -0.0419 48 GLU A O   
348 C CB  . GLU A 49 ? 0.5738 0.6157 0.5115 0.0373  -0.0247 -0.0512 48 GLU A CB  
349 C CG  . GLU A 49 ? 0.7023 0.7410 0.6425 0.0435  -0.0170 -0.0479 48 GLU A CG  
350 C CD  . GLU A 49 ? 0.7867 0.8151 0.7267 0.0477  -0.0150 -0.0491 48 GLU A CD  
351 O OE1 . GLU A 49 ? 0.8554 0.8696 0.7825 0.0488  -0.0171 -0.0556 48 GLU A OE1 
352 O OE2 . GLU A 49 ? 0.7975 0.8312 0.7506 0.0496  -0.0118 -0.0430 48 GLU A OE2 
353 N N   . ASP A 50 ? 0.5497 0.6109 0.4987 0.0354  -0.0192 -0.0415 49 ASP A N   
354 C CA  . ASP A 50 ? 0.5498 0.6225 0.5124 0.0336  -0.0186 -0.0333 49 ASP A CA  
355 C C   . ASP A 50 ? 0.5394 0.6181 0.5018 0.0279  -0.0224 -0.0328 49 ASP A C   
356 O O   . ASP A 50 ? 0.5456 0.6331 0.5188 0.0248  -0.0243 -0.0260 49 ASP A O   
357 C CB  . ASP A 50 ? 0.5525 0.6242 0.5218 0.0403  -0.0101 -0.0283 49 ASP A CB  
358 N N   . GLN A 51 ? 0.5373 0.6109 0.4884 0.0263  -0.0242 -0.0394 50 GLN A N   
359 C CA  . GLN A 51 ? 0.5336 0.6106 0.4836 0.0214  -0.0271 -0.0399 50 GLN A CA  
360 C C   . GLN A 51 ? 0.5431 0.6241 0.4933 0.0146  -0.0330 -0.0394 50 GLN A C   
361 O O   . GLN A 51 ? 0.5307 0.6101 0.4780 0.0139  -0.0347 -0.0414 50 GLN A O   
362 C CB  . GLN A 51 ? 0.5338 0.6036 0.4733 0.0223  -0.0265 -0.0464 50 GLN A CB  
363 C CG  . GLN A 51 ? 0.5533 0.6250 0.4923 0.0181  -0.0283 -0.0469 50 GLN A CG  
364 C CD  . GLN A 51 ? 0.5912 0.6567 0.5226 0.0194  -0.0274 -0.0519 50 GLN A CD  
365 O OE1 . GLN A 51 ? 0.7517 0.8120 0.6782 0.0239  -0.0250 -0.0529 50 GLN A OE1 
366 N NE2 . GLN A 51 ? 0.6549 0.7197 0.5845 0.0153  -0.0296 -0.0546 50 GLN A NE2 
367 N N   . SER A 52 ? 0.5433 0.6283 0.4960 0.0097  -0.0361 -0.0366 51 SER A N   
368 C CA  . SER A 52 ? 0.5403 0.6263 0.4888 0.0027  -0.0419 -0.0366 51 SER A CA  
369 C C   . SER A 52 ? 0.5014 0.5801 0.4376 0.0014  -0.0411 -0.0445 51 SER A C   
370 O O   . SER A 52 ? 0.5113 0.5861 0.4448 0.0034  -0.0385 -0.0484 51 SER A O   
371 C CB  . SER A 52 ? 0.5470 0.6368 0.5005 -0.0026 -0.0462 -0.0319 51 SER A CB  
372 O OG  . SER A 52 ? 0.6747 0.7631 0.6209 -0.0102 -0.0529 -0.0316 51 SER A OG  
373 N N   . VAL A 53 ? 0.4505 0.5273 0.3803 -0.0013 -0.0427 -0.0459 52 VAL A N   
374 C CA  . VAL A 53 ? 0.4324 0.5026 0.3525 -0.0022 -0.0405 -0.0520 52 VAL A CA  
375 C C   . VAL A 53 ? 0.4617 0.5271 0.3743 -0.0067 -0.0414 -0.0549 52 VAL A C   
376 O O   . VAL A 53 ? 0.4829 0.5429 0.3923 -0.0053 -0.0380 -0.0596 52 VAL A O   
377 C CB  . VAL A 53 ? 0.4206 0.4900 0.3357 -0.0040 -0.0408 -0.0516 52 VAL A CB  
378 C CG1 . VAL A 53 ? 0.4379 0.5003 0.3445 -0.0043 -0.0366 -0.0569 52 VAL A CG1 
379 C CG2 . VAL A 53 ? 0.2955 0.3682 0.2189 0.0004  -0.0400 -0.0492 52 VAL A CG2 
380 N N   . GLU A 54 ? 0.4815 0.5482 0.3924 -0.0123 -0.0469 -0.0514 53 GLU A N   
381 C CA  . GLU A 54 ? 0.4991 0.5599 0.4031 -0.0173 -0.0493 -0.0536 53 GLU A CA  
382 C C   . GLU A 54 ? 0.4946 0.5600 0.4105 -0.0161 -0.0501 -0.0506 53 GLU A C   
383 O O   . GLU A 54 ? 0.4891 0.5628 0.4167 -0.0154 -0.0524 -0.0437 53 GLU A O   
384 C CB  . GLU A 54 ? 0.5095 0.5676 0.4041 -0.0253 -0.0567 -0.0510 53 GLU A CB  
385 C CG  . GLU A 54 ? 0.5882 0.6347 0.4685 -0.0315 -0.0593 -0.0557 53 GLU A CG  
386 N N   . VAL A 55 ? 0.4866 0.5468 0.4005 -0.0153 -0.0472 -0.0549 54 VAL A N   
387 C CA  . VAL A 55 ? 0.4757 0.5390 0.3996 -0.0142 -0.0472 -0.0519 54 VAL A CA  
388 C C   . VAL A 55 ? 0.4703 0.5309 0.3939 -0.0217 -0.0537 -0.0499 54 VAL A C   
389 O O   . VAL A 55 ? 0.4837 0.5341 0.3963 -0.0256 -0.0545 -0.0555 54 VAL A O   
390 C CB  . VAL A 55 ? 0.4766 0.5354 0.3996 -0.0099 -0.0415 -0.0568 54 VAL A CB  
391 C CG1 . VAL A 55 ? 0.4307 0.4906 0.3616 -0.0101 -0.0417 -0.0540 54 VAL A CG1 
392 C CG2 . VAL A 55 ? 0.4798 0.5414 0.4052 -0.0031 -0.0371 -0.0572 54 VAL A CG2 
393 N N   . ASP A 56 ? 0.4623 0.5310 0.3986 -0.0236 -0.0582 -0.0416 55 ASP A N   
394 C CA  . ASP A 56 ? 0.4936 0.5606 0.4326 -0.0316 -0.0664 -0.0379 55 ASP A CA  
395 C C   . ASP A 56 ? 0.4582 0.5285 0.4111 -0.0304 -0.0650 -0.0339 55 ASP A C   
396 O O   . ASP A 56 ? 0.4486 0.5157 0.4041 -0.0374 -0.0719 -0.0317 55 ASP A O   
397 C CB  . ASP A 56 ? 0.5372 0.6116 0.4839 -0.0364 -0.0745 -0.0291 55 ASP A CB  
398 C CG  . ASP A 56 ? 0.6719 0.7408 0.6020 -0.0402 -0.0782 -0.0325 55 ASP A CG  
399 O OD1 . ASP A 56 ? 0.8401 0.8959 0.7508 -0.0445 -0.0795 -0.0402 55 ASP A OD1 
400 O OD2 . ASP A 56 ? 0.8018 0.8785 0.7380 -0.0385 -0.0789 -0.0272 55 ASP A OD2 
401 N N   A ARG A 57 ? 0.4399 0.5157 0.4005 -0.0222 -0.0567 -0.0328 56 ARG A N   
402 N N   B ARG A 57 ? 0.4295 0.5053 0.3901 -0.0221 -0.0567 -0.0327 56 ARG A N   
403 C CA  A ARG A 57 ? 0.4230 0.5032 0.3969 -0.0198 -0.0538 -0.0273 56 ARG A CA  
404 C CA  B ARG A 57 ? 0.4037 0.4839 0.3776 -0.0197 -0.0537 -0.0274 56 ARG A CA  
405 C C   A ARG A 57 ? 0.3967 0.4747 0.3666 -0.0119 -0.0449 -0.0317 56 ARG A C   
406 C C   B ARG A 57 ? 0.3860 0.4636 0.3555 -0.0120 -0.0450 -0.0319 56 ARG A C   
407 O O   A ARG A 57 ? 0.3900 0.4687 0.3550 -0.0061 -0.0402 -0.0340 56 ARG A O   
408 O O   B ARG A 57 ? 0.3793 0.4576 0.3436 -0.0062 -0.0403 -0.0344 56 ARG A O   
409 C CB  A ARG A 57 ? 0.4196 0.5119 0.4122 -0.0178 -0.0534 -0.0159 56 ARG A CB  
410 C CB  B ARG A 57 ? 0.3908 0.4831 0.3834 -0.0176 -0.0532 -0.0160 56 ARG A CB  
411 C CG  A ARG A 57 ? 0.4402 0.5375 0.4500 -0.0215 -0.0567 -0.0069 56 ARG A CG  
412 C CG  B ARG A 57 ? 0.3571 0.4544 0.3655 -0.0166 -0.0509 -0.0082 56 ARG A CG  
413 C CD  A ARG A 57 ? 0.4319 0.5415 0.4625 -0.0164 -0.0516 0.0052  56 ARG A CD  
414 C CD  B ARG A 57 ? 0.2810 0.3907 0.3110 -0.0149 -0.0499 0.0048  56 ARG A CD  
415 N NE  A ARG A 57 ? 0.4149 0.5279 0.4580 -0.0138 -0.0466 0.0112  56 ARG A NE  
416 N NE  B ARG A 57 ? 0.1503 0.2648 0.1982 -0.0182 -0.0521 0.0139  56 ARG A NE  
417 C CZ  A ARG A 57 ? 0.4196 0.5353 0.4772 -0.0204 -0.0530 0.0183  56 ARG A CZ  
418 C CZ  B ARG A 57 ? 0.1409 0.2559 0.1934 -0.0135 -0.0446 0.0160  56 ARG A CZ  
419 N NH1 A ARG A 57 ? 0.4186 0.5332 0.4787 -0.0304 -0.0658 0.0199  56 ARG A NH1 
420 N NH1 B ARG A 57 ? 0.1227 0.2329 0.1616 -0.0056 -0.0352 0.0094  56 ARG A NH1 
421 N NH2 A ARG A 57 ? 0.4552 0.5741 0.5243 -0.0173 -0.0473 0.0241  56 ARG A NH2 
422 N NH2 B ARG A 57 ? 0.1994 0.3196 0.2706 -0.0172 -0.0472 0.0253  56 ARG A NH2 
423 N N   . VAL A 58 ? 0.3799 0.4545 0.3517 -0.0122 -0.0437 -0.0323 57 VAL A N   
424 C CA  . VAL A 58 ? 0.3641 0.4363 0.3325 -0.0058 -0.0368 -0.0350 57 VAL A CA  
425 C C   . VAL A 58 ? 0.3176 0.3942 0.2979 -0.0041 -0.0340 -0.0277 57 VAL A C   
426 O O   . VAL A 58 ? 0.3076 0.3861 0.2983 -0.0093 -0.0383 -0.0228 57 VAL A O   
427 C CB  . VAL A 58 ? 0.3725 0.4346 0.3303 -0.0077 -0.0373 -0.0437 57 VAL A CB  
428 C CG1 . VAL A 58 ? 0.4370 0.4973 0.3948 -0.0025 -0.0323 -0.0445 57 VAL A CG1 
429 C CG2 . VAL A 58 ? 0.3712 0.4295 0.3176 -0.0078 -0.0376 -0.0501 57 VAL A CG2 
430 N N   . LYS A 59 ? 0.3008 0.3782 0.2792 0.0030  -0.0272 -0.0263 58 LYS A N   
431 C CA  . LYS A 59 ? 0.2902 0.3702 0.2766 0.0055  -0.0231 -0.0197 58 LYS A CA  
432 C C   . LYS A 59 ? 0.2597 0.3325 0.2384 0.0067  -0.0220 -0.0246 58 LYS A C   
433 O O   . LYS A 59 ? 0.2683 0.3364 0.2358 0.0092  -0.0215 -0.0308 58 LYS A O   
434 C CB  . LYS A 59 ? 0.2935 0.3780 0.2810 0.0130  -0.0151 -0.0135 58 LYS A CB  
435 C CG  . LYS A 59 ? 0.3447 0.4380 0.3466 0.0127  -0.0145 -0.0052 58 LYS A CG  
436 C CD  . LYS A 59 ? 0.4092 0.5047 0.4111 0.0213  -0.0041 0.0005  58 LYS A CD  
437 C CE  . LYS A 59 ? 0.4398 0.5445 0.4588 0.0216  -0.0026 0.0096  58 LYS A CE  
438 N NZ  . LYS A 59 ? 0.4427 0.5478 0.4609 0.0311  0.0095  0.0147  58 LYS A NZ  
439 N N   . VAL A 60 ? 0.2600 0.3327 0.2471 0.0046  -0.0223 -0.0208 59 VAL A N   
440 C CA  . VAL A 60 ? 0.2660 0.3330 0.2492 0.0062  -0.0209 -0.0229 59 VAL A CA  
441 C C   . VAL A 60 ? 0.2782 0.3492 0.2668 0.0104  -0.0156 -0.0141 59 VAL A C   
442 O O   . VAL A 60 ? 0.2821 0.3582 0.2842 0.0083  -0.0152 -0.0066 59 VAL A O   
443 C CB  . VAL A 60 ? 0.2874 0.3486 0.2754 -0.0001 -0.0256 -0.0265 59 VAL A CB  
444 C CG1 . VAL A 60 ? 0.2366 0.2928 0.2240 0.0020  -0.0236 -0.0272 59 VAL A CG1 
445 C CG2 . VAL A 60 ? 0.2237 0.2789 0.2032 -0.0039 -0.0295 -0.0354 59 VAL A CG2 
446 N N   . LEU A 61 ? 0.2863 0.3545 0.2636 0.0160  -0.0118 -0.0145 60 LEU A N   
447 C CA  . LEU A 61 ? 0.2746 0.3444 0.2513 0.0209  -0.0057 -0.0064 60 LEU A CA  
448 C C   . LEU A 61 ? 0.2640 0.3292 0.2386 0.0209  -0.0068 -0.0059 60 LEU A C   
449 O O   . LEU A 61 ? 0.2393 0.2988 0.2034 0.0219  -0.0094 -0.0111 60 LEU A O   
450 C CB  . LEU A 61 ? 0.2918 0.3594 0.2531 0.0273  -0.0007 -0.0070 60 LEU A CB  
451 C CG  . LEU A 61 ? 0.3218 0.3880 0.2754 0.0334  0.0075  0.0005  60 LEU A CG  
452 C CD1 . LEU A 61 ? 0.2448 0.3193 0.2144 0.0346  0.0140  0.0106  60 LEU A CD1 
453 C CD2 . LEU A 61 ? 0.2804 0.3391 0.2131 0.0389  0.0105  -0.0036 60 LEU A CD2 
454 N N   . ARG A 62 ? 0.2903 0.3583 0.2770 0.0196  -0.0054 0.0015  61 ARG A N   
455 C CA  . ARG A 62 ? 0.3383 0.4026 0.3250 0.0199  -0.0060 0.0039  61 ARG A CA  
456 C C   . ARG A 62 ? 0.3679 0.4285 0.3372 0.0258  -0.0027 0.0063  61 ARG A C   
457 O O   . ARG A 62 ? 0.3766 0.4384 0.3383 0.0303  0.0037  0.0113  61 ARG A O   
458 C CB  . ARG A 62 ? 0.3546 0.4231 0.3581 0.0180  -0.0042 0.0131  61 ARG A CB  
459 C CG  . ARG A 62 ? 0.4190 0.4871 0.4387 0.0108  -0.0097 0.0106  61 ARG A CG  
460 C CD  . ARG A 62 ? 0.5315 0.6029 0.5680 0.0091  -0.0083 0.0207  61 ARG A CD  
461 N NE  . ARG A 62 ? 0.6204 0.6903 0.6723 0.0017  -0.0141 0.0196  61 ARG A NE  
462 C CZ  . ARG A 62 ? 0.6580 0.7199 0.7148 -0.0025 -0.0183 0.0152  61 ARG A CZ  
463 N NH1 . ARG A 62 ? 0.6529 0.7095 0.7037 0.0002  -0.0174 0.0122  61 ARG A NH1 
464 N NH2 . ARG A 62 ? 0.6663 0.7248 0.7345 -0.0096 -0.0239 0.0139  61 ARG A NH2 
465 N N   . LEU A 63 ? 0.4118 0.4668 0.3743 0.0256  -0.0070 0.0034  62 LEU A N   
466 C CA  . LEU A 63 ? 0.4592 0.5087 0.4034 0.0298  -0.0064 0.0061  62 LEU A CA  
467 C C   . LEU A 63 ? 0.5082 0.5586 0.4534 0.0318  -0.0020 0.0167  62 LEU A C   
468 O O   . LEU A 63 ? 0.5337 0.5795 0.4608 0.0361  0.0018  0.0207  62 LEU A O   
469 C CB  . LEU A 63 ? 0.4506 0.4947 0.3904 0.0282  -0.0140 0.0014  62 LEU A CB  
470 C CG  . LEU A 63 ? 0.4053 0.4475 0.3407 0.0273  -0.0176 -0.0080 62 LEU A CG  
471 C CD1 . LEU A 63 ? 0.3745 0.4140 0.3155 0.0249  -0.0242 -0.0111 62 LEU A CD1 
472 C CD2 . LEU A 63 ? 0.4333 0.4708 0.3482 0.0309  -0.0164 -0.0097 62 LEU A CD2 
473 N N   . ILE A 64 ? 0.5623 0.6171 0.5272 0.0286  -0.0023 0.0211  63 ILE A N   
474 C CA  . ILE A 64 ? 0.6278 0.6847 0.5973 0.0302  0.0022  0.0322  63 ILE A CA  
475 C C   . ILE A 64 ? 0.6828 0.7466 0.6616 0.0315  0.0099  0.0381  63 ILE A C   
476 O O   . ILE A 64 ? 0.6960 0.7590 0.6614 0.0361  0.0159  0.0387  63 ILE A O   
477 C CB  . ILE A 64 ? 0.6296 0.6867 0.6161 0.0263  -0.0024 0.0351  63 ILE A CB  
478 C CG1 . ILE A 64 ? 0.6156 0.6665 0.5947 0.0257  -0.0094 0.0303  63 ILE A CG1 
479 C CG2 . ILE A 64 ? 0.6094 0.6682 0.5996 0.0282  0.0019  0.0477  63 ILE A CG2 
480 C CD1 . ILE A 64 ? 0.5592 0.6045 0.5129 0.0295  -0.0103 0.0318  63 ILE A CD1 
481 N N   . LYS A 65 ? 0.7311 0.8009 0.7330 0.0276  0.0095  0.0426  64 LYS A N   
482 C CA  . LYS A 65 ? 0.7770 0.8547 0.7923 0.0280  0.0154  0.0495  64 LYS A CA  
483 C C   . LYS A 65 ? 0.8110 0.8937 0.8530 0.0223  0.0126  0.0555  64 LYS A C   
484 O O   . LYS A 65 ? 0.8290 0.9090 0.8776 0.0200  0.0093  0.0573  64 LYS A O   
485 C CB  . LYS A 65 ? 0.7948 0.8736 0.7993 0.0354  0.0266  0.0593  64 LYS A CB  
486 C CG  . LYS A 65 ? 0.7848 0.8609 0.7709 0.0407  0.0322  0.0550  64 LYS A CG  
487 C CD  . LYS A 65 ? 0.7721 0.8560 0.7705 0.0442  0.0423  0.0639  64 LYS A CD  
488 C CE  . LYS A 65 ? 0.7593 0.8379 0.7363 0.0510  0.0497  0.0600  64 LYS A CE  
489 N NZ  . LYS A 65 ? 0.6437 0.7284 0.6309 0.0565  0.0627  0.0702  64 LYS A NZ  
# 
